data_2MPM
#
_entry.id   2MPM
#
_cell.length_a   1.000
_cell.length_b   1.000
_cell.length_c   1.000
_cell.angle_alpha   90.00
_cell.angle_beta   90.00
_cell.angle_gamma   90.00
#
_symmetry.space_group_name_H-M   'P 1'
#
loop_
_entity.id
_entity.type
_entity.pdbx_description
1 polymer Eotaxin
2 polymer CCR3
#
loop_
_entity_poly.entity_id
_entity_poly.type
_entity_poly.pdbx_seq_one_letter_code
_entity_poly.pdbx_strand_id
1 'polypeptide(L)' GPASVPTTCCFNLANRKIPLQRLESYRRITSGKCPQKAVIFKTKLAKDICADPKKKWVQDSMKYLDQKSPTPKP A
2 'polypeptide(L)' VETFGTTS(TYS)(TYS)DDVGLL B
#
# COMPACT_ATOMS: atom_id res chain seq x y z
N GLY A 1 7.28 12.66 16.88
CA GLY A 1 7.70 12.22 15.53
C GLY A 1 6.68 11.23 14.98
N PRO A 2 6.96 10.64 13.85
CA PRO A 2 6.04 9.65 13.20
C PRO A 2 5.49 8.63 14.20
N ALA A 3 4.41 7.97 13.83
CA ALA A 3 3.79 6.96 14.70
C ALA A 3 2.84 6.08 13.90
N SER A 4 2.60 4.87 14.42
CA SER A 4 1.71 3.93 13.74
C SER A 4 1.45 2.72 14.62
N VAL A 5 1.67 2.88 15.93
CA VAL A 5 1.44 1.79 16.87
C VAL A 5 -0.05 1.56 17.13
N PRO A 6 -0.86 2.59 17.13
CA PRO A 6 -2.32 2.45 17.37
C PRO A 6 -2.98 1.46 16.41
N THR A 7 -4.20 1.05 16.72
CA THR A 7 -4.92 0.11 15.88
C THR A 7 -4.92 0.58 14.43
N THR A 8 -3.93 0.11 13.67
CA THR A 8 -3.83 0.49 12.26
C THR A 8 -2.86 -0.44 11.53
N CYS A 9 -3.38 -1.54 11.01
CA CYS A 9 -2.55 -2.50 10.29
C CYS A 9 -3.41 -3.57 9.62
N CYS A 10 -3.08 -3.91 8.38
CA CYS A 10 -3.82 -4.93 7.65
C CYS A 10 -3.51 -6.31 8.21
N PHE A 11 -4.48 -7.22 8.13
CA PHE A 11 -4.27 -8.57 8.61
C PHE A 11 -2.95 -9.12 8.08
N ASN A 12 -2.48 -8.53 6.99
CA ASN A 12 -1.22 -8.94 6.37
C ASN A 12 -0.98 -8.14 5.10
N LEU A 13 -1.38 -8.71 3.96
CA LEU A 13 -1.21 -8.03 2.67
C LEU A 13 -2.57 -7.77 2.04
N ALA A 14 -2.59 -6.91 1.02
CA ALA A 14 -3.84 -6.57 0.34
C ALA A 14 -4.28 -7.72 -0.57
N ASN A 15 -4.61 -7.40 -1.82
CA ASN A 15 -5.05 -8.40 -2.77
C ASN A 15 -4.78 -7.95 -4.20
N ARG A 16 -5.82 -7.52 -4.89
CA ARG A 16 -5.68 -7.06 -6.27
C ARG A 16 -4.59 -6.01 -6.39
N LYS A 17 -4.93 -4.75 -6.16
CA LYS A 17 -3.94 -3.68 -6.24
C LYS A 17 -4.52 -2.36 -5.74
N ILE A 18 -3.89 -1.25 -6.15
CA ILE A 18 -4.33 0.09 -5.75
C ILE A 18 -4.20 1.05 -6.94
N PRO A 19 -5.18 1.89 -7.23
CA PRO A 19 -5.09 2.85 -8.37
C PRO A 19 -3.92 3.83 -8.19
N LEU A 20 -3.21 4.10 -9.28
CA LEU A 20 -2.06 5.00 -9.24
C LEU A 20 -2.48 6.46 -9.05
N GLN A 21 -3.70 6.80 -9.45
CA GLN A 21 -4.18 8.18 -9.32
C GLN A 21 -4.29 8.60 -7.86
N ARG A 22 -4.81 7.72 -7.02
CA ARG A 22 -4.97 8.04 -5.59
C ARG A 22 -3.67 7.85 -4.83
N LEU A 23 -3.02 6.72 -5.06
CA LEU A 23 -1.74 6.40 -4.39
C LEU A 23 -0.87 7.66 -4.28
N GLU A 24 -0.35 7.91 -3.07
CA GLU A 24 0.50 9.08 -2.82
C GLU A 24 1.96 8.67 -2.71
N SER A 25 2.27 7.80 -1.75
CA SER A 25 3.64 7.34 -1.55
C SER A 25 3.65 5.99 -0.84
N TYR A 26 4.84 5.38 -0.69
CA TYR A 26 4.97 4.08 -0.03
C TYR A 26 5.82 4.20 1.24
N ARG A 27 5.69 3.22 2.13
CA ARG A 27 6.46 3.22 3.37
C ARG A 27 6.60 1.80 3.91
N ARG A 28 7.78 1.48 4.46
CA ARG A 28 8.04 0.14 4.99
C ARG A 28 7.68 0.06 6.48
N ILE A 29 7.25 -1.13 6.91
CA ILE A 29 6.89 -1.37 8.32
C ILE A 29 7.93 -2.28 8.97
N THR A 30 8.95 -1.67 9.56
CA THR A 30 10.01 -2.44 10.22
C THR A 30 9.78 -2.48 11.73
N SER A 31 10.86 -2.42 12.50
CA SER A 31 10.77 -2.45 13.94
C SER A 31 10.15 -3.77 14.41
N GLY A 32 8.86 -3.94 14.16
CA GLY A 32 8.17 -5.16 14.56
C GLY A 32 6.67 -5.08 14.26
N LYS A 33 6.19 -3.85 14.08
CA LYS A 33 4.77 -3.64 13.78
C LYS A 33 4.41 -4.25 12.42
N CYS A 34 3.19 -4.77 12.32
CA CYS A 34 2.72 -5.38 11.08
C CYS A 34 3.65 -6.52 10.64
N PRO A 35 3.13 -7.53 9.98
CA PRO A 35 3.97 -8.68 9.51
C PRO A 35 4.84 -8.36 8.30
N GLN A 36 6.07 -8.84 8.33
CA GLN A 36 7.01 -8.64 7.24
C GLN A 36 7.30 -7.16 6.99
N LYS A 37 8.51 -6.88 6.51
CA LYS A 37 8.90 -5.52 6.19
C LYS A 37 8.31 -5.17 4.82
N ALA A 38 6.99 -5.08 4.78
CA ALA A 38 6.28 -4.79 3.54
C ALA A 38 6.05 -3.30 3.34
N VAL A 39 5.93 -2.87 2.09
CA VAL A 39 5.71 -1.46 1.79
C VAL A 39 4.23 -1.11 1.98
N ILE A 40 3.97 0.15 2.34
CA ILE A 40 2.59 0.61 2.59
C ILE A 40 2.21 1.76 1.66
N PHE A 41 1.42 1.46 0.63
CA PHE A 41 0.98 2.52 -0.29
C PHE A 41 -0.18 3.27 0.35
N LYS A 42 0.02 4.57 0.55
CA LYS A 42 -1.02 5.41 1.16
C LYS A 42 -1.74 6.23 0.09
N THR A 43 -3.03 6.46 0.31
CA THR A 43 -3.85 7.21 -0.64
C THR A 43 -4.89 8.04 0.11
N LYS A 44 -5.68 8.80 -0.64
CA LYS A 44 -6.72 9.63 -0.03
C LYS A 44 -7.93 8.78 0.33
N LEU A 45 -7.78 7.45 0.21
CA LEU A 45 -8.88 6.54 0.53
C LEU A 45 -9.43 6.86 1.93
N ALA A 46 -8.83 6.24 2.95
CA ALA A 46 -9.28 6.46 4.31
C ALA A 46 -8.45 5.61 5.29
N LYS A 47 -7.58 4.77 4.74
CA LYS A 47 -6.76 3.90 5.58
C LYS A 47 -5.48 3.48 4.84
N ASP A 48 -4.58 2.82 5.56
CA ASP A 48 -3.31 2.37 4.98
C ASP A 48 -3.48 1.00 4.32
N ILE A 49 -2.69 0.74 3.29
CA ILE A 49 -2.74 -0.53 2.56
C ILE A 49 -1.41 -1.28 2.71
N CYS A 50 -1.47 -2.57 3.01
CA CYS A 50 -0.27 -3.39 3.16
C CYS A 50 0.00 -4.21 1.91
N ALA A 51 1.28 -4.38 1.57
CA ALA A 51 1.64 -5.14 0.37
C ALA A 51 3.13 -5.53 0.39
N ASP A 52 3.40 -6.82 0.18
CA ASP A 52 4.77 -7.33 0.20
C ASP A 52 5.47 -7.09 -1.16
N PRO A 53 6.74 -6.71 -1.17
CA PRO A 53 7.49 -6.47 -2.46
C PRO A 53 7.67 -7.75 -3.26
N LYS A 54 6.55 -8.31 -3.73
CA LYS A 54 6.57 -9.54 -4.53
C LYS A 54 5.57 -9.40 -5.68
N LYS A 55 4.32 -9.12 -5.32
CA LYS A 55 3.27 -8.95 -6.32
C LYS A 55 3.68 -7.85 -7.30
N LYS A 56 3.22 -7.98 -8.55
CA LYS A 56 3.58 -7.02 -9.59
C LYS A 56 3.19 -5.58 -9.27
N TRP A 57 1.91 -5.33 -9.01
CA TRP A 57 1.46 -3.97 -8.73
C TRP A 57 2.23 -3.33 -7.58
N VAL A 58 2.83 -4.15 -6.72
CA VAL A 58 3.59 -3.63 -5.59
C VAL A 58 4.91 -3.05 -6.08
N GLN A 59 5.69 -3.84 -6.80
CA GLN A 59 6.97 -3.39 -7.31
C GLN A 59 6.77 -2.32 -8.39
N ASP A 60 5.69 -2.45 -9.15
CA ASP A 60 5.40 -1.50 -10.21
C ASP A 60 4.88 -0.17 -9.66
N SER A 61 4.19 -0.23 -8.52
CA SER A 61 3.64 0.98 -7.92
C SER A 61 4.74 1.94 -7.46
N MET A 62 5.70 1.42 -6.70
CA MET A 62 6.80 2.25 -6.21
C MET A 62 7.73 2.65 -7.35
N LYS A 63 7.87 1.76 -8.33
CA LYS A 63 8.73 2.02 -9.47
C LYS A 63 8.19 3.24 -10.23
N TYR A 64 6.86 3.38 -10.21
CA TYR A 64 6.22 4.49 -10.88
C TYR A 64 6.44 5.78 -10.08
N LEU A 65 6.53 5.64 -8.76
CA LEU A 65 6.74 6.79 -7.89
C LEU A 65 8.20 7.25 -8.00
N ASP A 66 9.05 6.37 -8.48
CA ASP A 66 10.47 6.69 -8.61
C ASP A 66 10.67 7.78 -9.67
N GLN A 67 9.86 7.73 -10.72
CA GLN A 67 9.96 8.72 -11.79
C GLN A 67 9.73 10.13 -11.24
N LYS A 68 8.60 10.31 -10.55
CA LYS A 68 8.27 11.61 -9.98
C LYS A 68 9.02 11.83 -8.67
N SER A 69 8.76 12.97 -8.03
CA SER A 69 9.42 13.30 -6.75
C SER A 69 8.40 13.43 -5.63
N PRO A 70 8.03 12.34 -5.00
CA PRO A 70 7.03 12.35 -3.89
C PRO A 70 7.39 13.35 -2.80
N THR A 71 8.56 13.98 -2.94
CA THR A 71 9.02 14.95 -1.96
C THR A 71 9.12 14.33 -0.58
N PRO A 72 9.93 13.30 -0.44
CA PRO A 72 10.13 12.59 0.85
C PRO A 72 10.98 13.40 1.82
N LYS A 73 11.26 12.82 2.99
CA LYS A 73 12.08 13.50 4.00
C LYS A 73 13.52 13.63 3.50
N PRO A 74 14.24 14.63 3.95
CA PRO A 74 15.66 14.84 3.53
C PRO A 74 16.41 13.52 3.36
N VAL B 1 -4.89 -18.92 -1.67
CA VAL B 1 -6.37 -18.93 -1.82
C VAL B 1 -6.83 -17.65 -2.49
N GLU B 2 -8.03 -17.68 -3.07
CA GLU B 2 -8.57 -16.51 -3.75
C GLU B 2 -7.66 -16.09 -4.91
N THR B 3 -7.30 -14.82 -4.95
CA THR B 3 -6.43 -14.31 -6.00
C THR B 3 -5.83 -12.96 -5.60
N PHE B 4 -4.70 -13.01 -4.91
CA PHE B 4 -4.02 -11.79 -4.47
C PHE B 4 -3.34 -11.11 -5.65
N GLY B 5 -4.14 -10.62 -6.58
CA GLY B 5 -3.60 -9.94 -7.76
C GLY B 5 -4.63 -9.91 -8.90
N THR B 6 -5.08 -8.70 -9.24
CA THR B 6 -6.05 -8.54 -10.30
C THR B 6 -6.16 -7.06 -10.71
N THR B 7 -6.73 -6.82 -11.88
CA THR B 7 -6.89 -5.45 -12.38
C THR B 7 -7.91 -4.70 -11.54
N SER B 8 -7.82 -3.37 -11.58
CA SER B 8 -8.75 -2.53 -10.82
C SER B 8 -8.75 -2.93 -9.35
N TYS B 9 -9.32 -2.08 -8.51
CA TYS B 9 -9.38 -2.35 -7.08
CB TYS B 9 -8.04 -2.02 -6.42
CG TYS B 9 -8.14 -2.18 -4.92
CD1 TYS B 9 -7.91 -1.07 -4.09
CD2 TYS B 9 -8.47 -3.42 -4.36
CE1 TYS B 9 -8.01 -1.21 -2.69
CE2 TYS B 9 -8.57 -3.56 -2.96
CZ TYS B 9 -8.34 -2.45 -2.13
OH TYS B 9 -8.44 -2.58 -0.77
S TYS B 9 -7.48 -3.52 -0.02
O1 TYS B 9 -6.11 -2.94 -0.06
O2 TYS B 9 -7.92 -3.64 1.41
O3 TYS B 9 -7.49 -4.86 -0.66
C TYS B 9 -10.51 -1.54 -6.41
O TYS B 9 -10.77 -1.68 -5.22
H TYS B 9 -9.72 -1.25 -8.86
HA TYS B 9 -9.59 -3.40 -6.93
HB2 TYS B 9 -7.29 -2.70 -6.80
HB3 TYS B 9 -7.76 -1.01 -6.67
HD1 TYS B 9 -7.66 -0.11 -4.52
HD2 TYS B 9 -8.64 -4.27 -5.00
HE1 TYS B 9 -7.85 -0.36 -2.05
HE2 TYS B 9 -8.83 -4.51 -2.54
N TYS B 10 -11.16 -0.69 -7.22
CA TYS B 10 -12.27 0.12 -6.72
CB TYS B 10 -11.75 1.48 -6.21
CG TYS B 10 -11.17 1.34 -4.81
CD1 TYS B 10 -9.81 1.60 -4.58
CD2 TYS B 10 -12.00 0.94 -3.75
CE1 TYS B 10 -9.29 1.47 -3.29
CE2 TYS B 10 -11.47 0.82 -2.46
CZ TYS B 10 -10.11 1.08 -2.23
OH TYS B 10 -9.59 0.96 -0.96
S TYS B 10 -9.99 -0.24 -0.08
O1 TYS B 10 -10.46 -1.36 -0.95
O2 TYS B 10 -8.81 -0.69 0.71
O3 TYS B 10 -11.09 0.17 0.85
C TYS B 10 -13.28 0.35 -7.85
O TYS B 10 -13.77 1.46 -8.04
H TYS B 10 -10.91 -0.63 -8.16
HA TYS B 10 -12.76 -0.40 -5.91
HB2 TYS B 10 -10.98 1.85 -6.88
HB3 TYS B 10 -12.57 2.19 -6.17
HD1 TYS B 10 -9.17 1.91 -5.39
HD2 TYS B 10 -13.05 0.74 -3.92
HE1 TYS B 10 -8.24 1.68 -3.11
HE2 TYS B 10 -12.10 0.51 -1.64
N ASP B 11 -13.58 -0.72 -8.58
CA ASP B 11 -14.52 -0.64 -9.69
C ASP B 11 -15.77 0.15 -9.28
N ASP B 12 -16.09 0.10 -7.98
CA ASP B 12 -17.26 0.82 -7.48
C ASP B 12 -17.00 2.32 -7.44
N VAL B 13 -15.73 2.69 -7.22
CA VAL B 13 -15.35 4.09 -7.17
C VAL B 13 -16.07 4.80 -6.02
N GLY B 14 -17.39 4.98 -6.16
CA GLY B 14 -18.17 5.63 -5.13
C GLY B 14 -17.80 5.10 -3.74
N LEU B 15 -17.10 3.97 -3.72
CA LEU B 15 -16.68 3.35 -2.47
C LEU B 15 -16.18 4.43 -1.50
N LEU B 16 -15.40 5.38 -2.01
CA LEU B 16 -14.86 6.47 -1.19
C LEU B 16 -15.91 6.93 -0.18
N GLY A 1 3.27 11.67 10.60
CA GLY A 1 4.00 11.83 11.89
C GLY A 1 4.95 10.66 12.11
N PRO A 2 5.79 10.75 13.11
CA PRO A 2 6.77 9.68 13.43
C PRO A 2 6.10 8.46 14.08
N ALA A 3 4.78 8.43 14.03
CA ALA A 3 4.03 7.33 14.62
C ALA A 3 4.27 6.04 13.84
N SER A 4 4.22 4.91 14.55
CA SER A 4 4.43 3.61 13.91
C SER A 4 4.02 2.48 14.85
N VAL A 5 2.85 2.62 15.47
CA VAL A 5 2.36 1.61 16.39
C VAL A 5 0.84 1.52 16.33
N PRO A 6 0.30 1.21 15.17
CA PRO A 6 -1.17 1.10 14.98
C PRO A 6 -1.73 -0.19 15.57
N THR A 7 -3.03 -0.42 15.38
CA THR A 7 -3.67 -1.62 15.90
C THR A 7 -3.11 -2.87 15.22
N THR A 8 -3.04 -2.83 13.88
CA THR A 8 -2.53 -3.96 13.13
C THR A 8 -2.26 -3.56 11.68
N CYS A 9 -1.04 -3.81 11.21
CA CYS A 9 -0.67 -3.46 9.85
C CYS A 9 -1.33 -4.41 8.85
N CYS A 10 -2.64 -4.27 8.68
CA CYS A 10 -3.38 -5.12 7.77
C CYS A 10 -3.26 -6.59 8.18
N PHE A 11 -4.36 -7.33 8.05
CA PHE A 11 -4.35 -8.74 8.41
C PHE A 11 -3.14 -9.43 7.78
N ASN A 12 -2.89 -9.09 6.51
CA ASN A 12 -1.76 -9.66 5.79
C ASN A 12 -1.80 -9.24 4.32
N LEU A 13 -1.07 -8.18 4.00
CA LEU A 13 -1.03 -7.67 2.63
C LEU A 13 -2.44 -7.43 2.10
N ALA A 14 -2.52 -6.77 0.94
CA ALA A 14 -3.82 -6.49 0.32
C ALA A 14 -4.29 -7.69 -0.48
N ASN A 15 -4.53 -7.48 -1.78
CA ASN A 15 -4.99 -8.56 -2.64
C ASN A 15 -4.73 -8.23 -4.11
N ARG A 16 -5.71 -7.60 -4.75
CA ARG A 16 -5.57 -7.23 -6.16
C ARG A 16 -4.48 -6.17 -6.32
N LYS A 17 -4.83 -4.91 -6.10
CA LYS A 17 -3.86 -3.84 -6.22
C LYS A 17 -4.45 -2.51 -5.74
N ILE A 18 -3.84 -1.41 -6.14
CA ILE A 18 -4.29 -0.07 -5.73
C ILE A 18 -4.18 0.90 -6.92
N PRO A 19 -5.18 1.72 -7.20
CA PRO A 19 -5.11 2.69 -8.34
C PRO A 19 -3.96 3.69 -8.15
N LEU A 20 -3.19 3.89 -9.22
CA LEU A 20 -2.04 4.80 -9.17
C LEU A 20 -2.49 6.27 -9.08
N GLN A 21 -3.70 6.56 -9.56
CA GLN A 21 -4.20 7.93 -9.54
C GLN A 21 -4.38 8.45 -8.11
N ARG A 22 -4.81 7.57 -7.21
CA ARG A 22 -5.04 7.95 -5.81
C ARG A 22 -3.78 7.79 -4.97
N LEU A 23 -3.12 6.63 -5.11
CA LEU A 23 -1.89 6.35 -4.36
C LEU A 23 -1.00 7.60 -4.31
N GLU A 24 -0.46 7.90 -3.13
CA GLU A 24 0.40 9.07 -2.93
C GLU A 24 1.87 8.67 -2.82
N SER A 25 2.19 7.90 -1.78
CA SER A 25 3.56 7.44 -1.57
C SER A 25 3.56 6.09 -0.85
N TYR A 26 4.76 5.57 -0.56
CA TYR A 26 4.89 4.28 0.13
C TYR A 26 5.77 4.41 1.37
N ARG A 27 5.66 3.44 2.28
CA ARG A 27 6.45 3.44 3.50
C ARG A 27 6.54 2.04 4.08
N ARG A 28 7.71 1.66 4.56
CA ARG A 28 7.91 0.33 5.12
C ARG A 28 7.24 0.23 6.50
N ILE A 29 6.98 -1.00 6.93
CA ILE A 29 6.33 -1.25 8.23
C ILE A 29 7.38 -1.67 9.27
N THR A 30 7.88 -2.90 9.13
CA THR A 30 8.89 -3.41 10.06
C THR A 30 8.45 -3.18 11.50
N SER A 31 9.29 -3.60 12.44
CA SER A 31 8.99 -3.44 13.85
C SER A 31 7.65 -4.09 14.19
N GLY A 32 7.44 -4.36 15.48
CA GLY A 32 6.20 -4.99 15.92
C GLY A 32 6.20 -6.49 15.63
N LYS A 33 5.37 -6.89 14.67
CA LYS A 33 5.28 -8.30 14.30
C LYS A 33 4.64 -8.43 12.91
N CYS A 34 4.57 -7.32 12.19
CA CYS A 34 3.99 -7.31 10.86
C CYS A 34 4.51 -8.51 10.05
N PRO A 35 3.73 -9.02 9.12
CA PRO A 35 4.16 -10.18 8.28
C PRO A 35 5.65 -10.15 7.95
N GLN A 36 6.11 -9.02 7.45
CA GLN A 36 7.52 -8.86 7.09
C GLN A 36 7.79 -7.44 6.61
N LYS A 37 9.03 -7.18 6.23
CA LYS A 37 9.41 -5.85 5.74
C LYS A 37 8.63 -5.52 4.47
N ALA A 38 7.34 -5.23 4.64
CA ALA A 38 6.46 -4.91 3.50
C ALA A 38 6.42 -3.41 3.29
N VAL A 39 5.80 -3.00 2.17
CA VAL A 39 5.67 -1.57 1.83
C VAL A 39 4.20 -1.16 1.84
N ILE A 40 3.87 -0.17 2.66
CA ILE A 40 2.50 0.30 2.78
C ILE A 40 2.23 1.49 1.84
N PHE A 41 1.32 1.29 0.89
CA PHE A 41 0.97 2.36 -0.05
C PHE A 41 -0.16 3.20 0.56
N LYS A 42 0.09 4.48 0.77
CA LYS A 42 -0.92 5.37 1.35
C LYS A 42 -1.62 6.19 0.28
N THR A 43 -2.95 6.05 0.21
CA THR A 43 -3.74 6.78 -0.77
C THR A 43 -4.65 7.78 -0.07
N LYS A 44 -5.08 8.81 -0.79
CA LYS A 44 -5.96 9.82 -0.21
C LYS A 44 -7.36 9.26 -0.02
N LEU A 45 -7.43 8.08 0.61
CA LEU A 45 -8.72 7.41 0.85
C LEU A 45 -9.15 7.63 2.30
N ALA A 46 -8.80 6.72 3.19
CA ALA A 46 -9.17 6.84 4.60
C ALA A 46 -8.41 5.84 5.46
N LYS A 47 -7.69 4.92 4.83
CA LYS A 47 -6.93 3.91 5.57
C LYS A 47 -5.72 3.45 4.76
N ASP A 48 -4.70 2.97 5.47
CA ASP A 48 -3.47 2.51 4.83
C ASP A 48 -3.63 1.08 4.30
N ILE A 49 -2.87 0.77 3.24
CA ILE A 49 -2.90 -0.55 2.62
C ILE A 49 -1.51 -1.18 2.67
N CYS A 50 -1.45 -2.48 3.00
CA CYS A 50 -0.17 -3.19 3.09
C CYS A 50 0.07 -4.03 1.84
N ALA A 51 1.34 -4.37 1.60
CA ALA A 51 1.69 -5.18 0.43
C ALA A 51 3.17 -5.60 0.48
N ASP A 52 3.44 -6.84 0.08
CA ASP A 52 4.81 -7.37 0.09
C ASP A 52 5.50 -7.14 -1.26
N PRO A 53 6.78 -6.80 -1.28
CA PRO A 53 7.53 -6.56 -2.56
C PRO A 53 7.71 -7.84 -3.37
N LYS A 54 6.59 -8.36 -3.88
CA LYS A 54 6.61 -9.59 -4.70
C LYS A 54 5.56 -9.49 -5.79
N LYS A 55 4.38 -9.02 -5.43
CA LYS A 55 3.31 -8.87 -6.42
C LYS A 55 3.66 -7.74 -7.39
N LYS A 56 3.28 -7.89 -8.64
CA LYS A 56 3.60 -6.91 -9.68
C LYS A 56 3.21 -5.48 -9.29
N TRP A 57 1.93 -5.26 -8.98
CA TRP A 57 1.48 -3.91 -8.65
C TRP A 57 2.27 -3.29 -7.50
N VAL A 58 2.86 -4.13 -6.66
CA VAL A 58 3.65 -3.60 -5.54
C VAL A 58 4.96 -3.02 -6.05
N GLN A 59 5.72 -3.81 -6.79
CA GLN A 59 7.00 -3.35 -7.31
C GLN A 59 6.79 -2.25 -8.35
N ASP A 60 5.70 -2.35 -9.10
CA ASP A 60 5.39 -1.37 -10.14
C ASP A 60 4.92 -0.04 -9.55
N SER A 61 4.18 -0.11 -8.45
CA SER A 61 3.65 1.10 -7.82
C SER A 61 4.77 2.01 -7.32
N MET A 62 5.71 1.46 -6.54
CA MET A 62 6.80 2.27 -6.01
C MET A 62 7.74 2.71 -7.14
N LYS A 63 7.87 1.85 -8.15
CA LYS A 63 8.73 2.17 -9.28
C LYS A 63 8.17 3.36 -10.03
N TYR A 64 6.84 3.41 -10.14
CA TYR A 64 6.18 4.51 -10.82
C TYR A 64 6.37 5.80 -10.01
N LEU A 65 6.45 5.65 -8.69
CA LEU A 65 6.64 6.79 -7.82
C LEU A 65 8.08 7.29 -7.90
N ASP A 66 8.96 6.41 -8.38
CA ASP A 66 10.37 6.75 -8.51
C ASP A 66 10.58 7.74 -9.66
N GLN A 67 9.77 7.63 -10.69
CA GLN A 67 9.88 8.52 -11.84
C GLN A 67 9.60 9.97 -11.43
N LYS A 68 8.46 10.18 -10.79
CA LYS A 68 8.09 11.53 -10.35
C LYS A 68 8.84 11.89 -9.08
N SER A 69 9.05 10.92 -8.21
CA SER A 69 9.77 11.16 -6.96
C SER A 69 9.05 12.22 -6.12
N PRO A 70 8.08 11.83 -5.34
CA PRO A 70 7.31 12.78 -4.48
C PRO A 70 8.22 13.71 -3.68
N THR A 71 7.91 15.00 -3.71
CA THR A 71 8.71 15.98 -2.97
C THR A 71 8.46 15.90 -1.46
N PRO A 72 7.24 15.64 -1.05
CA PRO A 72 6.90 15.55 0.40
C PRO A 72 7.78 14.53 1.14
N LYS A 73 7.90 14.70 2.45
CA LYS A 73 8.71 13.79 3.26
C LYS A 73 8.32 13.91 4.73
N PRO A 74 7.19 13.36 5.11
CA PRO A 74 6.71 13.40 6.52
C PRO A 74 7.79 13.01 7.52
N VAL B 1 -11.55 -16.60 1.11
CA VAL B 1 -11.05 -15.41 1.85
C VAL B 1 -10.41 -14.43 0.87
N GLU B 2 -10.99 -14.34 -0.33
CA GLU B 2 -10.47 -13.45 -1.35
C GLU B 2 -9.01 -13.75 -1.65
N THR B 3 -8.76 -14.37 -2.80
CA THR B 3 -7.39 -14.71 -3.19
C THR B 3 -6.62 -13.45 -3.57
N PHE B 4 -5.29 -13.53 -3.44
CA PHE B 4 -4.43 -12.40 -3.76
C PHE B 4 -4.14 -12.36 -5.26
N GLY B 5 -5.17 -12.10 -6.05
CA GLY B 5 -5.01 -12.04 -7.51
C GLY B 5 -4.42 -10.70 -7.94
N THR B 6 -4.83 -10.24 -9.12
CA THR B 6 -4.34 -8.97 -9.64
C THR B 6 -5.27 -8.44 -10.73
N THR B 7 -6.13 -7.50 -10.36
CA THR B 7 -7.06 -6.92 -11.32
C THR B 7 -7.65 -5.62 -10.77
N SER B 8 -8.62 -5.06 -11.49
CA SER B 8 -9.25 -3.81 -11.06
C SER B 8 -9.56 -3.84 -9.56
N TYS B 9 -9.07 -2.83 -8.85
CA TYS B 9 -9.30 -2.72 -7.41
CB TYS B 9 -7.99 -2.34 -6.71
CG TYS B 9 -8.14 -2.40 -5.20
CD1 TYS B 9 -8.50 -3.60 -4.56
CD2 TYS B 9 -7.92 -1.25 -4.43
CE1 TYS B 9 -8.63 -3.64 -3.16
CE2 TYS B 9 -8.05 -1.29 -3.03
CZ TYS B 9 -8.41 -2.48 -2.41
OH TYS B 9 -8.54 -2.53 -1.03
S TYS B 9 -9.90 -2.22 -0.39
O1 TYS B 9 -9.91 -2.74 1.01
O2 TYS B 9 -10.12 -0.75 -0.37
O3 TYS B 9 -10.99 -2.86 -1.17
C TYS B 9 -10.37 -1.68 -7.12
O TYS B 9 -10.72 -0.88 -8.00
H TYS B 9 -8.55 -2.13 -9.30
HA TYS B 9 -9.63 -3.67 -7.03
HB2 TYS B 9 -7.22 -3.03 -7.02
HB3 TYS B 9 -7.71 -1.34 -7.01
HD1 TYS B 9 -8.67 -4.49 -5.13
HD2 TYS B 9 -7.63 -0.33 -4.91
HE1 TYS B 9 -8.91 -4.56 -2.69
HE2 TYS B 9 -7.88 -0.40 -2.45
N TYS B 10 -10.93 -1.72 -5.91
CA TYS B 10 -12.00 -0.79 -5.51
CB TYS B 10 -11.51 0.68 -5.60
CG TYS B 10 -10.86 1.11 -4.30
CD1 TYS B 10 -11.59 1.08 -3.10
CD2 TYS B 10 -9.52 1.52 -4.29
CE1 TYS B 10 -10.98 1.47 -1.90
CE2 TYS B 10 -8.91 1.90 -3.09
CZ TYS B 10 -9.64 1.88 -1.89
OH TYS B 10 -9.05 2.26 -0.71
S TYS B 10 -7.73 1.59 -0.27
O1 TYS B 10 -7.37 2.07 1.10
O2 TYS B 10 -7.90 0.12 -0.25
O3 TYS B 10 -6.65 1.97 -1.22
C TYS B 10 -13.25 -0.99 -6.37
O TYS B 10 -14.36 -0.70 -5.92
H TYS B 10 -10.63 -2.40 -5.28
HA TYS B 10 -12.26 -1.02 -4.49
HB2 TYS B 10 -10.82 0.78 -6.41
HB3 TYS B 10 -12.36 1.33 -5.79
HD1 TYS B 10 -12.63 0.78 -3.10
HD2 TYS B 10 -8.95 1.54 -5.21
HE1 TYS B 10 -11.55 1.46 -0.98
HE2 TYS B 10 -7.88 2.22 -3.08
N ASP B 11 -13.09 -1.47 -7.60
CA ASP B 11 -14.23 -1.68 -8.48
C ASP B 11 -15.11 -0.44 -8.50
N ASP B 12 -16.08 -0.40 -7.59
CA ASP B 12 -16.98 0.75 -7.50
C ASP B 12 -16.30 1.88 -6.74
N VAL B 13 -15.88 2.91 -7.47
CA VAL B 13 -15.22 4.05 -6.84
C VAL B 13 -16.06 4.60 -5.69
N GLY B 14 -17.30 4.14 -5.59
CA GLY B 14 -18.19 4.60 -4.53
C GLY B 14 -17.80 3.96 -3.20
N LEU B 15 -16.99 2.91 -3.26
CA LEU B 15 -16.55 2.22 -2.07
C LEU B 15 -15.37 2.96 -1.42
N LEU B 16 -15.67 3.76 -0.41
CA LEU B 16 -14.63 4.52 0.29
C LEU B 16 -15.11 4.95 1.67
N GLY A 1 8.90 1.47 18.14
CA GLY A 1 7.74 1.93 17.34
C GLY A 1 7.43 3.39 17.66
N PRO A 2 8.38 4.26 17.40
CA PRO A 2 8.22 5.72 17.65
C PRO A 2 7.32 6.40 16.62
N ALA A 3 6.56 5.58 15.89
CA ALA A 3 5.66 6.10 14.87
C ALA A 3 4.65 5.04 14.44
N SER A 4 3.37 5.35 14.57
CA SER A 4 2.32 4.41 14.18
C SER A 4 2.45 3.11 14.97
N VAL A 5 1.60 2.94 15.98
CA VAL A 5 1.62 1.74 16.81
C VAL A 5 0.23 1.44 17.34
N PRO A 6 -0.72 1.21 16.47
CA PRO A 6 -2.12 0.91 16.85
C PRO A 6 -2.28 -0.54 17.34
N THR A 7 -1.31 -0.99 18.14
CA THR A 7 -1.34 -2.35 18.66
C THR A 7 -1.43 -3.36 17.53
N THR A 8 -2.64 -3.57 17.03
CA THR A 8 -2.84 -4.52 15.94
C THR A 8 -2.42 -3.90 14.61
N CYS A 9 -1.61 -4.63 13.85
CA CYS A 9 -1.13 -4.14 12.56
C CYS A 9 -2.26 -4.20 11.53
N CYS A 10 -1.90 -3.95 10.26
CA CYS A 10 -2.88 -3.97 9.19
C CYS A 10 -3.22 -5.41 8.79
N PHE A 11 -4.16 -5.56 7.87
CA PHE A 11 -4.56 -6.89 7.42
C PHE A 11 -3.45 -7.52 6.57
N ASN A 12 -2.35 -7.88 7.23
CA ASN A 12 -1.23 -8.49 6.54
C ASN A 12 -0.87 -7.69 5.28
N LEU A 13 -1.18 -8.27 4.12
CA LEU A 13 -0.89 -7.61 2.83
C LEU A 13 -2.18 -7.14 2.17
N ALA A 14 -2.22 -7.25 0.84
CA ALA A 14 -3.39 -6.83 0.08
C ALA A 14 -3.60 -7.76 -1.12
N ASN A 15 -4.85 -8.02 -1.45
CA ASN A 15 -5.16 -8.91 -2.57
C ASN A 15 -4.77 -8.28 -3.91
N ARG A 16 -5.74 -7.67 -4.57
CA ARG A 16 -5.51 -7.04 -5.88
C ARG A 16 -4.42 -5.98 -5.77
N LYS A 17 -4.75 -4.75 -6.17
CA LYS A 17 -3.78 -3.64 -6.12
C LYS A 17 -4.45 -2.34 -5.73
N ILE A 18 -3.71 -1.24 -5.88
CA ILE A 18 -4.22 0.09 -5.54
C ILE A 18 -4.12 1.01 -6.78
N PRO A 19 -5.10 1.85 -7.05
CA PRO A 19 -5.05 2.77 -8.23
C PRO A 19 -3.90 3.78 -8.10
N LEU A 20 -3.21 4.01 -9.21
CA LEU A 20 -2.06 4.94 -9.21
C LEU A 20 -2.52 6.39 -9.08
N GLN A 21 -3.75 6.70 -9.48
CA GLN A 21 -4.24 8.08 -9.41
C GLN A 21 -4.36 8.56 -7.96
N ARG A 22 -4.84 7.69 -7.07
CA ARG A 22 -5.01 8.06 -5.66
C ARG A 22 -3.70 7.90 -4.89
N LEU A 23 -3.05 6.76 -5.08
CA LEU A 23 -1.78 6.47 -4.40
C LEU A 23 -0.91 7.73 -4.33
N GLU A 24 -0.35 7.99 -3.14
CA GLU A 24 0.50 9.17 -2.93
C GLU A 24 1.98 8.75 -2.79
N SER A 25 2.26 7.92 -1.79
CA SER A 25 3.63 7.45 -1.56
C SER A 25 3.63 6.13 -0.79
N TYR A 26 4.79 5.48 -0.71
CA TYR A 26 4.90 4.20 0.01
C TYR A 26 5.74 4.35 1.27
N ARG A 27 5.85 3.27 2.04
CA ARG A 27 6.63 3.28 3.28
C ARG A 27 6.75 1.86 3.83
N ARG A 28 7.89 1.56 4.45
CA ARG A 28 8.11 0.24 5.02
C ARG A 28 7.50 0.14 6.43
N ILE A 29 7.14 -1.08 6.84
CA ILE A 29 6.54 -1.31 8.16
C ILE A 29 7.59 -1.85 9.13
N THR A 30 8.84 -1.94 8.65
CA THR A 30 9.92 -2.44 9.49
C THR A 30 10.13 -1.55 10.71
N SER A 31 9.18 -1.60 11.64
CA SER A 31 9.26 -0.79 12.85
C SER A 31 8.17 -1.19 13.84
N GLY A 32 6.98 -1.47 13.32
CA GLY A 32 5.86 -1.86 14.16
C GLY A 32 5.98 -3.32 14.59
N LYS A 33 5.31 -4.21 13.87
CA LYS A 33 5.36 -5.63 14.18
C LYS A 33 4.57 -6.43 13.16
N CYS A 34 4.43 -5.87 11.96
CA CYS A 34 3.70 -6.56 10.89
C CYS A 34 4.52 -7.74 10.37
N PRO A 35 3.93 -8.57 9.54
CA PRO A 35 4.65 -9.74 8.95
C PRO A 35 5.99 -9.36 8.33
N GLN A 36 6.56 -10.27 7.55
CA GLN A 36 7.85 -10.01 6.90
C GLN A 36 7.88 -8.60 6.33
N LYS A 37 9.08 -8.05 6.16
CA LYS A 37 9.23 -6.70 5.62
C LYS A 37 8.26 -6.47 4.47
N ALA A 38 7.56 -5.34 4.51
CA ALA A 38 6.59 -5.01 3.47
C ALA A 38 6.49 -3.50 3.29
N VAL A 39 5.77 -3.07 2.26
CA VAL A 39 5.58 -1.64 1.97
C VAL A 39 4.10 -1.27 2.05
N ILE A 40 3.82 -0.06 2.53
CA ILE A 40 2.44 0.41 2.68
C ILE A 40 2.14 1.58 1.74
N PHE A 41 1.24 1.36 0.78
CA PHE A 41 0.85 2.43 -0.14
C PHE A 41 -0.32 3.19 0.44
N LYS A 42 -0.13 4.48 0.68
CA LYS A 42 -1.19 5.32 1.25
C LYS A 42 -1.89 6.11 0.15
N THR A 43 -3.15 6.42 0.38
CA THR A 43 -3.94 7.18 -0.59
C THR A 43 -5.00 8.03 0.11
N LYS A 44 -5.71 8.83 -0.65
CA LYS A 44 -6.75 9.69 -0.08
C LYS A 44 -8.03 8.91 0.17
N LEU A 45 -7.91 7.59 0.24
CA LEU A 45 -9.07 6.74 0.49
C LEU A 45 -9.64 7.04 1.88
N ALA A 46 -9.12 6.35 2.89
CA ALA A 46 -9.59 6.56 4.26
C ALA A 46 -8.83 5.65 5.23
N LYS A 47 -7.83 4.96 4.70
CA LYS A 47 -7.02 4.06 5.53
C LYS A 47 -5.72 3.69 4.82
N ASP A 48 -4.89 2.89 5.48
CA ASP A 48 -3.61 2.47 4.90
C ASP A 48 -3.73 1.08 4.28
N ILE A 49 -2.92 0.83 3.25
CA ILE A 49 -2.93 -0.46 2.55
C ILE A 49 -1.54 -1.08 2.60
N CYS A 50 -1.47 -2.37 2.95
CA CYS A 50 -0.18 -3.07 3.04
C CYS A 50 0.06 -3.93 1.81
N ALA A 51 1.33 -4.27 1.57
CA ALA A 51 1.68 -5.09 0.41
C ALA A 51 3.15 -5.53 0.48
N ASP A 52 3.41 -6.77 0.04
CA ASP A 52 4.77 -7.32 0.06
C ASP A 52 5.45 -7.11 -1.31
N PRO A 53 6.73 -6.78 -1.34
CA PRO A 53 7.46 -6.57 -2.64
C PRO A 53 7.60 -7.88 -3.42
N LYS A 54 6.49 -8.35 -3.96
CA LYS A 54 6.49 -9.60 -4.73
C LYS A 54 5.43 -9.51 -5.84
N LYS A 55 4.27 -8.97 -5.49
CA LYS A 55 3.19 -8.82 -6.47
C LYS A 55 3.56 -7.72 -7.46
N LYS A 56 3.24 -7.94 -8.73
CA LYS A 56 3.58 -7.00 -9.78
C LYS A 56 3.24 -5.54 -9.44
N TRP A 57 1.98 -5.27 -9.13
CA TRP A 57 1.57 -3.89 -8.84
C TRP A 57 2.39 -3.28 -7.70
N VAL A 58 2.76 -4.09 -6.72
CA VAL A 58 3.55 -3.58 -5.61
C VAL A 58 4.87 -3.01 -6.11
N GLN A 59 5.62 -3.81 -6.85
CA GLN A 59 6.91 -3.37 -7.38
C GLN A 59 6.73 -2.25 -8.41
N ASP A 60 5.63 -2.33 -9.17
CA ASP A 60 5.35 -1.32 -10.19
C ASP A 60 4.83 -0.03 -9.59
N SER A 61 4.19 -0.12 -8.42
CA SER A 61 3.64 1.07 -7.77
C SER A 61 4.75 2.00 -7.28
N MET A 62 5.70 1.46 -6.52
CA MET A 62 6.80 2.28 -6.00
C MET A 62 7.73 2.70 -7.13
N LYS A 63 7.90 1.83 -8.12
CA LYS A 63 8.76 2.14 -9.26
C LYS A 63 8.21 3.36 -9.99
N TYR A 64 6.90 3.39 -10.15
CA TYR A 64 6.23 4.50 -10.82
C TYR A 64 6.46 5.79 -10.02
N LEU A 65 6.53 5.65 -8.70
CA LEU A 65 6.75 6.80 -7.83
C LEU A 65 8.21 7.25 -7.90
N ASP A 66 9.06 6.35 -8.37
CA ASP A 66 10.49 6.66 -8.49
C ASP A 66 10.72 7.71 -9.57
N GLN A 67 10.05 7.55 -10.71
CA GLN A 67 10.19 8.50 -11.81
C GLN A 67 9.93 9.92 -11.33
N LYS A 68 8.77 10.13 -10.71
CA LYS A 68 8.41 11.45 -10.20
C LYS A 68 9.13 11.74 -8.89
N SER A 69 8.89 12.92 -8.34
CA SER A 69 9.51 13.34 -7.07
C SER A 69 8.46 13.58 -6.01
N PRO A 70 8.03 12.56 -5.32
CA PRO A 70 6.98 12.68 -4.25
C PRO A 70 7.35 13.75 -3.22
N THR A 71 6.61 14.87 -3.25
CA THR A 71 6.86 15.97 -2.33
C THR A 71 5.59 16.78 -2.10
N PRO A 72 4.55 16.15 -1.62
CA PRO A 72 3.25 16.82 -1.35
C PRO A 72 3.30 17.69 -0.10
N LYS A 73 2.87 17.13 1.03
CA LYS A 73 2.87 17.87 2.30
C LYS A 73 2.32 19.28 2.10
N PRO A 74 1.08 19.40 1.73
CA PRO A 74 0.43 20.72 1.49
C PRO A 74 0.04 21.41 2.81
N VAL B 1 -3.58 -16.94 -12.08
CA VAL B 1 -5.04 -16.79 -12.22
C VAL B 1 -5.73 -17.22 -10.92
N GLU B 2 -4.99 -17.14 -9.82
CA GLU B 2 -5.53 -17.52 -8.53
C GLU B 2 -4.67 -16.97 -7.40
N THR B 3 -3.69 -16.15 -7.76
CA THR B 3 -2.79 -15.56 -6.77
C THR B 3 -3.57 -14.66 -5.82
N PHE B 4 -2.88 -14.11 -4.83
CA PHE B 4 -3.51 -13.23 -3.85
C PHE B 4 -3.83 -11.88 -4.48
N GLY B 5 -4.74 -11.89 -5.45
CA GLY B 5 -5.13 -10.67 -6.14
C GLY B 5 -5.90 -10.97 -7.42
N THR B 6 -6.19 -9.92 -8.20
CA THR B 6 -6.92 -10.08 -9.45
C THR B 6 -6.55 -8.96 -10.43
N THR B 7 -7.19 -7.81 -10.28
CA THR B 7 -6.92 -6.67 -11.16
C THR B 7 -7.34 -5.36 -10.50
N SER B 8 -8.59 -4.96 -10.74
CA SER B 8 -9.09 -3.71 -10.17
C SER B 8 -8.99 -3.73 -8.65
N TYS B 9 -9.71 -2.83 -7.99
CA TYS B 9 -9.68 -2.76 -6.53
CB TYS B 9 -8.28 -2.32 -6.06
CG TYS B 9 -8.23 -2.34 -4.55
CD1 TYS B 9 -8.03 -1.15 -3.84
CD2 TYS B 9 -8.36 -3.56 -3.86
CE1 TYS B 9 -7.96 -1.18 -2.44
CE2 TYS B 9 -8.31 -3.57 -2.46
CZ TYS B 9 -8.11 -2.38 -1.75
OH TYS B 9 -8.05 -2.40 -0.38
S TYS B 9 -6.94 -3.18 0.34
O1 TYS B 9 -6.62 -2.52 1.63
O2 TYS B 9 -7.38 -4.57 0.59
O3 TYS B 9 -5.72 -3.19 -0.52
C TYS B 9 -10.73 -1.77 -6.03
O TYS B 9 -10.99 -1.70 -4.82
H TYS B 9 -10.26 -2.20 -8.50
HA TYS B 9 -9.89 -3.73 -6.14
HB2 TYS B 9 -7.54 -3.00 -6.46
HB3 TYS B 9 -8.08 -1.33 -6.42
HD1 TYS B 9 -7.92 -0.22 -4.38
HD2 TYS B 9 -8.52 -4.47 -4.40
HE1 TYS B 9 -7.80 -0.26 -1.89
HE2 TYS B 9 -8.41 -4.51 -1.92
N TYS B 10 -11.35 -1.05 -6.95
CA TYS B 10 -12.38 -0.08 -6.59
CB TYS B 10 -11.76 1.30 -6.26
CG TYS B 10 -11.27 1.32 -4.83
CD1 TYS B 10 -12.18 1.15 -3.77
CD2 TYS B 10 -9.91 1.51 -4.55
CE1 TYS B 10 -11.72 1.17 -2.45
CE2 TYS B 10 -9.46 1.54 -3.22
CZ TYS B 10 -10.37 1.36 -2.18
OH TYS B 10 -9.92 1.38 -0.87
S TYS B 10 -10.27 0.21 0.06
O1 TYS B 10 -11.06 -0.81 -0.68
O2 TYS B 10 -9.01 -0.41 0.57
O3 TYS B 10 -11.08 0.71 1.21
C TYS B 10 -13.37 0.07 -7.75
O TYS B 10 -13.45 1.12 -8.38
H TYS B 10 -11.11 -1.16 -7.89
HA TYS B 10 -12.92 -0.45 -5.74
HB2 TYS B 10 -10.93 1.47 -6.93
HB3 TYS B 10 -12.50 2.06 -6.40
HD1 TYS B 10 -13.23 1.00 -3.98
HD2 TYS B 10 -9.21 1.64 -5.36
HE1 TYS B 10 -12.43 1.04 -1.64
HE2 TYS B 10 -8.41 1.69 -3.01
N ASP B 11 -14.14 -0.99 -8.01
CA ASP B 11 -15.12 -0.95 -9.09
C ASP B 11 -15.95 0.33 -9.00
N ASP B 12 -16.77 0.43 -7.96
CA ASP B 12 -17.60 1.62 -7.77
C ASP B 12 -16.81 2.70 -7.05
N VAL B 13 -16.40 3.72 -7.80
CA VAL B 13 -15.63 4.82 -7.22
C VAL B 13 -16.47 5.60 -6.22
N GLY B 14 -17.79 5.48 -6.35
CA GLY B 14 -18.70 6.18 -5.45
C GLY B 14 -18.61 5.61 -4.04
N LEU B 15 -17.73 4.63 -3.86
CA LEU B 15 -17.55 4.00 -2.56
C LEU B 15 -17.19 5.05 -1.50
N LEU B 16 -16.20 5.89 -1.83
CA LEU B 16 -15.78 6.93 -0.91
C LEU B 16 -16.98 7.66 -0.34
N GLY A 1 5.83 -2.91 22.41
CA GLY A 1 4.52 -3.51 22.00
C GLY A 1 3.97 -2.78 20.78
N PRO A 2 3.61 -1.53 20.95
CA PRO A 2 3.07 -0.70 19.84
C PRO A 2 4.16 -0.26 18.85
N ALA A 3 3.79 -0.11 17.59
CA ALA A 3 4.73 0.31 16.57
C ALA A 3 4.01 0.71 15.28
N SER A 4 4.14 1.98 14.91
CA SER A 4 3.48 2.48 13.71
C SER A 4 1.99 2.20 13.75
N VAL A 5 1.41 2.23 14.94
CA VAL A 5 -0.02 1.97 15.11
C VAL A 5 -0.86 3.17 14.63
N PRO A 6 -0.40 4.39 14.81
CA PRO A 6 -1.17 5.60 14.39
C PRO A 6 -1.55 5.54 12.91
N THR A 7 -0.59 5.16 12.07
CA THR A 7 -0.84 5.08 10.63
C THR A 7 -1.83 3.96 10.33
N THR A 8 -2.38 3.36 11.38
CA THR A 8 -3.34 2.29 11.21
C THR A 8 -2.80 1.21 10.28
N CYS A 9 -2.04 0.28 10.85
CA CYS A 9 -1.46 -0.81 10.06
C CYS A 9 -2.55 -1.63 9.39
N CYS A 10 -2.29 -2.07 8.17
CA CYS A 10 -3.27 -2.86 7.42
C CYS A 10 -3.33 -4.28 8.01
N PHE A 11 -4.55 -4.81 8.11
CA PHE A 11 -4.72 -6.16 8.65
C PHE A 11 -3.72 -7.11 8.01
N ASN A 12 -3.32 -6.80 6.78
CA ASN A 12 -2.36 -7.61 6.06
C ASN A 12 -2.23 -7.11 4.62
N LEU A 13 -1.46 -7.85 3.83
CA LEU A 13 -1.23 -7.49 2.44
C LEU A 13 -2.56 -7.42 1.68
N ALA A 14 -2.66 -6.49 0.74
CA ALA A 14 -3.87 -6.33 -0.05
C ALA A 14 -4.20 -7.62 -0.78
N ASN A 15 -4.92 -7.51 -1.90
CA ASN A 15 -5.28 -8.70 -2.67
C ASN A 15 -6.08 -8.30 -3.92
N ARG A 16 -6.01 -7.03 -4.30
CA ARG A 16 -6.74 -6.55 -5.47
C ARG A 16 -6.08 -5.32 -6.07
N LYS A 17 -4.77 -5.20 -5.89
CA LYS A 17 -4.04 -4.04 -6.43
C LYS A 17 -4.66 -2.73 -5.96
N ILE A 18 -3.90 -1.64 -6.10
CA ILE A 18 -4.37 -0.31 -5.69
C ILE A 18 -4.22 0.67 -6.87
N PRO A 19 -5.21 1.49 -7.16
CA PRO A 19 -5.10 2.47 -8.30
C PRO A 19 -3.95 3.45 -8.09
N LEU A 20 -3.21 3.72 -9.17
CA LEU A 20 -2.07 4.64 -9.11
C LEU A 20 -2.53 6.09 -8.94
N GLN A 21 -3.71 6.41 -9.47
CA GLN A 21 -4.22 7.78 -9.39
C GLN A 21 -4.41 8.24 -7.95
N ARG A 22 -4.92 7.36 -7.09
CA ARG A 22 -5.14 7.71 -5.68
C ARG A 22 -3.87 7.57 -4.86
N LEU A 23 -3.17 6.45 -5.05
CA LEU A 23 -1.93 6.21 -4.32
C LEU A 23 -1.08 7.48 -4.26
N GLU A 24 -0.50 7.76 -3.08
CA GLU A 24 0.32 8.96 -2.89
C GLU A 24 1.80 8.58 -2.77
N SER A 25 2.15 7.82 -1.74
CA SER A 25 3.53 7.40 -1.52
C SER A 25 3.58 6.07 -0.79
N TYR A 26 4.79 5.51 -0.62
CA TYR A 26 4.96 4.22 0.07
C TYR A 26 5.79 4.39 1.34
N ARG A 27 5.72 3.39 2.22
CA ARG A 27 6.47 3.43 3.47
C ARG A 27 6.60 2.02 4.04
N ARG A 28 7.84 1.62 4.37
CA ARG A 28 8.09 0.28 4.89
C ARG A 28 7.65 0.18 6.36
N ILE A 29 7.31 -1.05 6.78
CA ILE A 29 6.87 -1.29 8.16
C ILE A 29 8.01 -1.95 8.96
N THR A 30 8.47 -3.10 8.47
CA THR A 30 9.56 -3.81 9.14
C THR A 30 9.21 -4.09 10.60
N SER A 31 10.23 -4.28 11.43
CA SER A 31 10.02 -4.55 12.85
C SER A 31 8.99 -3.59 13.44
N GLY A 32 8.18 -4.10 14.36
CA GLY A 32 7.15 -3.29 15.00
C GLY A 32 6.01 -4.16 15.50
N LYS A 33 5.13 -4.56 14.58
CA LYS A 33 4.00 -5.40 14.94
C LYS A 33 3.25 -5.85 13.69
N CYS A 34 3.54 -5.18 12.57
CA CYS A 34 2.89 -5.51 11.30
C CYS A 34 3.53 -6.77 10.69
N PRO A 35 2.80 -7.54 9.90
CA PRO A 35 3.36 -8.76 9.26
C PRO A 35 4.76 -8.56 8.69
N GLN A 36 5.32 -9.63 8.16
CA GLN A 36 6.66 -9.59 7.56
C GLN A 36 6.92 -8.26 6.85
N LYS A 37 8.19 -7.92 6.68
CA LYS A 37 8.55 -6.68 6.02
C LYS A 37 7.72 -6.47 4.75
N ALA A 38 7.32 -5.23 4.51
CA ALA A 38 6.52 -4.92 3.33
C ALA A 38 6.43 -3.40 3.13
N VAL A 39 5.97 -2.98 1.95
CA VAL A 39 5.83 -1.56 1.65
C VAL A 39 4.36 -1.16 1.68
N ILE A 40 4.04 -0.18 2.54
CA ILE A 40 2.66 0.28 2.70
C ILE A 40 2.36 1.46 1.78
N PHE A 41 1.46 1.27 0.82
CA PHE A 41 1.07 2.33 -0.10
C PHE A 41 -0.08 3.14 0.52
N LYS A 42 0.16 4.43 0.74
CA LYS A 42 -0.85 5.31 1.33
C LYS A 42 -1.59 6.08 0.23
N THR A 43 -2.91 5.94 0.21
CA THR A 43 -3.73 6.63 -0.80
C THR A 43 -4.60 7.69 -0.12
N LYS A 44 -5.31 8.48 -0.93
CA LYS A 44 -6.18 9.53 -0.41
C LYS A 44 -7.56 8.96 -0.06
N LEU A 45 -7.60 7.69 0.32
CA LEU A 45 -8.85 7.03 0.67
C LEU A 45 -9.24 7.36 2.12
N ALA A 46 -8.81 6.52 3.05
CA ALA A 46 -9.11 6.74 4.46
C ALA A 46 -8.40 5.73 5.34
N LYS A 47 -7.43 5.03 4.77
CA LYS A 47 -6.68 4.03 5.52
C LYS A 47 -5.40 3.64 4.78
N ASP A 48 -4.60 2.77 5.39
CA ASP A 48 -3.34 2.32 4.80
C ASP A 48 -3.48 0.90 4.24
N ILE A 49 -2.70 0.61 3.21
CA ILE A 49 -2.71 -0.71 2.56
C ILE A 49 -1.32 -1.33 2.60
N CYS A 50 -1.25 -2.62 2.95
CA CYS A 50 0.04 -3.32 3.04
C CYS A 50 0.28 -4.15 1.79
N ALA A 51 1.56 -4.42 1.49
CA ALA A 51 1.91 -5.22 0.32
C ALA A 51 3.42 -5.51 0.31
N ASP A 52 3.78 -6.78 0.07
CA ASP A 52 5.18 -7.19 0.05
C ASP A 52 5.81 -6.96 -1.33
N PRO A 53 7.09 -6.63 -1.39
CA PRO A 53 7.82 -6.40 -2.68
C PRO A 53 7.99 -7.68 -3.49
N LYS A 54 6.86 -8.28 -3.87
CA LYS A 54 6.88 -9.51 -4.67
C LYS A 54 5.82 -9.42 -5.76
N LYS A 55 4.60 -9.06 -5.36
CA LYS A 55 3.52 -8.91 -6.30
C LYS A 55 3.85 -7.80 -7.30
N LYS A 56 3.44 -7.98 -8.54
CA LYS A 56 3.73 -7.01 -9.61
C LYS A 56 3.34 -5.58 -9.25
N TRP A 57 2.06 -5.36 -8.94
CA TRP A 57 1.59 -4.00 -8.64
C TRP A 57 2.39 -3.35 -7.51
N VAL A 58 3.04 -4.16 -6.67
CA VAL A 58 3.82 -3.58 -5.58
C VAL A 58 5.11 -2.98 -6.13
N GLN A 59 5.87 -3.78 -6.85
CA GLN A 59 7.13 -3.32 -7.42
C GLN A 59 6.88 -2.22 -8.45
N ASP A 60 5.76 -2.32 -9.16
CA ASP A 60 5.41 -1.34 -10.18
C ASP A 60 4.89 -0.05 -9.55
N SER A 61 4.31 -0.15 -8.37
CA SER A 61 3.76 1.04 -7.69
C SER A 61 4.87 1.98 -7.23
N MET A 62 5.86 1.45 -6.51
CA MET A 62 6.96 2.28 -6.03
C MET A 62 7.82 2.76 -7.20
N LYS A 63 8.01 1.90 -8.19
CA LYS A 63 8.81 2.25 -9.35
C LYS A 63 8.20 3.47 -10.03
N TYR A 64 6.88 3.46 -10.17
CA TYR A 64 6.18 4.57 -10.81
C TYR A 64 6.36 5.84 -9.98
N LEU A 65 6.45 5.68 -8.65
CA LEU A 65 6.64 6.81 -7.76
C LEU A 65 8.07 7.32 -7.85
N ASP A 66 8.96 6.47 -8.34
CA ASP A 66 10.37 6.83 -8.46
C ASP A 66 10.54 7.92 -9.52
N GLN A 67 9.71 7.89 -10.55
CA GLN A 67 9.79 8.88 -11.62
C GLN A 67 9.47 10.27 -11.09
N LYS A 68 8.32 10.40 -10.45
CA LYS A 68 7.89 11.69 -9.90
C LYS A 68 8.61 11.96 -8.58
N SER A 69 9.01 10.90 -7.89
CA SER A 69 9.72 11.05 -6.61
C SER A 69 9.01 12.07 -5.72
N PRO A 70 8.00 11.67 -4.98
CA PRO A 70 7.25 12.59 -4.08
C PRO A 70 8.19 13.34 -3.12
N THR A 71 8.86 14.36 -3.64
CA THR A 71 9.78 15.16 -2.83
C THR A 71 9.01 16.25 -2.08
N PRO A 72 9.49 16.68 -0.93
CA PRO A 72 8.82 17.74 -0.13
C PRO A 72 8.21 18.84 -1.01
N LYS A 73 8.94 19.22 -2.07
CA LYS A 73 8.46 20.26 -2.97
C LYS A 73 9.34 20.36 -4.22
N PRO A 74 9.04 19.61 -5.26
CA PRO A 74 9.84 19.64 -6.52
C PRO A 74 10.16 21.06 -6.97
N VAL B 1 3.60 -14.47 -6.01
CA VAL B 1 2.82 -13.54 -6.88
C VAL B 1 1.42 -14.11 -7.11
N GLU B 2 1.34 -15.43 -7.27
CA GLU B 2 0.07 -16.08 -7.50
C GLU B 2 -1.01 -15.53 -6.56
N THR B 3 -2.26 -15.62 -6.97
CA THR B 3 -3.37 -15.13 -6.15
C THR B 3 -3.13 -13.69 -5.73
N PHE B 4 -4.10 -13.10 -5.05
CA PHE B 4 -3.98 -11.72 -4.60
C PHE B 4 -3.62 -10.81 -5.78
N GLY B 5 -4.65 -10.40 -6.52
CA GLY B 5 -4.44 -9.53 -7.68
C GLY B 5 -5.68 -9.47 -8.55
N THR B 6 -6.08 -8.26 -8.93
CA THR B 6 -7.26 -8.07 -9.77
C THR B 6 -7.13 -6.79 -10.59
N THR B 7 -8.17 -6.48 -11.36
CA THR B 7 -8.16 -5.28 -12.19
C THR B 7 -8.39 -4.04 -11.34
N SER B 8 -9.65 -3.63 -11.21
CA SER B 8 -9.99 -2.45 -10.43
C SER B 8 -9.97 -2.78 -8.94
N TYS B 9 -10.39 -1.82 -8.12
CA TYS B 9 -10.40 -2.02 -6.67
CB TYS B 9 -8.97 -2.06 -6.14
CG TYS B 9 -8.98 -2.19 -4.63
CD1 TYS B 9 -9.55 -3.32 -4.03
CD2 TYS B 9 -8.44 -1.18 -3.82
CE1 TYS B 9 -9.57 -3.44 -2.63
CE2 TYS B 9 -8.46 -1.30 -2.43
CZ TYS B 9 -9.02 -2.43 -1.83
OH TYS B 9 -9.04 -2.56 -0.46
S TYS B 9 -10.26 -3.16 0.23
O1 TYS B 9 -10.51 -2.43 1.51
O2 TYS B 9 -11.46 -3.04 -0.65
O3 TYS B 9 -10.01 -4.60 0.53
C TYS B 9 -11.19 -0.91 -5.99
O TYS B 9 -11.21 -0.79 -4.77
H TYS B 9 -10.69 -0.97 -8.49
HA TYS B 9 -10.87 -2.97 -6.45
HB2 TYS B 9 -8.45 -2.90 -6.57
HB3 TYS B 9 -8.47 -1.14 -6.42
HD1 TYS B 9 -9.97 -4.10 -4.64
HD2 TYS B 9 -8.00 -0.31 -4.28
HE1 TYS B 9 -10.00 -4.32 -2.17
HE2 TYS B 9 -8.03 -0.52 -1.81
N TYS B 10 -11.86 -0.09 -6.81
CA TYS B 10 -12.66 1.01 -6.29
CB TYS B 10 -11.76 2.20 -5.90
CG TYS B 10 -11.19 1.98 -4.51
CD1 TYS B 10 -12.05 1.95 -3.40
CD2 TYS B 10 -9.80 1.85 -4.32
CE1 TYS B 10 -11.54 1.76 -2.11
CE2 TYS B 10 -9.29 1.66 -3.03
CZ TYS B 10 -10.15 1.62 -1.93
OH TYS B 10 -9.65 1.43 -0.67
S TYS B 10 -9.97 0.15 0.11
O1 TYS B 10 -8.70 -0.47 0.60
O2 TYS B 10 -10.85 0.46 1.27
O3 TYS B 10 -10.68 -0.82 -0.80
C TYS B 10 -13.67 1.46 -7.35
O TYS B 10 -14.24 2.55 -7.26
H TYS B 10 -11.81 -0.24 -7.78
HA TYS B 10 -13.20 0.68 -5.42
HB2 TYS B 10 -10.95 2.27 -6.61
HB3 TYS B 10 -12.33 3.11 -5.91
HD1 TYS B 10 -13.12 2.05 -3.55
HD2 TYS B 10 -9.14 1.88 -5.17
HE1 TYS B 10 -12.20 1.72 -1.27
HE2 TYS B 10 -8.22 1.55 -2.88
N ASP B 11 -13.89 0.61 -8.34
CA ASP B 11 -14.83 0.92 -9.41
C ASP B 11 -16.14 1.47 -8.83
N ASP B 12 -16.40 1.14 -7.58
CA ASP B 12 -17.62 1.59 -6.91
C ASP B 12 -17.52 3.09 -6.60
N VAL B 13 -16.31 3.54 -6.29
CA VAL B 13 -16.09 4.95 -5.96
C VAL B 13 -16.89 5.34 -4.72
N GLY B 14 -18.20 5.43 -4.87
CA GLY B 14 -19.06 5.80 -3.75
C GLY B 14 -18.70 5.01 -2.50
N LEU B 15 -17.92 3.96 -2.68
CA LEU B 15 -17.50 3.13 -1.55
C LEU B 15 -17.04 4.01 -0.39
N LEU B 16 -15.99 4.79 -0.63
CA LEU B 16 -15.45 5.66 0.41
C LEU B 16 -16.58 6.44 1.08
N GLY A 1 11.70 10.73 16.64
CA GLY A 1 10.64 10.01 15.90
C GLY A 1 9.95 9.01 16.83
N PRO A 2 9.14 9.50 17.73
CA PRO A 2 8.41 8.64 18.71
C PRO A 2 7.74 7.43 18.04
N ALA A 3 7.27 6.49 18.85
CA ALA A 3 6.61 5.30 18.32
C ALA A 3 5.51 5.69 17.34
N SER A 4 5.29 4.84 16.33
CA SER A 4 4.27 5.11 15.34
C SER A 4 2.88 5.04 15.97
N VAL A 5 1.85 5.29 15.16
CA VAL A 5 0.48 5.25 15.65
C VAL A 5 0.11 3.83 16.09
N PRO A 6 -0.49 3.64 17.25
CA PRO A 6 -0.88 2.27 17.73
C PRO A 6 -2.10 1.74 16.98
N THR A 7 -1.97 0.53 16.43
CA THR A 7 -3.08 -0.07 15.70
C THR A 7 -2.87 -1.58 15.57
N THR A 8 -3.95 -2.31 15.37
CA THR A 8 -3.87 -3.77 15.23
C THR A 8 -3.32 -4.15 13.87
N CYS A 9 -2.87 -3.16 13.12
CA CYS A 9 -2.32 -3.40 11.79
C CYS A 9 -3.36 -4.05 10.89
N CYS A 10 -3.36 -3.67 9.61
CA CYS A 10 -4.31 -4.23 8.66
C CYS A 10 -4.33 -5.75 8.74
N PHE A 11 -5.14 -6.37 7.89
CA PHE A 11 -5.22 -7.83 7.87
C PHE A 11 -3.86 -8.42 7.55
N ASN A 12 -3.48 -8.36 6.28
CA ASN A 12 -2.19 -8.89 5.86
C ASN A 12 -2.03 -8.75 4.34
N LEU A 13 -1.26 -7.76 3.92
CA LEU A 13 -1.02 -7.55 2.49
C LEU A 13 -2.34 -7.37 1.75
N ALA A 14 -2.24 -7.28 0.43
CA ALA A 14 -3.43 -7.11 -0.42
C ALA A 14 -3.16 -7.63 -1.83
N ASN A 15 -3.90 -8.66 -2.24
CA ASN A 15 -3.73 -9.24 -3.57
C ASN A 15 -4.52 -8.46 -4.60
N ARG A 16 -4.44 -7.13 -4.54
CA ARG A 16 -5.17 -6.29 -5.49
C ARG A 16 -4.39 -5.02 -5.79
N LYS A 17 -4.54 -4.50 -7.00
CA LYS A 17 -3.83 -3.29 -7.41
C LYS A 17 -4.51 -2.03 -6.87
N ILE A 18 -3.70 -1.11 -6.36
CA ILE A 18 -4.21 0.15 -5.82
C ILE A 18 -4.27 1.19 -6.95
N PRO A 19 -5.33 1.96 -7.09
CA PRO A 19 -5.42 2.98 -8.17
C PRO A 19 -4.29 4.02 -8.05
N LEU A 20 -3.44 4.07 -9.06
CA LEU A 20 -2.31 4.99 -9.07
C LEU A 20 -2.76 6.45 -8.93
N GLN A 21 -3.99 6.73 -9.35
CA GLN A 21 -4.52 8.09 -9.29
C GLN A 21 -4.71 8.58 -7.85
N ARG A 22 -4.85 7.64 -6.91
CA ARG A 22 -5.06 8.01 -5.50
C ARG A 22 -3.81 7.80 -4.66
N LEU A 23 -2.93 6.93 -5.13
CA LEU A 23 -1.68 6.65 -4.41
C LEU A 23 -0.78 7.88 -4.41
N GLU A 24 -0.23 8.20 -3.24
CA GLU A 24 0.67 9.36 -3.09
C GLU A 24 2.12 8.89 -2.98
N SER A 25 2.41 8.15 -1.91
CA SER A 25 3.76 7.63 -1.68
C SER A 25 3.70 6.29 -0.94
N TYR A 26 4.87 5.72 -0.63
CA TYR A 26 4.93 4.43 0.07
C TYR A 26 5.81 4.53 1.31
N ARG A 27 5.63 3.58 2.23
CA ARG A 27 6.42 3.54 3.46
C ARG A 27 6.63 2.09 3.90
N ARG A 28 7.69 1.83 4.67
CA ARG A 28 7.99 0.47 5.12
C ARG A 28 7.68 0.30 6.60
N ILE A 29 7.27 -0.92 6.97
CA ILE A 29 6.94 -1.25 8.37
C ILE A 29 8.01 -2.18 8.94
N THR A 30 8.60 -1.77 10.06
CA THR A 30 9.64 -2.58 10.71
C THR A 30 9.69 -2.28 12.20
N SER A 31 8.52 -2.12 12.81
CA SER A 31 8.44 -1.82 14.23
C SER A 31 7.00 -1.96 14.72
N GLY A 32 6.05 -1.75 13.82
CA GLY A 32 4.63 -1.86 14.17
C GLY A 32 4.18 -3.31 14.20
N LYS A 33 5.09 -4.19 14.60
CA LYS A 33 4.81 -5.64 14.68
C LYS A 33 3.85 -6.07 13.58
N CYS A 34 3.88 -5.38 12.45
CA CYS A 34 3.01 -5.71 11.32
C CYS A 34 3.56 -6.93 10.57
N PRO A 35 2.72 -7.69 9.91
CA PRO A 35 3.16 -8.89 9.16
C PRO A 35 4.51 -8.69 8.47
N GLN A 36 5.55 -9.27 9.06
CA GLN A 36 6.90 -9.17 8.51
C GLN A 36 7.16 -7.79 7.91
N LYS A 37 8.20 -7.69 7.08
CA LYS A 37 8.55 -6.43 6.45
C LYS A 37 7.79 -6.26 5.14
N ALA A 38 7.31 -5.04 4.89
CA ALA A 38 6.55 -4.77 3.67
C ALA A 38 6.37 -3.27 3.46
N VAL A 39 5.97 -2.87 2.25
CA VAL A 39 5.76 -1.46 1.95
C VAL A 39 4.30 -1.08 2.20
N ILE A 40 4.02 0.22 2.32
CA ILE A 40 2.66 0.69 2.61
C ILE A 40 2.25 1.82 1.68
N PHE A 41 1.42 1.51 0.69
CA PHE A 41 0.94 2.54 -0.23
C PHE A 41 -0.18 3.33 0.43
N LYS A 42 0.02 4.64 0.60
CA LYS A 42 -0.97 5.49 1.24
C LYS A 42 -1.74 6.29 0.20
N THR A 43 -3.05 6.46 0.43
CA THR A 43 -3.90 7.20 -0.48
C THR A 43 -4.99 7.94 0.30
N LYS A 44 -5.80 8.71 -0.41
CA LYS A 44 -6.88 9.47 0.23
C LYS A 44 -8.10 8.59 0.46
N LEU A 45 -7.87 7.27 0.53
CA LEU A 45 -8.97 6.33 0.75
C LEU A 45 -9.58 6.57 2.15
N ALA A 46 -8.98 5.96 3.16
CA ALA A 46 -9.49 6.12 4.53
C ALA A 46 -8.56 5.42 5.52
N LYS A 47 -7.58 4.69 5.01
CA LYS A 47 -6.64 3.99 5.87
C LYS A 47 -5.40 3.56 5.08
N ASP A 48 -4.44 2.96 5.79
CA ASP A 48 -3.20 2.51 5.16
C ASP A 48 -3.38 1.13 4.53
N ILE A 49 -2.62 0.88 3.45
CA ILE A 49 -2.69 -0.41 2.74
C ILE A 49 -1.38 -1.17 2.89
N CYS A 50 -1.46 -2.47 3.16
CA CYS A 50 -0.27 -3.30 3.32
C CYS A 50 0.00 -4.10 2.04
N ALA A 51 1.27 -4.36 1.75
CA ALA A 51 1.63 -5.10 0.56
C ALA A 51 3.11 -5.50 0.57
N ASP A 52 3.37 -6.78 0.32
CA ASP A 52 4.73 -7.30 0.31
C ASP A 52 5.41 -7.09 -1.07
N PRO A 53 6.67 -6.71 -1.12
CA PRO A 53 7.39 -6.49 -2.42
C PRO A 53 7.62 -7.80 -3.16
N LYS A 54 6.52 -8.35 -3.71
CA LYS A 54 6.59 -9.59 -4.47
C LYS A 54 5.53 -9.60 -5.57
N LYS A 55 4.40 -8.97 -5.29
CA LYS A 55 3.31 -8.89 -6.26
C LYS A 55 3.60 -7.77 -7.25
N LYS A 56 3.24 -7.99 -8.51
CA LYS A 56 3.51 -7.01 -9.57
C LYS A 56 3.08 -5.58 -9.19
N TRP A 57 1.81 -5.38 -8.86
CA TRP A 57 1.32 -4.04 -8.55
C TRP A 57 2.13 -3.40 -7.40
N VAL A 58 2.75 -4.21 -6.57
CA VAL A 58 3.54 -3.67 -5.47
C VAL A 58 4.86 -3.10 -5.98
N GLN A 59 5.61 -3.93 -6.71
CA GLN A 59 6.89 -3.48 -7.24
C GLN A 59 6.68 -2.40 -8.30
N ASP A 60 5.57 -2.50 -9.03
CA ASP A 60 5.27 -1.52 -10.08
C ASP A 60 4.81 -0.19 -9.49
N SER A 61 4.04 -0.25 -8.41
CA SER A 61 3.52 0.94 -7.76
C SER A 61 4.65 1.89 -7.35
N MET A 62 5.64 1.38 -6.64
CA MET A 62 6.75 2.21 -6.18
C MET A 62 7.63 2.61 -7.37
N LYS A 63 7.76 1.73 -8.35
CA LYS A 63 8.57 2.02 -9.53
C LYS A 63 8.01 3.25 -10.23
N TYR A 64 6.69 3.30 -10.35
CA TYR A 64 6.02 4.42 -10.99
C TYR A 64 6.31 5.70 -10.19
N LEU A 65 6.43 5.56 -8.88
CA LEU A 65 6.70 6.70 -8.02
C LEU A 65 8.16 7.14 -8.17
N ASP A 66 8.99 6.25 -8.69
CA ASP A 66 10.39 6.54 -8.89
C ASP A 66 10.58 7.49 -10.07
N GLN A 67 9.72 7.36 -11.07
CA GLN A 67 9.79 8.21 -12.25
C GLN A 67 9.53 9.67 -11.90
N LYS A 68 9.28 9.93 -10.62
CA LYS A 68 9.03 11.30 -10.16
C LYS A 68 9.73 11.57 -8.84
N SER A 69 9.99 10.51 -8.09
CA SER A 69 10.67 10.65 -6.80
C SER A 69 10.02 11.74 -5.96
N PRO A 70 8.98 11.43 -5.22
CA PRO A 70 8.27 12.43 -4.37
C PRO A 70 8.99 12.67 -3.04
N THR A 71 8.59 13.72 -2.33
CA THR A 71 9.19 14.04 -1.04
C THR A 71 8.63 13.13 0.05
N PRO A 72 9.39 12.84 1.08
CA PRO A 72 8.92 11.97 2.20
C PRO A 72 7.91 12.68 3.09
N LYS A 73 7.23 11.91 3.93
CA LYS A 73 6.24 12.48 4.83
C LYS A 73 5.33 13.46 4.09
N PRO A 74 4.65 12.98 3.08
CA PRO A 74 3.72 13.83 2.26
C PRO A 74 2.42 14.12 3.00
N VAL B 1 -12.93 -8.93 4.14
CA VAL B 1 -13.60 -8.45 2.90
C VAL B 1 -12.80 -8.91 1.69
N GLU B 2 -12.59 -10.22 1.59
CA GLU B 2 -11.84 -10.79 0.48
C GLU B 2 -10.42 -10.23 0.45
N THR B 3 -10.28 -8.98 0.01
CA THR B 3 -8.97 -8.34 -0.05
C THR B 3 -8.00 -9.21 -0.84
N PHE B 4 -7.36 -10.14 -0.15
CA PHE B 4 -6.40 -11.03 -0.81
C PHE B 4 -7.10 -11.89 -1.86
N GLY B 5 -7.51 -11.25 -2.95
CA GLY B 5 -8.20 -11.96 -4.03
C GLY B 5 -8.12 -11.17 -5.33
N THR B 6 -7.79 -11.86 -6.41
CA THR B 6 -7.69 -11.23 -7.72
C THR B 6 -8.99 -10.52 -8.08
N THR B 7 -9.01 -9.19 -7.93
CA THR B 7 -10.20 -8.41 -8.24
C THR B 7 -9.87 -6.93 -8.25
N SER B 8 -10.71 -6.13 -8.90
CA SER B 8 -10.50 -4.70 -8.99
C SER B 8 -10.34 -4.11 -7.59
N TYS B 9 -10.40 -2.78 -7.50
CA TYS B 9 -10.26 -2.11 -6.21
CB TYS B 9 -8.76 -2.00 -5.85
CG TYS B 9 -8.55 -2.19 -4.36
CD1 TYS B 9 -7.96 -1.18 -3.58
CD2 TYS B 9 -8.94 -3.40 -3.75
CE1 TYS B 9 -7.77 -1.38 -2.22
CE2 TYS B 9 -8.75 -3.58 -2.38
CZ TYS B 9 -8.16 -2.58 -1.61
OH TYS B 9 -7.97 -2.76 -0.26
S TYS B 9 -7.15 -3.97 0.24
O1 TYS B 9 -6.95 -4.93 -0.87
O2 TYS B 9 -5.83 -3.49 0.74
O3 TYS B 9 -7.89 -4.64 1.34
C TYS B 9 -10.90 -0.72 -6.29
O TYS B 9 -10.44 0.16 -7.01
H TYS B 9 -10.53 -2.25 -8.31
HA TYS B 9 -10.77 -2.68 -5.46
HB2 TYS B 9 -8.21 -2.75 -6.39
HB3 TYS B 9 -8.38 -1.03 -6.14
HD1 TYS B 9 -7.66 -0.25 -4.05
HD2 TYS B 9 -9.38 -4.18 -4.35
HE1 TYS B 9 -7.32 -0.61 -1.62
HE2 TYS B 9 -9.04 -4.51 -1.91
N TYS B 10 -12.00 -0.54 -5.55
CA TYS B 10 -12.73 0.72 -5.55
CB TYS B 10 -11.84 1.88 -5.08
CG TYS B 10 -11.11 1.52 -3.80
CD1 TYS B 10 -9.71 1.66 -3.73
CD2 TYS B 10 -11.82 1.06 -2.68
CE1 TYS B 10 -9.04 1.35 -2.55
CE2 TYS B 10 -11.14 0.74 -1.50
CZ TYS B 10 -9.75 0.88 -1.42
OH TYS B 10 -9.08 0.58 -0.27
S TYS B 10 -9.55 -0.61 0.61
O1 TYS B 10 -10.10 -1.69 -0.27
O2 TYS B 10 -8.40 -1.14 1.38
O3 TYS B 10 -10.61 -0.14 1.54
C TYS B 10 -13.25 1.03 -6.95
O TYS B 10 -13.47 2.19 -7.30
H TYS B 10 -12.34 -1.29 -5.01
HA TYS B 10 -13.58 0.64 -4.88
HB2 TYS B 10 -11.12 2.10 -5.86
HB3 TYS B 10 -12.45 2.75 -4.91
HD1 TYS B 10 -9.16 2.02 -4.59
HD2 TYS B 10 -12.90 0.95 -2.73
HE1 TYS B 10 -7.97 1.46 -2.49
HE2 TYS B 10 -11.70 0.39 -0.65
N ASP B 11 -13.47 -0.03 -7.74
CA ASP B 11 -13.96 0.14 -9.09
C ASP B 11 -15.26 0.96 -9.08
N ASP B 12 -16.18 0.57 -8.20
CA ASP B 12 -17.46 1.28 -8.10
C ASP B 12 -17.26 2.63 -7.43
N VAL B 13 -16.12 2.78 -6.75
CA VAL B 13 -15.82 4.03 -6.07
C VAL B 13 -16.94 4.40 -5.10
N GLY B 14 -16.65 5.29 -4.17
CA GLY B 14 -17.64 5.70 -3.19
C GLY B 14 -17.95 4.56 -2.23
N LEU B 15 -17.42 3.38 -2.55
CA LEU B 15 -17.64 2.20 -1.72
C LEU B 15 -16.86 2.33 -0.41
N LEU B 16 -15.72 3.00 -0.48
CA LEU B 16 -14.88 3.18 0.70
C LEU B 16 -15.71 3.73 1.87
N GLY A 1 9.27 10.74 20.89
CA GLY A 1 7.81 11.07 20.92
C GLY A 1 7.21 10.83 19.54
N PRO A 2 7.59 11.62 18.57
CA PRO A 2 7.09 11.50 17.18
C PRO A 2 7.70 10.31 16.44
N ALA A 3 6.89 9.28 16.20
CA ALA A 3 7.35 8.09 15.52
C ALA A 3 6.18 7.18 15.15
N SER A 4 6.36 6.39 14.09
CA SER A 4 5.31 5.49 13.64
C SER A 4 5.02 4.44 14.71
N VAL A 5 3.74 4.17 14.94
CA VAL A 5 3.33 3.18 15.94
C VAL A 5 1.98 2.56 15.56
N PRO A 6 1.93 1.94 14.41
CA PRO A 6 0.68 1.28 13.91
C PRO A 6 0.39 -0.03 14.65
N THR A 7 -0.39 0.06 15.72
CA THR A 7 -0.73 -1.12 16.49
C THR A 7 -1.55 -2.10 15.66
N THR A 8 -2.45 -1.56 14.85
CA THR A 8 -3.30 -2.40 14.00
C THR A 8 -2.51 -2.90 12.79
N CYS A 9 -1.98 -1.96 12.00
CA CYS A 9 -1.20 -2.31 10.82
C CYS A 9 -2.00 -3.27 9.93
N CYS A 10 -3.25 -2.92 9.67
CA CYS A 10 -4.12 -3.75 8.83
C CYS A 10 -3.96 -5.23 9.18
N PHE A 11 -4.53 -6.09 8.35
CA PHE A 11 -4.45 -7.53 8.58
C PHE A 11 -3.05 -8.03 8.25
N ASN A 12 -2.69 -7.98 6.97
CA ASN A 12 -1.38 -8.42 6.52
C ASN A 12 -1.01 -7.74 5.20
N LEU A 13 -1.58 -8.23 4.10
CA LEU A 13 -1.32 -7.66 2.77
C LEU A 13 -2.64 -7.35 2.07
N ALA A 14 -2.56 -6.59 0.97
CA ALA A 14 -3.76 -6.24 0.22
C ALA A 14 -4.23 -7.39 -0.67
N ASN A 15 -4.68 -7.05 -1.88
CA ASN A 15 -5.16 -8.06 -2.83
C ASN A 15 -4.70 -7.74 -4.24
N ARG A 16 -5.56 -7.08 -5.01
CA ARG A 16 -5.25 -6.74 -6.40
C ARG A 16 -4.37 -5.48 -6.48
N LYS A 17 -4.47 -4.80 -7.62
CA LYS A 17 -3.69 -3.59 -7.86
C LYS A 17 -4.40 -2.36 -7.29
N ILE A 18 -3.62 -1.51 -6.62
CA ILE A 18 -4.17 -0.28 -6.04
C ILE A 18 -4.23 0.80 -7.13
N PRO A 19 -5.28 1.58 -7.21
CA PRO A 19 -5.39 2.65 -8.24
C PRO A 19 -4.35 3.76 -8.01
N LEU A 20 -3.34 3.80 -8.87
CA LEU A 20 -2.27 4.79 -8.76
C LEU A 20 -2.85 6.21 -8.59
N GLN A 21 -3.89 6.51 -9.36
CA GLN A 21 -4.51 7.83 -9.31
C GLN A 21 -4.75 8.31 -7.88
N ARG A 22 -4.93 7.37 -6.95
CA ARG A 22 -5.19 7.72 -5.55
C ARG A 22 -3.92 7.57 -4.70
N LEU A 23 -3.02 6.71 -5.14
CA LEU A 23 -1.78 6.47 -4.42
C LEU A 23 -0.99 7.77 -4.25
N GLU A 24 -0.63 8.08 -3.00
CA GLU A 24 0.14 9.28 -2.70
C GLU A 24 1.63 8.95 -2.60
N SER A 25 1.97 8.04 -1.69
CA SER A 25 3.36 7.63 -1.50
C SER A 25 3.43 6.26 -0.81
N TYR A 26 4.66 5.74 -0.64
CA TYR A 26 4.85 4.43 0.02
C TYR A 26 5.78 4.58 1.22
N ARG A 27 5.83 3.53 2.05
CA ARG A 27 6.67 3.53 3.25
C ARG A 27 6.92 2.10 3.73
N ARG A 28 8.17 1.77 4.00
CA ARG A 28 8.51 0.42 4.45
C ARG A 28 8.22 0.23 5.93
N ILE A 29 7.81 -0.99 6.30
CA ILE A 29 7.50 -1.33 7.69
C ILE A 29 8.57 -2.26 8.25
N THR A 30 9.12 -1.92 9.40
CA THR A 30 10.16 -2.74 10.03
C THR A 30 10.07 -2.65 11.55
N SER A 31 11.23 -2.61 12.20
CA SER A 31 11.27 -2.51 13.66
C SER A 31 10.55 -3.71 14.28
N GLY A 32 10.41 -4.78 13.51
CA GLY A 32 9.74 -5.98 14.00
C GLY A 32 8.23 -5.83 13.96
N LYS A 33 7.77 -4.61 13.68
CA LYS A 33 6.33 -4.35 13.61
C LYS A 33 5.77 -4.84 12.28
N CYS A 34 4.48 -5.20 12.29
CA CYS A 34 3.82 -5.69 11.09
C CYS A 34 4.54 -6.93 10.54
N PRO A 35 3.85 -7.82 9.85
CA PRO A 35 4.48 -9.04 9.27
C PRO A 35 5.81 -8.75 8.55
N GLN A 36 6.36 -9.77 7.90
CA GLN A 36 7.62 -9.63 7.17
C GLN A 36 7.70 -8.28 6.46
N LYS A 37 8.92 -7.86 6.13
CA LYS A 37 9.13 -6.58 5.45
C LYS A 37 8.04 -6.34 4.40
N ALA A 38 7.56 -5.11 4.34
CA ALA A 38 6.51 -4.76 3.37
C ALA A 38 6.51 -3.25 3.11
N VAL A 39 5.73 -2.82 2.13
CA VAL A 39 5.63 -1.40 1.78
C VAL A 39 4.18 -0.94 1.85
N ILE A 40 3.93 0.11 2.63
CA ILE A 40 2.58 0.63 2.83
C ILE A 40 2.24 1.72 1.82
N PHE A 41 1.39 1.41 0.84
CA PHE A 41 0.96 2.41 -0.13
C PHE A 41 -0.19 3.21 0.46
N LYS A 42 -0.01 4.52 0.61
CA LYS A 42 -1.05 5.37 1.18
C LYS A 42 -1.76 6.16 0.07
N THR A 43 -3.09 6.13 0.11
CA THR A 43 -3.91 6.83 -0.89
C THR A 43 -4.86 7.79 -0.18
N LYS A 44 -5.68 8.48 -0.97
CA LYS A 44 -6.66 9.42 -0.42
C LYS A 44 -7.93 8.71 0.01
N LEU A 45 -7.86 7.39 0.14
CA LEU A 45 -9.02 6.61 0.56
C LEU A 45 -9.43 7.04 1.98
N ALA A 46 -8.90 6.34 2.98
CA ALA A 46 -9.22 6.64 4.37
C ALA A 46 -8.47 5.71 5.32
N LYS A 47 -7.62 4.85 4.77
CA LYS A 47 -6.85 3.91 5.59
C LYS A 47 -5.54 3.54 4.89
N ASP A 48 -4.64 2.94 5.66
CA ASP A 48 -3.34 2.53 5.11
C ASP A 48 -3.42 1.14 4.48
N ILE A 49 -2.78 0.98 3.33
CA ILE A 49 -2.79 -0.29 2.61
C ILE A 49 -1.45 -1.02 2.78
N CYS A 50 -1.50 -2.30 3.11
CA CYS A 50 -0.28 -3.10 3.31
C CYS A 50 0.01 -3.95 2.07
N ALA A 51 1.28 -4.24 1.83
CA ALA A 51 1.66 -5.04 0.66
C ALA A 51 3.12 -5.48 0.74
N ASP A 52 3.40 -6.69 0.23
CA ASP A 52 4.76 -7.24 0.24
C ASP A 52 5.41 -7.15 -1.16
N PRO A 53 6.69 -6.81 -1.25
CA PRO A 53 7.39 -6.72 -2.56
C PRO A 53 7.54 -8.07 -3.26
N LYS A 54 6.44 -8.52 -3.86
CA LYS A 54 6.43 -9.79 -4.58
C LYS A 54 5.34 -9.74 -5.64
N LYS A 55 4.22 -9.09 -5.31
CA LYS A 55 3.11 -8.96 -6.25
C LYS A 55 3.48 -7.88 -7.28
N LYS A 56 3.15 -8.13 -8.54
CA LYS A 56 3.48 -7.20 -9.62
C LYS A 56 3.16 -5.74 -9.29
N TRP A 57 1.91 -5.45 -8.98
CA TRP A 57 1.52 -4.06 -8.70
C TRP A 57 2.36 -3.44 -7.60
N VAL A 58 2.70 -4.22 -6.58
CA VAL A 58 3.50 -3.69 -5.48
C VAL A 58 4.81 -3.13 -6.02
N GLN A 59 5.56 -3.97 -6.75
CA GLN A 59 6.84 -3.56 -7.30
C GLN A 59 6.67 -2.42 -8.31
N ASP A 60 5.55 -2.43 -9.03
CA ASP A 60 5.29 -1.40 -10.03
C ASP A 60 4.92 -0.06 -9.39
N SER A 61 4.29 -0.11 -8.21
CA SER A 61 3.87 1.12 -7.54
C SER A 61 5.08 1.92 -7.04
N MET A 62 5.97 1.27 -6.30
CA MET A 62 7.15 1.97 -5.79
C MET A 62 8.01 2.46 -6.94
N LYS A 63 8.16 1.62 -7.96
CA LYS A 63 8.95 1.97 -9.13
C LYS A 63 8.32 3.18 -9.82
N TYR A 64 7.01 3.17 -9.92
CA TYR A 64 6.27 4.27 -10.54
C TYR A 64 6.56 5.57 -9.79
N LEU A 65 6.54 5.50 -8.47
CA LEU A 65 6.78 6.68 -7.65
C LEU A 65 8.22 7.15 -7.79
N ASP A 66 9.08 6.26 -8.26
CA ASP A 66 10.48 6.59 -8.43
C ASP A 66 10.66 7.70 -9.47
N GLN A 67 9.78 7.70 -10.47
CA GLN A 67 9.85 8.70 -11.53
C GLN A 67 9.59 10.10 -10.97
N LYS A 68 8.46 10.26 -10.28
CA LYS A 68 8.11 11.55 -9.69
C LYS A 68 8.82 11.77 -8.37
N SER A 69 9.25 10.67 -7.74
CA SER A 69 9.95 10.76 -6.46
C SER A 69 9.23 11.72 -5.52
N PRO A 70 8.26 11.24 -4.78
CA PRO A 70 7.49 12.09 -3.83
C PRO A 70 8.20 12.22 -2.48
N THR A 71 8.33 13.45 -2.01
CA THR A 71 9.00 13.70 -0.72
C THR A 71 10.37 13.02 -0.68
N PRO A 72 11.23 13.38 -1.59
CA PRO A 72 12.60 12.79 -1.66
C PRO A 72 13.52 13.35 -0.57
N LYS A 73 13.27 12.92 0.66
CA LYS A 73 14.08 13.38 1.80
C LYS A 73 13.81 12.51 3.02
N PRO A 74 14.77 12.38 3.91
CA PRO A 74 14.61 11.55 5.14
C PRO A 74 13.67 12.21 6.16
N VAL B 1 -1.40 -21.87 -5.75
CA VAL B 1 -1.70 -21.30 -4.41
C VAL B 1 -2.79 -20.24 -4.53
N GLU B 2 -3.45 -19.95 -3.42
CA GLU B 2 -4.52 -18.95 -3.42
C GLU B 2 -3.94 -17.55 -3.37
N THR B 3 -3.61 -17.01 -4.54
CA THR B 3 -3.03 -15.66 -4.62
C THR B 3 -3.98 -14.65 -3.99
N PHE B 4 -3.42 -13.53 -3.54
CA PHE B 4 -4.22 -12.48 -2.91
C PHE B 4 -5.00 -11.72 -3.98
N GLY B 5 -6.26 -12.10 -4.19
CA GLY B 5 -7.09 -11.44 -5.20
C GLY B 5 -8.57 -11.53 -4.83
N THR B 6 -9.41 -10.88 -5.65
CA THR B 6 -10.85 -10.89 -5.41
C THR B 6 -11.60 -10.56 -6.70
N THR B 7 -11.74 -9.26 -6.99
CA THR B 7 -12.44 -8.82 -8.18
C THR B 7 -12.08 -7.37 -8.52
N SER B 8 -12.85 -6.43 -7.97
CA SER B 8 -12.61 -5.00 -8.21
C SER B 8 -12.27 -4.31 -6.90
N TYS B 9 -11.18 -3.55 -6.89
CA TYS B 9 -10.76 -2.84 -5.69
CB TYS B 9 -9.24 -2.55 -5.74
CG TYS B 9 -8.63 -2.75 -4.36
CD1 TYS B 9 -8.12 -1.65 -3.66
CD2 TYS B 9 -8.59 -4.02 -3.80
CE1 TYS B 9 -7.58 -1.84 -2.38
CE2 TYS B 9 -8.05 -4.21 -2.52
CZ TYS B 9 -7.54 -3.12 -1.81
OH TYS B 9 -7.01 -3.30 -0.55
S TYS B 9 -7.89 -3.82 0.59
O1 TYS B 9 -8.46 -2.66 1.33
O2 TYS B 9 -9.00 -4.65 0.03
O3 TYS B 9 -7.08 -4.65 1.52
C TYS B 9 -11.56 -1.54 -5.52
O TYS B 9 -12.10 -1.27 -4.44
H TYS B 9 -10.64 -3.46 -7.71
HA TYS B 9 -10.96 -3.47 -4.83
HB2 TYS B 9 -8.77 -3.23 -6.43
HB3 TYS B 9 -9.06 -1.53 -6.07
HD1 TYS B 9 -8.14 -0.67 -4.10
HD2 TYS B 9 -8.99 -4.87 -4.35
HE1 TYS B 9 -7.19 -1.01 -1.83
HE2 TYS B 9 -8.02 -5.20 -2.09
N TYS B 10 -11.64 -0.75 -6.58
CA TYS B 10 -12.39 0.51 -6.54
CB TYS B 10 -11.49 1.66 -6.08
CG TYS B 10 -11.14 1.50 -4.61
CD1 TYS B 10 -12.16 1.53 -3.63
CD2 TYS B 10 -9.80 1.33 -4.21
CE1 TYS B 10 -11.83 1.39 -2.28
CE2 TYS B 10 -9.49 1.19 -2.85
CZ TYS B 10 -10.49 1.22 -1.89
OH TYS B 10 -10.18 1.08 -0.55
S TYS B 10 -10.20 -0.31 0.10
O1 TYS B 10 -9.19 -0.36 1.19
O2 TYS B 10 -11.56 -0.58 0.66
O3 TYS B 10 -9.88 -1.34 -0.93
C TYS B 10 -12.94 0.84 -7.93
O TYS B 10 -12.77 1.95 -8.42
H TYS B 10 -11.20 -1.02 -7.41
HA TYS B 10 -13.21 0.40 -5.86
HB2 TYS B 10 -10.58 1.66 -6.66
HB3 TYS B 10 -12.00 2.59 -6.21
HD1 TYS B 10 -13.18 1.67 -3.93
HD2 TYS B 10 -9.02 1.30 -4.95
HE1 TYS B 10 -12.62 1.41 -1.54
HE2 TYS B 10 -8.46 1.06 -2.56
N ASP B 11 -13.61 -0.13 -8.54
CA ASP B 11 -14.19 0.08 -9.86
C ASP B 11 -15.46 0.92 -9.76
N ASP B 12 -16.14 0.82 -8.63
CA ASP B 12 -17.36 1.57 -8.41
C ASP B 12 -17.06 3.05 -8.20
N VAL B 13 -15.88 3.33 -7.63
CA VAL B 13 -15.45 4.70 -7.37
C VAL B 13 -16.32 5.35 -6.29
N GLY B 14 -17.63 5.08 -6.33
CA GLY B 14 -18.53 5.63 -5.34
C GLY B 14 -18.21 5.09 -3.96
N LEU B 15 -17.35 4.08 -3.92
CA LEU B 15 -16.95 3.46 -2.66
C LEU B 15 -15.91 4.33 -1.96
N LEU B 16 -16.37 5.19 -1.05
CA LEU B 16 -15.47 6.07 -0.32
C LEU B 16 -16.25 6.85 0.74
N GLY A 1 6.26 12.02 17.85
CA GLY A 1 5.05 11.19 18.08
C GLY A 1 5.12 9.92 17.25
N PRO A 2 5.94 8.99 17.66
CA PRO A 2 6.11 7.69 16.93
C PRO A 2 4.77 7.05 16.57
N ALA A 3 4.59 6.75 15.29
CA ALA A 3 3.35 6.14 14.83
C ALA A 3 3.43 5.80 13.34
N SER A 4 2.53 4.94 12.88
CA SER A 4 2.51 4.56 11.47
C SER A 4 1.17 3.92 11.11
N VAL A 5 0.56 3.25 12.09
CA VAL A 5 -0.73 2.59 11.87
C VAL A 5 -1.52 2.53 13.18
N PRO A 6 -2.83 2.53 13.13
CA PRO A 6 -3.67 2.47 14.37
C PRO A 6 -3.65 1.08 14.99
N THR A 7 -4.62 0.25 14.62
CA THR A 7 -4.70 -1.10 15.17
C THR A 7 -3.71 -2.02 14.46
N THR A 8 -2.50 -2.10 15.00
CA THR A 8 -1.46 -2.94 14.41
C THR A 8 -1.31 -2.65 12.92
N CYS A 9 -0.84 -3.63 12.17
CA CYS A 9 -0.66 -3.47 10.74
C CYS A 9 -2.01 -3.48 10.02
N CYS A 10 -2.35 -4.62 9.44
CA CYS A 10 -3.62 -4.76 8.73
C CYS A 10 -3.92 -6.23 8.44
N PHE A 11 -4.76 -6.47 7.45
CA PHE A 11 -5.11 -7.84 7.07
C PHE A 11 -3.95 -8.51 6.36
N ASN A 12 -2.77 -7.90 6.47
CA ASN A 12 -1.57 -8.44 5.83
C ASN A 12 -1.64 -8.23 4.32
N LEU A 13 -0.67 -7.49 3.81
CA LEU A 13 -0.62 -7.20 2.37
C LEU A 13 -1.97 -6.69 1.87
N ALA A 14 -2.24 -6.89 0.59
CA ALA A 14 -3.49 -6.43 0.00
C ALA A 14 -3.78 -7.17 -1.30
N ASN A 15 -5.00 -7.66 -1.44
CA ASN A 15 -5.38 -8.37 -2.65
C ASN A 15 -5.54 -7.41 -3.83
N ARG A 16 -5.40 -7.93 -5.04
CA ARG A 16 -5.53 -7.11 -6.23
C ARG A 16 -4.46 -6.02 -6.25
N LYS A 17 -4.88 -4.76 -6.41
CA LYS A 17 -3.95 -3.66 -6.45
C LYS A 17 -4.64 -2.33 -6.15
N ILE A 18 -3.87 -1.39 -5.58
CA ILE A 18 -4.42 -0.08 -5.26
C ILE A 18 -4.31 0.84 -6.50
N PRO A 19 -5.31 1.65 -6.79
CA PRO A 19 -5.26 2.56 -7.97
C PRO A 19 -4.15 3.61 -7.81
N LEU A 20 -3.30 3.73 -8.83
CA LEU A 20 -2.20 4.69 -8.79
C LEU A 20 -2.71 6.13 -8.67
N GLN A 21 -3.78 6.43 -9.40
CA GLN A 21 -4.35 7.78 -9.39
C GLN A 21 -4.57 8.31 -7.97
N ARG A 22 -4.87 7.42 -7.03
CA ARG A 22 -5.13 7.83 -5.64
C ARG A 22 -3.89 7.64 -4.76
N LEU A 23 -2.97 6.81 -5.25
CA LEU A 23 -1.74 6.53 -4.52
C LEU A 23 -0.94 7.83 -4.32
N GLU A 24 -0.60 8.13 -3.07
CA GLU A 24 0.18 9.32 -2.75
C GLU A 24 1.67 8.97 -2.65
N SER A 25 2.00 8.05 -1.74
CA SER A 25 3.39 7.64 -1.56
C SER A 25 3.47 6.28 -0.87
N TYR A 26 4.68 5.71 -0.81
CA TYR A 26 4.88 4.40 -0.16
C TYR A 26 5.78 4.55 1.07
N ARG A 27 5.89 3.47 1.84
CA ARG A 27 6.71 3.48 3.04
C ARG A 27 6.84 2.07 3.62
N ARG A 28 8.00 1.76 4.17
CA ARG A 28 8.22 0.43 4.75
C ARG A 28 7.69 0.38 6.19
N ILE A 29 7.33 -0.83 6.63
CA ILE A 29 6.80 -1.02 7.98
C ILE A 29 7.92 -1.43 8.94
N THR A 30 8.40 -2.67 8.78
CA THR A 30 9.47 -3.19 9.62
C THR A 30 9.32 -2.72 11.06
N SER A 31 8.07 -2.63 11.51
CA SER A 31 7.79 -2.20 12.89
C SER A 31 6.44 -2.73 13.36
N GLY A 32 6.04 -2.32 14.54
CA GLY A 32 4.76 -2.76 15.10
C GLY A 32 4.63 -4.29 14.98
N LYS A 33 5.74 -4.94 14.68
CA LYS A 33 5.75 -6.40 14.55
C LYS A 33 4.82 -6.83 13.41
N CYS A 34 5.08 -6.31 12.22
CA CYS A 34 4.27 -6.65 11.06
C CYS A 34 4.57 -8.10 10.62
N PRO A 35 3.60 -8.85 10.15
CA PRO A 35 3.82 -10.25 9.70
C PRO A 35 5.15 -10.42 8.99
N GLN A 36 5.53 -9.42 8.20
CA GLN A 36 6.78 -9.47 7.46
C GLN A 36 7.04 -8.15 6.75
N LYS A 37 8.31 -7.85 6.49
CA LYS A 37 8.68 -6.61 5.82
C LYS A 37 7.76 -6.37 4.62
N ALA A 38 7.32 -5.13 4.45
CA ALA A 38 6.44 -4.80 3.33
C ALA A 38 6.43 -3.29 3.10
N VAL A 39 5.79 -2.85 2.01
CA VAL A 39 5.70 -1.44 1.66
C VAL A 39 4.23 -0.99 1.67
N ILE A 40 3.93 -0.01 2.50
CA ILE A 40 2.56 0.49 2.65
C ILE A 40 2.26 1.62 1.67
N PHE A 41 1.34 1.37 0.74
CA PHE A 41 0.93 2.40 -0.22
C PHE A 41 -0.24 3.18 0.37
N LYS A 42 -0.06 4.48 0.56
CA LYS A 42 -1.11 5.31 1.14
C LYS A 42 -1.85 6.08 0.04
N THR A 43 -3.12 6.33 0.28
CA THR A 43 -3.96 7.06 -0.68
C THR A 43 -5.03 7.85 0.06
N LYS A 44 -5.72 8.72 -0.67
CA LYS A 44 -6.78 9.54 -0.07
C LYS A 44 -8.05 8.72 0.13
N LEU A 45 -7.89 7.44 0.44
CA LEU A 45 -9.04 6.57 0.65
C LEU A 45 -9.62 6.81 2.05
N ALA A 46 -9.06 6.16 3.06
CA ALA A 46 -9.54 6.32 4.42
C ALA A 46 -8.61 5.63 5.42
N LYS A 47 -7.69 4.82 4.91
CA LYS A 47 -6.75 4.10 5.78
C LYS A 47 -5.51 3.66 5.00
N ASP A 48 -4.57 3.05 5.71
CA ASP A 48 -3.33 2.58 5.10
C ASP A 48 -3.51 1.18 4.52
N ILE A 49 -2.75 0.88 3.46
CA ILE A 49 -2.81 -0.43 2.81
C ILE A 49 -1.45 -1.12 2.88
N CYS A 50 -1.47 -2.45 3.02
CA CYS A 50 -0.22 -3.22 3.11
C CYS A 50 0.10 -3.88 1.78
N ALA A 51 1.35 -4.32 1.61
CA ALA A 51 1.76 -4.95 0.36
C ALA A 51 3.21 -5.45 0.45
N ASP A 52 3.43 -6.68 0.00
CA ASP A 52 4.77 -7.29 0.02
C ASP A 52 5.46 -7.13 -1.35
N PRO A 53 6.74 -6.77 -1.39
CA PRO A 53 7.47 -6.60 -2.69
C PRO A 53 7.61 -7.91 -3.46
N LYS A 54 6.48 -8.46 -3.90
CA LYS A 54 6.46 -9.72 -4.66
C LYS A 54 5.46 -9.61 -5.80
N LYS A 55 4.26 -9.13 -5.47
CA LYS A 55 3.21 -8.96 -6.47
C LYS A 55 3.60 -7.86 -7.44
N LYS A 56 3.20 -8.00 -8.70
CA LYS A 56 3.54 -7.03 -9.74
C LYS A 56 3.17 -5.59 -9.38
N TRP A 57 1.89 -5.34 -9.09
CA TRP A 57 1.46 -3.98 -8.78
C TRP A 57 2.25 -3.37 -7.63
N VAL A 58 2.83 -4.20 -6.78
CA VAL A 58 3.60 -3.68 -5.66
C VAL A 58 4.93 -3.14 -6.15
N GLN A 59 5.69 -3.97 -6.88
CA GLN A 59 6.98 -3.55 -7.39
C GLN A 59 6.82 -2.41 -8.39
N ASP A 60 5.71 -2.43 -9.13
CA ASP A 60 5.46 -1.40 -10.13
C ASP A 60 5.04 -0.07 -9.48
N SER A 61 4.40 -0.14 -8.32
CA SER A 61 3.95 1.08 -7.64
C SER A 61 5.13 1.90 -7.13
N MET A 62 6.04 1.27 -6.39
CA MET A 62 7.20 1.99 -5.85
C MET A 62 8.06 2.51 -7.00
N LYS A 63 8.25 1.66 -8.02
CA LYS A 63 9.03 2.04 -9.17
C LYS A 63 8.41 3.25 -9.86
N TYR A 64 7.08 3.22 -9.97
CA TYR A 64 6.34 4.31 -10.60
C TYR A 64 6.61 5.61 -9.83
N LEU A 65 6.63 5.52 -8.50
CA LEU A 65 6.86 6.69 -7.67
C LEU A 65 8.31 7.15 -7.77
N ASP A 66 9.18 6.25 -8.22
CA ASP A 66 10.59 6.56 -8.34
C ASP A 66 10.81 7.59 -9.46
N GLN A 67 9.98 7.53 -10.49
CA GLN A 67 10.09 8.45 -11.61
C GLN A 67 9.82 9.88 -11.16
N LYS A 68 8.66 10.08 -10.53
CA LYS A 68 8.28 11.41 -10.06
C LYS A 68 8.99 11.74 -8.75
N SER A 69 9.32 10.70 -7.98
CA SER A 69 10.01 10.90 -6.70
C SER A 69 9.28 11.94 -5.85
N PRO A 70 8.27 11.53 -5.10
CA PRO A 70 7.50 12.46 -4.24
C PRO A 70 8.17 12.67 -2.87
N THR A 71 8.03 13.88 -2.35
CA THR A 71 8.62 14.22 -1.05
C THR A 71 7.84 15.34 -0.38
N PRO A 72 6.58 15.12 -0.12
CA PRO A 72 5.69 16.13 0.53
C PRO A 72 5.96 16.25 2.04
N LYS A 73 5.89 15.11 2.73
CA LYS A 73 6.13 15.11 4.17
C LYS A 73 5.26 16.16 4.86
N PRO A 74 3.97 15.97 4.83
CA PRO A 74 3.00 16.92 5.47
C PRO A 74 2.90 16.72 6.98
N VAL B 1 -10.03 -12.65 -3.56
CA VAL B 1 -9.66 -12.64 -2.12
C VAL B 1 -8.74 -13.82 -1.81
N GLU B 2 -9.28 -15.03 -1.93
CA GLU B 2 -8.50 -16.23 -1.68
C GLU B 2 -7.52 -16.49 -2.82
N THR B 3 -6.91 -15.42 -3.33
CA THR B 3 -5.96 -15.54 -4.42
C THR B 3 -5.11 -14.28 -4.54
N PHE B 4 -5.60 -13.18 -3.97
CA PHE B 4 -4.87 -11.92 -4.00
C PHE B 4 -4.53 -11.55 -5.44
N GLY B 5 -5.56 -11.39 -6.27
CA GLY B 5 -5.36 -11.04 -7.67
C GLY B 5 -6.59 -11.42 -8.50
N THR B 6 -7.32 -10.41 -8.96
CA THR B 6 -8.52 -10.65 -9.76
C THR B 6 -8.96 -9.39 -10.49
N THR B 7 -10.04 -8.77 -10.02
CA THR B 7 -10.56 -7.56 -10.62
C THR B 7 -9.80 -6.33 -10.14
N SER B 8 -10.42 -5.16 -10.30
CA SER B 8 -9.79 -3.91 -9.87
C SER B 8 -9.62 -3.88 -8.36
N TYS B 9 -10.25 -2.91 -7.71
CA TYS B 9 -10.16 -2.78 -6.26
CB TYS B 9 -8.74 -2.34 -5.87
CG TYS B 9 -8.55 -2.46 -4.38
CD1 TYS B 9 -8.59 -3.72 -3.76
CD2 TYS B 9 -8.33 -1.32 -3.61
CE1 TYS B 9 -8.41 -3.83 -2.38
CE2 TYS B 9 -8.15 -1.43 -2.22
CZ TYS B 9 -8.19 -2.69 -1.61
OH TYS B 9 -8.02 -2.80 -0.25
S TYS B 9 -6.60 -2.78 0.35
O1 TYS B 9 -6.46 -1.63 1.29
O2 TYS B 9 -6.36 -4.05 1.09
O3 TYS B 9 -5.60 -2.65 -0.75
C TYS B 9 -11.18 -1.78 -5.74
O TYS B 9 -11.58 -1.84 -4.57
H TYS B 9 -10.79 -2.26 -8.21
HA TYS B 9 -10.35 -3.74 -5.81
HB2 TYS B 9 -8.03 -2.97 -6.38
HB3 TYS B 9 -8.59 -1.32 -6.18
HD1 TYS B 9 -8.76 -4.61 -4.36
HD2 TYS B 9 -8.30 -0.35 -4.07
HE1 TYS B 9 -8.44 -4.81 -1.90
HE2 TYS B 9 -7.98 -0.54 -1.62
N TYS B 10 -11.62 -0.88 -6.61
CA TYS B 10 -12.63 0.13 -6.25
CB TYS B 10 -11.96 1.45 -5.80
CG TYS B 10 -11.48 1.33 -4.37
CD1 TYS B 10 -12.39 1.07 -3.32
CD2 TYS B 10 -10.11 1.50 -4.06
CE1 TYS B 10 -11.93 0.98 -2.00
CE2 TYS B 10 -9.67 1.40 -2.74
CZ TYS B 10 -10.57 1.14 -1.71
OH TYS B 10 -10.13 1.04 -0.41
S TYS B 10 -10.96 1.65 0.74
O1 TYS B 10 -11.49 0.56 1.60
O2 TYS B 10 -10.08 2.54 1.56
O3 TYS B 10 -12.08 2.45 0.18
C TYS B 10 -13.54 0.40 -7.45
O TYS B 10 -13.71 1.55 -7.86
H TYS B 10 -11.28 -0.89 -7.53
HA TYS B 10 -13.24 -0.26 -5.44
HB2 TYS B 10 -11.12 1.66 -6.44
HB3 TYS B 10 -12.67 2.25 -5.87
HD1 TYS B 10 -13.44 0.95 -3.53
HD2 TYS B 10 -9.40 1.70 -4.86
HE1 TYS B 10 -12.64 0.78 -1.20
HE2 TYS B 10 -8.61 1.53 -2.52
N ASP B 11 -14.11 -0.65 -8.01
CA ASP B 11 -15.00 -0.51 -9.15
C ASP B 11 -16.34 0.07 -8.72
N ASP B 12 -16.67 -0.08 -7.45
CA ASP B 12 -17.92 0.43 -6.92
C ASP B 12 -17.85 1.94 -6.71
N VAL B 13 -16.65 2.43 -6.42
CA VAL B 13 -16.45 3.86 -6.19
C VAL B 13 -17.26 4.33 -4.99
N GLY B 14 -18.58 4.39 -5.16
CA GLY B 14 -19.46 4.83 -4.08
C GLY B 14 -19.15 4.08 -2.79
N LEU B 15 -18.32 3.04 -2.89
CA LEU B 15 -17.95 2.24 -1.72
C LEU B 15 -17.63 3.16 -0.54
N LEU B 16 -16.63 4.01 -0.72
CA LEU B 16 -16.23 4.93 0.35
C LEU B 16 -17.44 5.72 0.84
N GLY A 1 1.49 9.78 13.26
CA GLY A 1 2.93 10.14 13.19
C GLY A 1 3.65 9.63 14.43
N PRO A 2 3.23 10.07 15.59
CA PRO A 2 3.85 9.65 16.88
C PRO A 2 4.07 8.13 16.95
N ALA A 3 3.30 7.39 16.15
CA ALA A 3 3.43 5.94 16.14
C ALA A 3 2.76 5.37 14.89
N SER A 4 2.66 4.04 14.84
CA SER A 4 2.04 3.38 13.70
C SER A 4 1.62 1.96 14.07
N VAL A 5 0.73 1.85 15.05
CA VAL A 5 0.25 0.55 15.51
C VAL A 5 -1.19 0.66 16.00
N PRO A 6 -2.13 0.73 15.11
CA PRO A 6 -3.58 0.84 15.47
C PRO A 6 -4.00 -0.21 16.50
N THR A 7 -3.90 -1.48 16.13
CA THR A 7 -4.27 -2.56 17.02
C THR A 7 -3.97 -3.92 16.39
N THR A 8 -3.80 -3.92 15.07
CA THR A 8 -3.51 -5.16 14.34
C THR A 8 -2.74 -4.85 13.06
N CYS A 9 -1.84 -3.87 13.13
CA CYS A 9 -1.04 -3.49 11.98
C CYS A 9 -1.95 -3.23 10.77
N CYS A 10 -2.25 -4.27 10.03
CA CYS A 10 -3.10 -4.14 8.84
C CYS A 10 -3.44 -5.51 8.28
N PHE A 11 -3.99 -6.38 9.12
CA PHE A 11 -4.36 -7.72 8.68
C PHE A 11 -3.15 -8.42 8.05
N ASN A 12 -2.94 -8.17 6.76
CA ASN A 12 -1.80 -8.76 6.05
C ASN A 12 -1.87 -8.40 4.56
N LEU A 13 -0.84 -7.69 4.10
CA LEU A 13 -0.77 -7.28 2.70
C LEU A 13 -2.12 -6.71 2.25
N ALA A 14 -2.62 -7.19 1.11
CA ALA A 14 -3.89 -6.72 0.58
C ALA A 14 -4.53 -7.76 -0.33
N ASN A 15 -4.37 -7.58 -1.64
CA ASN A 15 -4.93 -8.52 -2.60
C ASN A 15 -4.59 -8.07 -4.02
N ARG A 16 -5.56 -7.43 -4.69
CA ARG A 16 -5.35 -6.96 -6.05
C ARG A 16 -4.30 -5.85 -6.07
N LYS A 17 -4.61 -4.74 -6.75
CA LYS A 17 -3.68 -3.62 -6.85
C LYS A 17 -4.39 -2.30 -6.54
N ILE A 18 -3.69 -1.40 -5.87
CA ILE A 18 -4.24 -0.10 -5.51
C ILE A 18 -4.20 0.82 -6.73
N PRO A 19 -5.22 1.62 -6.99
CA PRO A 19 -5.23 2.55 -8.15
C PRO A 19 -4.11 3.60 -8.04
N LEU A 20 -3.33 3.74 -9.11
CA LEU A 20 -2.21 4.69 -9.13
C LEU A 20 -2.70 6.14 -9.09
N GLN A 21 -3.92 6.38 -9.56
CA GLN A 21 -4.46 7.74 -9.58
C GLN A 21 -4.65 8.31 -8.18
N ARG A 22 -4.91 7.44 -7.20
CA ARG A 22 -5.13 7.88 -5.82
C ARG A 22 -3.85 7.76 -4.98
N LEU A 23 -3.20 6.61 -5.09
CA LEU A 23 -1.96 6.33 -4.34
C LEU A 23 -1.10 7.61 -4.26
N GLU A 24 -0.54 7.87 -3.07
CA GLU A 24 0.30 9.06 -2.87
C GLU A 24 1.77 8.69 -2.74
N SER A 25 2.10 7.89 -1.71
CA SER A 25 3.47 7.45 -1.48
C SER A 25 3.48 6.08 -0.81
N TYR A 26 4.68 5.58 -0.48
CA TYR A 26 4.81 4.28 0.18
C TYR A 26 5.67 4.39 1.43
N ARG A 27 5.52 3.42 2.34
CA ARG A 27 6.28 3.41 3.60
C ARG A 27 6.49 1.96 4.07
N ARG A 28 7.72 1.63 4.45
CA ARG A 28 8.05 0.28 4.90
C ARG A 28 7.73 0.10 6.38
N ILE A 29 7.35 -1.13 6.75
CA ILE A 29 7.02 -1.46 8.14
C ILE A 29 8.12 -2.37 8.72
N THR A 30 8.89 -1.83 9.66
CA THR A 30 9.96 -2.60 10.29
C THR A 30 10.14 -2.18 11.74
N SER A 31 10.21 -0.87 11.97
CA SER A 31 10.37 -0.35 13.32
C SER A 31 9.41 -1.03 14.28
N GLY A 32 8.16 -1.16 13.86
CA GLY A 32 7.14 -1.80 14.69
C GLY A 32 7.27 -3.33 14.63
N LYS A 33 6.31 -3.96 13.96
CA LYS A 33 6.31 -5.42 13.83
C LYS A 33 5.57 -5.84 12.56
N CYS A 34 4.24 -5.82 12.62
CA CYS A 34 3.42 -6.20 11.47
C CYS A 34 3.76 -7.62 11.02
N PRO A 35 2.81 -8.32 10.43
CA PRO A 35 3.04 -9.72 9.94
C PRO A 35 4.46 -9.94 9.42
N GLN A 36 4.86 -9.16 8.44
CA GLN A 36 6.20 -9.31 7.86
C GLN A 36 6.61 -8.07 7.08
N LYS A 37 7.93 -7.90 6.91
CA LYS A 37 8.47 -6.76 6.17
C LYS A 37 7.68 -6.53 4.89
N ALA A 38 7.27 -5.28 4.66
CA ALA A 38 6.50 -4.96 3.47
C ALA A 38 6.39 -3.45 3.26
N VAL A 39 5.86 -3.05 2.10
CA VAL A 39 5.69 -1.62 1.78
C VAL A 39 4.22 -1.23 1.91
N ILE A 40 3.95 -0.07 2.50
CA ILE A 40 2.57 0.39 2.70
C ILE A 40 2.22 1.57 1.80
N PHE A 41 1.39 1.31 0.78
CA PHE A 41 0.96 2.39 -0.12
C PHE A 41 -0.20 3.14 0.52
N LYS A 42 0.00 4.43 0.76
CA LYS A 42 -1.04 5.26 1.38
C LYS A 42 -1.66 6.20 0.36
N THR A 43 -2.98 6.10 0.21
CA THR A 43 -3.71 6.94 -0.75
C THR A 43 -4.54 7.99 -0.01
N LYS A 44 -5.27 8.80 -0.77
CA LYS A 44 -6.09 9.84 -0.17
C LYS A 44 -7.45 9.28 0.23
N LEU A 45 -7.57 7.95 0.24
CA LEU A 45 -8.82 7.30 0.61
C LEU A 45 -9.16 7.62 2.07
N ALA A 46 -8.79 6.73 2.99
CA ALA A 46 -9.07 6.94 4.40
C ALA A 46 -8.39 5.89 5.28
N LYS A 47 -7.52 5.08 4.68
CA LYS A 47 -6.82 4.04 5.45
C LYS A 47 -5.51 3.64 4.76
N ASP A 48 -4.71 2.84 5.46
CA ASP A 48 -3.42 2.38 4.94
C ASP A 48 -3.57 0.99 4.31
N ILE A 49 -2.72 0.71 3.32
CA ILE A 49 -2.75 -0.58 2.62
C ILE A 49 -1.36 -1.20 2.60
N CYS A 50 -1.26 -2.47 3.01
CA CYS A 50 0.04 -3.15 3.05
C CYS A 50 0.21 -4.04 1.82
N ALA A 51 1.46 -4.38 1.51
CA ALA A 51 1.75 -5.22 0.34
C ALA A 51 3.21 -5.66 0.35
N ASP A 52 3.44 -6.95 0.09
CA ASP A 52 4.79 -7.50 0.08
C ASP A 52 5.47 -7.25 -1.28
N PRO A 53 6.74 -6.87 -1.32
CA PRO A 53 7.45 -6.62 -2.61
C PRO A 53 7.64 -7.90 -3.43
N LYS A 54 6.52 -8.47 -3.88
CA LYS A 54 6.53 -9.68 -4.69
C LYS A 54 5.52 -9.55 -5.82
N LYS A 55 4.35 -9.03 -5.49
CA LYS A 55 3.30 -8.83 -6.48
C LYS A 55 3.69 -7.70 -7.44
N LYS A 56 3.41 -7.89 -8.72
CA LYS A 56 3.78 -6.91 -9.74
C LYS A 56 3.41 -5.46 -9.36
N TRP A 57 2.13 -5.21 -9.08
CA TRP A 57 1.70 -3.85 -8.77
C TRP A 57 2.48 -3.26 -7.60
N VAL A 58 2.91 -4.09 -6.67
CA VAL A 58 3.67 -3.59 -5.53
C VAL A 58 5.00 -3.02 -6.01
N GLN A 59 5.76 -3.83 -6.74
CA GLN A 59 7.06 -3.40 -7.25
C GLN A 59 6.90 -2.29 -8.28
N ASP A 60 5.81 -2.35 -9.05
CA ASP A 60 5.56 -1.36 -10.08
C ASP A 60 5.09 -0.03 -9.49
N SER A 61 4.25 -0.11 -8.46
CA SER A 61 3.73 1.10 -7.83
C SER A 61 4.84 2.02 -7.34
N MET A 62 5.79 1.47 -6.56
CA MET A 62 6.88 2.30 -6.05
C MET A 62 7.76 2.79 -7.20
N LYS A 63 7.97 1.92 -8.18
CA LYS A 63 8.79 2.29 -9.34
C LYS A 63 8.16 3.49 -10.04
N TYR A 64 6.84 3.45 -10.15
CA TYR A 64 6.10 4.55 -10.79
C TYR A 64 6.30 5.83 -9.97
N LEU A 65 6.39 5.67 -8.65
CA LEU A 65 6.58 6.81 -7.77
C LEU A 65 8.01 7.32 -7.86
N ASP A 66 8.91 6.46 -8.35
CA ASP A 66 10.31 6.82 -8.49
C ASP A 66 10.50 7.82 -9.63
N GLN A 67 9.67 7.69 -10.66
CA GLN A 67 9.77 8.59 -11.81
C GLN A 67 9.45 10.03 -11.41
N LYS A 68 8.29 10.22 -10.78
CA LYS A 68 7.89 11.56 -10.36
C LYS A 68 8.66 11.99 -9.12
N SER A 69 8.97 11.04 -8.25
CA SER A 69 9.72 11.34 -7.03
C SER A 69 8.96 12.36 -6.17
N PRO A 70 8.04 11.91 -5.34
CA PRO A 70 7.25 12.81 -4.47
C PRO A 70 8.00 13.19 -3.19
N THR A 71 9.24 12.72 -3.09
CA THR A 71 10.06 13.01 -1.91
C THR A 71 9.26 12.77 -0.63
N PRO A 72 8.99 11.53 -0.31
CA PRO A 72 8.23 11.16 0.91
C PRO A 72 8.70 11.91 2.15
N LYS A 73 7.75 12.49 2.88
CA LYS A 73 8.09 13.23 4.09
C LYS A 73 9.07 12.43 4.95
N PRO A 74 9.89 13.10 5.73
CA PRO A 74 10.88 12.41 6.61
C PRO A 74 10.21 11.72 7.80
N VAL B 1 0.86 -15.10 -4.61
CA VAL B 1 1.40 -15.42 -5.96
C VAL B 1 1.24 -14.22 -6.88
N GLU B 2 0.21 -13.41 -6.62
CA GLU B 2 -0.05 -12.23 -7.43
C GLU B 2 -1.04 -11.31 -6.73
N THR B 3 -2.02 -11.90 -6.07
CA THR B 3 -3.04 -11.13 -5.36
C THR B 3 -3.97 -12.04 -4.57
N PHE B 4 -4.92 -11.44 -3.86
CA PHE B 4 -5.88 -12.21 -3.07
C PHE B 4 -7.29 -11.64 -3.23
N GLY B 5 -7.69 -11.43 -4.47
CA GLY B 5 -9.02 -10.88 -4.76
C GLY B 5 -9.44 -11.19 -6.20
N THR B 6 -10.55 -10.59 -6.64
CA THR B 6 -11.03 -10.84 -7.99
C THR B 6 -12.25 -9.97 -8.29
N THR B 7 -12.19 -8.70 -7.90
CA THR B 7 -13.30 -7.77 -8.14
C THR B 7 -12.87 -6.34 -7.87
N SER B 8 -12.15 -5.75 -8.83
CA SER B 8 -11.67 -4.37 -8.68
C SER B 8 -11.18 -4.12 -7.26
N TYS B 9 -11.13 -2.85 -6.86
CA TYS B 9 -10.70 -2.48 -5.51
CB TYS B 9 -9.18 -2.21 -5.51
CG TYS B 9 -8.65 -2.32 -4.10
CD1 TYS B 9 -8.27 -1.18 -3.40
CD2 TYS B 9 -8.58 -3.57 -3.47
CE1 TYS B 9 -7.80 -1.27 -2.09
CE2 TYS B 9 -8.10 -3.67 -2.16
CZ TYS B 9 -7.72 -2.53 -1.47
OH TYS B 9 -7.25 -2.63 -0.17
S TYS B 9 -8.18 -3.13 0.94
O1 TYS B 9 -8.27 -4.61 0.89
O2 TYS B 9 -7.66 -2.70 2.27
O3 TYS B 9 -9.55 -2.55 0.74
C TYS B 9 -11.45 -1.27 -5.03
O TYS B 9 -11.34 -0.87 -3.87
H TYS B 9 -11.41 -2.14 -7.48
HA TYS B 9 -10.90 -3.32 -4.84
HB2 TYS B 9 -8.68 -2.93 -6.14
HB3 TYS B 9 -8.99 -1.22 -5.89
HD1 TYS B 9 -8.33 -0.21 -3.88
HD2 TYS B 9 -8.88 -4.46 -4.01
HE1 TYS B 9 -7.50 -0.38 -1.54
HE2 TYS B 9 -8.05 -4.63 -1.68
N TYS B 10 -12.25 -0.67 -5.92
CA TYS B 10 -13.04 0.50 -5.58
CB TYS B 10 -12.15 1.75 -5.48
CG TYS B 10 -11.49 1.81 -4.11
CD1 TYS B 10 -12.26 1.91 -2.96
CD2 TYS B 10 -10.09 1.77 -4.01
CE1 TYS B 10 -11.65 1.97 -1.70
CE2 TYS B 10 -9.47 1.83 -2.75
CZ TYS B 10 -10.26 1.93 -1.59
OH TYS B 10 -9.65 1.97 -0.35
S TYS B 10 -9.69 0.74 0.56
O1 TYS B 10 -10.32 1.11 1.86
O2 TYS B 10 -10.48 -0.34 -0.09
O3 TYS B 10 -8.30 0.26 0.80
C TYS B 10 -14.12 0.71 -6.64
O TYS B 10 -14.30 1.81 -7.15
H TYS B 10 -12.30 -1.05 -6.83
HA TYS B 10 -13.53 0.32 -4.63
HB2 TYS B 10 -11.40 1.71 -6.24
HB3 TYS B 10 -12.76 2.64 -5.61
HD1 TYS B 10 -13.35 1.95 -3.03
HD2 TYS B 10 -9.48 1.69 -4.90
HE1 TYS B 10 -12.26 2.05 -0.80
HE2 TYS B 10 -8.39 1.79 -2.67
N ASP B 11 -14.85 -0.36 -6.96
CA ASP B 11 -15.92 -0.28 -7.96
C ASP B 11 -16.75 0.97 -7.74
N ASP B 12 -17.43 1.02 -6.59
CA ASP B 12 -18.27 2.17 -6.25
C ASP B 12 -17.43 3.23 -5.56
N VAL B 13 -17.01 4.24 -6.31
CA VAL B 13 -16.20 5.31 -5.75
C VAL B 13 -16.91 5.96 -4.57
N GLY B 14 -18.14 5.53 -4.31
CA GLY B 14 -18.92 6.05 -3.19
C GLY B 14 -18.81 5.10 -2.01
N LEU B 15 -17.94 4.12 -2.13
CA LEU B 15 -17.74 3.12 -1.09
C LEU B 15 -17.02 3.74 0.11
N LEU B 16 -15.90 4.40 -0.15
CA LEU B 16 -15.13 5.03 0.91
C LEU B 16 -16.02 5.89 1.81
N GLY A 1 -8.55 -2.61 20.59
CA GLY A 1 -7.90 -2.37 19.26
C GLY A 1 -6.54 -3.06 19.23
N PRO A 2 -6.52 -4.36 19.39
CA PRO A 2 -5.26 -5.16 19.37
C PRO A 2 -4.70 -5.31 17.95
N ALA A 3 -5.32 -4.63 17.01
CA ALA A 3 -4.87 -4.70 15.62
C ALA A 3 -3.45 -4.15 15.48
N SER A 4 -2.48 -4.94 15.91
CA SER A 4 -1.08 -4.52 15.83
C SER A 4 -0.92 -3.11 16.36
N VAL A 5 0.31 -2.59 16.28
CA VAL A 5 0.59 -1.24 16.76
C VAL A 5 -0.49 -0.27 16.26
N PRO A 6 -0.78 0.78 17.00
CA PRO A 6 -1.80 1.79 16.59
C PRO A 6 -1.34 2.61 15.41
N THR A 7 -0.16 2.29 14.89
CA THR A 7 0.39 3.01 13.74
C THR A 7 -0.19 2.47 12.45
N THR A 8 0.52 1.53 11.83
CA THR A 8 0.07 0.93 10.57
C THR A 8 0.66 -0.47 10.42
N CYS A 9 -0.21 -1.48 10.49
CA CYS A 9 0.25 -2.86 10.35
C CYS A 9 -0.96 -3.80 10.33
N CYS A 10 -1.68 -3.81 9.21
CA CYS A 10 -2.86 -4.66 9.07
C CYS A 10 -2.50 -6.12 9.33
N PHE A 11 -3.36 -7.03 8.88
CA PHE A 11 -3.14 -8.45 9.07
C PHE A 11 -2.00 -8.94 8.19
N ASN A 12 -2.19 -8.88 6.87
CA ASN A 12 -1.17 -9.32 5.92
C ASN A 12 -1.07 -8.34 4.75
N LEU A 13 -1.00 -8.87 3.53
CA LEU A 13 -0.89 -8.02 2.34
C LEU A 13 -2.28 -7.71 1.79
N ALA A 14 -2.38 -6.60 1.07
CA ALA A 14 -3.65 -6.20 0.50
C ALA A 14 -4.07 -7.15 -0.62
N ASN A 15 -4.81 -6.64 -1.60
CA ASN A 15 -5.27 -7.46 -2.71
C ASN A 15 -5.49 -6.59 -3.95
N ARG A 16 -5.36 -7.22 -5.12
CA ARG A 16 -5.55 -6.50 -6.38
C ARG A 16 -4.59 -5.32 -6.48
N LYS A 17 -4.75 -4.52 -7.52
CA LYS A 17 -3.88 -3.35 -7.74
C LYS A 17 -4.54 -2.08 -7.23
N ILE A 18 -3.76 -1.27 -6.53
CA ILE A 18 -4.26 0.00 -5.99
C ILE A 18 -4.32 1.03 -7.13
N PRO A 19 -5.39 1.80 -7.26
CA PRO A 19 -5.47 2.83 -8.35
C PRO A 19 -4.37 3.87 -8.21
N LEU A 20 -3.37 3.80 -9.09
CA LEU A 20 -2.23 4.72 -9.05
C LEU A 20 -2.68 6.17 -8.85
N GLN A 21 -3.80 6.55 -9.46
CA GLN A 21 -4.30 7.92 -9.35
C GLN A 21 -4.41 8.37 -7.88
N ARG A 22 -4.92 7.50 -7.02
CA ARG A 22 -5.09 7.84 -5.61
C ARG A 22 -3.78 7.71 -4.83
N LEU A 23 -3.09 6.59 -5.05
CA LEU A 23 -1.81 6.32 -4.37
C LEU A 23 -0.99 7.62 -4.24
N GLU A 24 -0.41 7.82 -3.05
CA GLU A 24 0.41 9.01 -2.79
C GLU A 24 1.89 8.64 -2.69
N SER A 25 2.22 7.80 -1.71
CA SER A 25 3.62 7.37 -1.51
C SER A 25 3.65 5.96 -0.90
N TYR A 26 4.83 5.54 -0.42
CA TYR A 26 4.97 4.21 0.18
C TYR A 26 5.87 4.28 1.43
N ARG A 27 5.70 3.31 2.33
CA ARG A 27 6.49 3.25 3.56
C ARG A 27 6.55 1.82 4.08
N ARG A 28 7.66 1.47 4.74
CA ARG A 28 7.84 0.12 5.28
C ARG A 28 7.32 0.04 6.72
N ILE A 29 6.94 -1.18 7.14
CA ILE A 29 6.43 -1.39 8.50
C ILE A 29 7.53 -1.97 9.38
N THR A 30 8.00 -3.17 9.05
CA THR A 30 9.05 -3.82 9.82
C THR A 30 8.81 -3.65 11.31
N SER A 31 7.54 -3.64 11.71
CA SER A 31 7.19 -3.49 13.12
C SER A 31 5.77 -3.99 13.37
N GLY A 32 5.40 -4.13 14.64
CA GLY A 32 4.07 -4.60 15.00
C GLY A 32 3.94 -6.09 14.74
N LYS A 33 2.70 -6.57 14.69
CA LYS A 33 2.45 -8.00 14.45
C LYS A 33 2.56 -8.31 12.96
N CYS A 34 3.05 -7.35 12.19
CA CYS A 34 3.20 -7.55 10.75
C CYS A 34 3.87 -8.90 10.47
N PRO A 35 3.61 -9.50 9.33
CA PRO A 35 4.20 -10.82 8.97
C PRO A 35 5.67 -10.69 8.57
N GLN A 36 5.95 -9.77 7.64
CA GLN A 36 7.30 -9.55 7.16
C GLN A 36 7.44 -8.16 6.55
N LYS A 37 8.67 -7.70 6.39
CA LYS A 37 8.91 -6.38 5.81
C LYS A 37 8.01 -6.17 4.60
N ALA A 38 7.29 -5.05 4.57
CA ALA A 38 6.39 -4.77 3.46
C ALA A 38 6.14 -3.26 3.32
N VAL A 39 6.04 -2.80 2.07
CA VAL A 39 5.78 -1.39 1.83
C VAL A 39 4.30 -1.09 2.00
N ILE A 40 3.98 0.13 2.40
CA ILE A 40 2.58 0.52 2.64
C ILE A 40 2.19 1.70 1.75
N PHE A 41 1.40 1.41 0.71
CA PHE A 41 0.94 2.45 -0.19
C PHE A 41 -0.20 3.22 0.43
N LYS A 42 0.00 4.53 0.64
CA LYS A 42 -1.02 5.38 1.23
C LYS A 42 -1.72 6.21 0.16
N THR A 43 -3.03 6.34 0.29
CA THR A 43 -3.84 7.11 -0.68
C THR A 43 -4.83 8.00 0.07
N LYS A 44 -5.64 8.74 -0.69
CA LYS A 44 -6.62 9.63 -0.10
C LYS A 44 -7.86 8.86 0.36
N LEU A 45 -7.80 7.53 0.28
CA LEU A 45 -8.93 6.72 0.69
C LEU A 45 -9.35 7.08 2.11
N ALA A 46 -8.81 6.37 3.10
CA ALA A 46 -9.15 6.64 4.50
C ALA A 46 -8.40 5.68 5.42
N LYS A 47 -7.54 4.85 4.85
CA LYS A 47 -6.77 3.89 5.65
C LYS A 47 -5.47 3.51 4.93
N ASP A 48 -4.60 2.79 5.65
CA ASP A 48 -3.32 2.36 5.09
C ASP A 48 -3.46 1.02 4.38
N ILE A 49 -2.63 0.80 3.36
CA ILE A 49 -2.66 -0.45 2.59
C ILE A 49 -1.39 -1.25 2.83
N CYS A 50 -1.50 -2.58 2.89
CA CYS A 50 -0.32 -3.43 3.11
C CYS A 50 0.12 -4.04 1.77
N ALA A 51 1.41 -4.34 1.66
CA ALA A 51 1.92 -4.91 0.41
C ALA A 51 3.40 -5.29 0.53
N ASP A 52 3.73 -6.54 0.21
CA ASP A 52 5.12 -7.02 0.27
C ASP A 52 5.79 -6.87 -1.10
N PRO A 53 7.05 -6.46 -1.17
CA PRO A 53 7.77 -6.28 -2.47
C PRO A 53 7.95 -7.60 -3.22
N LYS A 54 6.84 -8.17 -3.68
CA LYS A 54 6.87 -9.43 -4.42
C LYS A 54 5.80 -9.40 -5.51
N LYS A 55 4.58 -9.10 -5.11
CA LYS A 55 3.47 -9.02 -6.06
C LYS A 55 3.78 -7.94 -7.09
N LYS A 56 3.28 -8.12 -8.32
CA LYS A 56 3.56 -7.18 -9.41
C LYS A 56 3.13 -5.74 -9.10
N TRP A 57 1.85 -5.53 -8.79
CA TRP A 57 1.36 -4.17 -8.55
C TRP A 57 2.16 -3.48 -7.43
N VAL A 58 2.82 -4.25 -6.59
CA VAL A 58 3.60 -3.66 -5.51
C VAL A 58 4.88 -3.05 -6.06
N GLN A 59 5.67 -3.85 -6.78
CA GLN A 59 6.92 -3.36 -7.35
C GLN A 59 6.66 -2.29 -8.40
N ASP A 60 5.55 -2.43 -9.13
CA ASP A 60 5.19 -1.48 -10.17
C ASP A 60 4.72 -0.15 -9.58
N SER A 61 4.13 -0.20 -8.40
CA SER A 61 3.62 1.00 -7.75
C SER A 61 4.77 1.92 -7.30
N MET A 62 5.72 1.36 -6.56
CA MET A 62 6.85 2.16 -6.08
C MET A 62 7.72 2.61 -7.25
N LYS A 63 7.90 1.74 -8.23
CA LYS A 63 8.70 2.08 -9.40
C LYS A 63 8.12 3.30 -10.09
N TYR A 64 6.80 3.31 -10.23
CA TYR A 64 6.10 4.43 -10.85
C TYR A 64 6.35 5.70 -10.04
N LEU A 65 6.44 5.55 -8.73
CA LEU A 65 6.67 6.68 -7.84
C LEU A 65 8.14 7.14 -7.95
N ASP A 66 8.98 6.25 -8.45
CA ASP A 66 10.40 6.56 -8.59
C ASP A 66 10.61 7.55 -9.74
N GLN A 67 9.78 7.45 -10.77
CA GLN A 67 9.89 8.34 -11.92
C GLN A 67 9.63 9.78 -11.52
N LYS A 68 8.49 10.03 -10.88
CA LYS A 68 8.13 11.37 -10.46
C LYS A 68 8.93 11.78 -9.22
N SER A 69 9.23 10.81 -8.36
CA SER A 69 9.99 11.09 -7.15
C SER A 69 9.28 12.14 -6.27
N PRO A 70 8.35 11.73 -5.43
CA PRO A 70 7.60 12.66 -4.56
C PRO A 70 8.39 13.03 -3.31
N THR A 71 9.71 12.84 -3.36
CA THR A 71 10.57 13.16 -2.22
C THR A 71 9.96 12.64 -0.92
N PRO A 72 9.76 11.35 -0.83
CA PRO A 72 9.17 10.73 0.40
C PRO A 72 10.18 10.63 1.53
N LYS A 73 11.44 10.36 1.18
CA LYS A 73 12.51 10.26 2.18
C LYS A 73 13.73 11.07 1.73
N PRO A 74 13.63 12.37 1.82
CA PRO A 74 14.75 13.29 1.42
C PRO A 74 16.09 12.83 2.00
N VAL B 1 -6.51 -20.18 4.38
CA VAL B 1 -6.85 -18.86 4.96
C VAL B 1 -6.29 -17.75 4.07
N GLU B 2 -5.30 -18.10 3.26
CA GLU B 2 -4.68 -17.12 2.35
C GLU B 2 -5.71 -16.61 1.35
N THR B 3 -5.52 -15.38 0.89
CA THR B 3 -6.43 -14.78 -0.08
C THR B 3 -5.81 -13.53 -0.70
N PHE B 4 -5.90 -13.42 -2.02
CA PHE B 4 -5.35 -12.27 -2.71
C PHE B 4 -5.91 -12.19 -4.14
N GLY B 5 -6.09 -10.97 -4.63
CA GLY B 5 -6.61 -10.76 -5.98
C GLY B 5 -8.00 -11.38 -6.14
N THR B 6 -8.80 -10.79 -7.02
CA THR B 6 -10.15 -11.29 -7.27
C THR B 6 -10.80 -10.52 -8.41
N THR B 7 -10.72 -9.19 -8.35
CA THR B 7 -11.30 -8.35 -9.39
C THR B 7 -10.81 -6.91 -9.23
N SER B 8 -11.74 -5.96 -9.33
CA SER B 8 -11.39 -4.54 -9.18
C SER B 8 -11.23 -4.18 -7.71
N TYS B 9 -10.57 -3.06 -7.45
CA TYS B 9 -10.34 -2.60 -6.07
CB TYS B 9 -8.83 -2.31 -5.87
CG TYS B 9 -8.47 -2.47 -4.40
CD1 TYS B 9 -8.02 -1.38 -3.67
CD2 TYS B 9 -8.59 -3.73 -3.80
CE1 TYS B 9 -7.68 -1.53 -2.31
CE2 TYS B 9 -8.26 -3.88 -2.44
CZ TYS B 9 -7.81 -2.79 -1.71
OH TYS B 9 -7.49 -2.94 -0.37
S TYS B 9 -8.58 -3.26 0.65
O1 TYS B 9 -9.91 -3.19 0.00
O2 TYS B 9 -8.37 -4.62 1.20
O3 TYS B 9 -8.53 -2.26 1.76
C TYS B 9 -11.17 -1.36 -5.76
O TYS B 9 -11.60 -1.16 -4.63
H TYS B 9 -10.22 -2.52 -8.19
HA TYS B 9 -10.63 -3.39 -5.39
HB2 TYS B 9 -8.25 -3.00 -6.46
HB3 TYS B 9 -8.62 -1.30 -6.19
HD1 TYS B 9 -7.92 -0.41 -4.14
HD2 TYS B 9 -8.93 -4.58 -4.36
HE1 TYS B 9 -7.35 -0.69 -1.74
HE2 TYS B 9 -8.35 -4.86 -1.98
N TYS B 10 -11.41 -0.53 -6.78
CA TYS B 10 -12.19 0.69 -6.60
CB TYS B 10 -11.32 1.85 -6.10
CG TYS B 10 -10.97 1.66 -4.63
CD1 TYS B 10 -9.63 1.54 -4.24
CD2 TYS B 10 -11.99 1.64 -3.66
CE1 TYS B 10 -9.31 1.39 -2.88
CE2 TYS B 10 -11.66 1.48 -2.31
CZ TYS B 10 -10.32 1.35 -1.91
OH TYS B 10 -10.00 1.19 -0.59
S TYS B 10 -9.87 -0.21 0.02
O1 TYS B 10 -10.13 -1.22 -1.04
O2 TYS B 10 -8.50 -0.40 0.56
O3 TYS B 10 -10.86 -0.37 1.11
C TYS B 10 -12.86 1.10 -7.91
O TYS B 10 -12.37 1.99 -8.61
H TYS B 10 -11.04 -0.74 -7.66
HA TYS B 10 -12.97 0.50 -5.87
HB2 TYS B 10 -10.41 1.88 -6.68
HB3 TYS B 10 -11.86 2.77 -6.21
HD1 TYS B 10 -8.85 1.56 -4.98
HD2 TYS B 10 -13.02 1.74 -3.95
HE1 TYS B 10 -8.27 1.29 -2.58
HE2 TYS B 10 -12.45 1.45 -1.56
N ASP B 11 -13.97 0.44 -8.25
CA ASP B 11 -14.69 0.74 -9.49
C ASP B 11 -15.75 1.80 -9.24
N ASP B 12 -16.26 1.83 -8.01
CA ASP B 12 -17.29 2.81 -7.65
C ASP B 12 -16.70 4.20 -7.54
N VAL B 13 -15.43 4.28 -7.15
CA VAL B 13 -14.75 5.55 -7.00
C VAL B 13 -15.42 6.40 -5.93
N GLY B 14 -16.62 6.89 -6.24
CA GLY B 14 -17.36 7.71 -5.29
C GLY B 14 -17.41 7.05 -3.92
N LEU B 15 -17.01 5.78 -3.87
CA LEU B 15 -16.99 5.03 -2.61
C LEU B 15 -16.45 5.89 -1.48
N LEU B 16 -15.46 6.71 -1.78
CA LEU B 16 -14.84 7.58 -0.78
C LEU B 16 -15.92 8.28 0.04
N GLY A 1 3.41 3.87 24.88
CA GLY A 1 4.15 2.75 24.23
C GLY A 1 4.15 2.95 22.72
N PRO A 2 4.96 3.86 22.24
CA PRO A 2 5.06 4.16 20.79
C PRO A 2 5.22 2.88 19.95
N ALA A 3 4.15 2.48 19.29
CA ALA A 3 4.17 1.29 18.45
C ALA A 3 3.00 1.28 17.47
N SER A 4 2.88 2.34 16.69
CA SER A 4 1.80 2.45 15.72
C SER A 4 0.44 2.40 16.42
N VAL A 5 -0.56 1.88 15.72
CA VAL A 5 -1.90 1.78 16.28
C VAL A 5 -1.93 0.71 17.38
N PRO A 6 -2.52 0.99 18.53
CA PRO A 6 -2.58 -0.01 19.65
C PRO A 6 -2.82 -1.44 19.13
N THR A 7 -3.42 -1.54 17.95
CA THR A 7 -3.70 -2.84 17.35
C THR A 7 -3.75 -2.74 15.84
N THR A 8 -3.50 -3.85 15.16
CA THR A 8 -3.51 -3.88 13.70
C THR A 8 -2.57 -2.81 13.14
N CYS A 9 -1.27 -3.09 13.20
CA CYS A 9 -0.29 -2.15 12.69
C CYS A 9 -0.34 -2.08 11.17
N CYS A 10 -0.78 -3.17 10.55
CA CYS A 10 -0.88 -3.22 9.10
C CYS A 10 -1.82 -4.35 8.68
N PHE A 11 -2.63 -4.84 9.61
CA PHE A 11 -3.56 -5.92 9.32
C PHE A 11 -2.86 -7.00 8.50
N ASN A 12 -2.94 -6.87 7.17
CA ASN A 12 -2.31 -7.82 6.27
C ASN A 12 -2.13 -7.20 4.90
N LEU A 13 -1.57 -7.98 3.98
CA LEU A 13 -1.34 -7.51 2.62
C LEU A 13 -2.66 -7.37 1.87
N ALA A 14 -2.68 -6.46 0.90
CA ALA A 14 -3.89 -6.25 0.11
C ALA A 14 -4.28 -7.53 -0.61
N ASN A 15 -4.82 -7.39 -1.81
CA ASN A 15 -5.23 -8.55 -2.58
C ASN A 15 -5.38 -8.19 -4.06
N ARG A 16 -5.20 -6.91 -4.37
CA ARG A 16 -5.32 -6.43 -5.74
C ARG A 16 -4.41 -5.24 -5.98
N LYS A 17 -4.57 -4.60 -7.14
CA LYS A 17 -3.75 -3.44 -7.50
C LYS A 17 -4.40 -2.14 -7.04
N ILE A 18 -3.65 -1.35 -6.26
CA ILE A 18 -4.15 -0.08 -5.78
C ILE A 18 -4.12 0.93 -6.94
N PRO A 19 -5.13 1.77 -7.10
CA PRO A 19 -5.13 2.77 -8.21
C PRO A 19 -4.01 3.79 -8.05
N LEU A 20 -3.29 4.06 -9.14
CA LEU A 20 -2.17 4.98 -9.12
C LEU A 20 -2.64 6.44 -8.96
N GLN A 21 -3.88 6.71 -9.37
CA GLN A 21 -4.40 8.07 -9.28
C GLN A 21 -4.52 8.54 -7.82
N ARG A 22 -4.94 7.64 -6.94
CA ARG A 22 -5.12 7.97 -5.52
C ARG A 22 -3.81 7.79 -4.75
N LEU A 23 -3.17 6.64 -4.93
CA LEU A 23 -1.91 6.34 -4.25
C LEU A 23 -1.03 7.58 -4.14
N GLU A 24 -0.46 7.82 -2.95
CA GLU A 24 0.39 8.99 -2.72
C GLU A 24 1.87 8.57 -2.67
N SER A 25 2.22 7.76 -1.69
CA SER A 25 3.60 7.29 -1.52
C SER A 25 3.64 5.95 -0.79
N TYR A 26 4.81 5.32 -0.73
CA TYR A 26 4.97 4.04 -0.04
C TYR A 26 5.80 4.19 1.23
N ARG A 27 5.71 3.20 2.11
CA ARG A 27 6.47 3.23 3.37
C ARG A 27 6.66 1.80 3.90
N ARG A 28 7.83 1.53 4.46
CA ARG A 28 8.14 0.20 4.99
C ARG A 28 7.79 0.11 6.48
N ILE A 29 7.39 -1.09 6.93
CA ILE A 29 7.04 -1.32 8.33
C ILE A 29 8.14 -2.13 9.01
N THR A 30 8.21 -3.42 8.68
CA THR A 30 9.22 -4.30 9.26
C THR A 30 9.22 -4.19 10.78
N SER A 31 10.01 -5.04 11.43
CA SER A 31 10.09 -5.03 12.89
C SER A 31 8.71 -5.04 13.51
N GLY A 32 8.66 -5.05 14.84
CA GLY A 32 7.39 -5.06 15.55
C GLY A 32 6.39 -6.03 14.90
N LYS A 33 5.11 -5.80 15.15
CA LYS A 33 4.08 -6.65 14.58
C LYS A 33 4.12 -6.62 13.05
N CYS A 34 2.96 -6.52 12.43
CA CYS A 34 2.88 -6.47 10.97
C CYS A 34 3.50 -7.74 10.38
N PRO A 35 3.03 -8.19 9.23
CA PRO A 35 3.58 -9.42 8.57
C PRO A 35 4.92 -9.14 7.91
N GLN A 36 6.00 -9.66 8.52
CA GLN A 36 7.35 -9.47 7.99
C GLN A 36 7.51 -8.04 7.45
N LYS A 37 8.52 -7.84 6.61
CA LYS A 37 8.75 -6.52 6.03
C LYS A 37 7.89 -6.34 4.77
N ALA A 38 7.26 -5.19 4.65
CA ALA A 38 6.40 -4.91 3.51
C ALA A 38 6.20 -3.41 3.31
N VAL A 39 6.08 -2.98 2.06
CA VAL A 39 5.86 -1.57 1.77
C VAL A 39 4.39 -1.24 1.98
N ILE A 40 4.11 0.02 2.33
CA ILE A 40 2.73 0.45 2.60
C ILE A 40 2.31 1.61 1.68
N PHE A 41 1.51 1.30 0.67
CA PHE A 41 1.03 2.35 -0.24
C PHE A 41 -0.17 3.04 0.38
N LYS A 42 -0.04 4.35 0.61
CA LYS A 42 -1.13 5.13 1.20
C LYS A 42 -1.89 5.87 0.10
N THR A 43 -3.16 6.17 0.36
CA THR A 43 -3.99 6.88 -0.62
C THR A 43 -4.93 7.84 0.10
N LYS A 44 -5.69 8.60 -0.67
CA LYS A 44 -6.63 9.56 -0.11
C LYS A 44 -7.95 8.87 0.24
N LEU A 45 -7.93 7.54 0.28
CA LEU A 45 -9.13 6.78 0.61
C LEU A 45 -9.55 7.04 2.06
N ALA A 46 -9.02 6.24 2.98
CA ALA A 46 -9.37 6.40 4.39
C ALA A 46 -8.51 5.51 5.29
N LYS A 47 -7.48 4.91 4.70
CA LYS A 47 -6.59 4.03 5.47
C LYS A 47 -5.37 3.64 4.66
N ASP A 48 -4.41 2.99 5.32
CA ASP A 48 -3.17 2.55 4.67
C ASP A 48 -3.30 1.12 4.18
N ILE A 49 -2.59 0.80 3.10
CA ILE A 49 -2.62 -0.55 2.52
C ILE A 49 -1.24 -1.19 2.61
N CYS A 50 -1.18 -2.45 3.04
CA CYS A 50 0.09 -3.17 3.17
C CYS A 50 0.30 -4.09 1.97
N ALA A 51 1.58 -4.32 1.62
CA ALA A 51 1.89 -5.18 0.49
C ALA A 51 3.37 -5.57 0.51
N ASP A 52 3.66 -6.84 0.22
CA ASP A 52 5.04 -7.35 0.22
C ASP A 52 5.71 -7.14 -1.16
N PRO A 53 6.98 -6.79 -1.21
CA PRO A 53 7.71 -6.59 -2.51
C PRO A 53 7.90 -7.89 -3.29
N LYS A 54 6.79 -8.40 -3.84
CA LYS A 54 6.82 -9.62 -4.64
C LYS A 54 5.75 -9.55 -5.72
N LYS A 55 4.55 -9.12 -5.33
CA LYS A 55 3.45 -9.00 -6.28
C LYS A 55 3.78 -7.91 -7.29
N LYS A 56 3.41 -8.13 -8.54
CA LYS A 56 3.72 -7.18 -9.61
C LYS A 56 3.33 -5.74 -9.27
N TRP A 57 2.05 -5.51 -8.96
CA TRP A 57 1.60 -4.15 -8.67
C TRP A 57 2.40 -3.50 -7.54
N VAL A 58 2.93 -4.30 -6.63
CA VAL A 58 3.72 -3.74 -5.53
C VAL A 58 5.00 -3.13 -6.06
N GLN A 59 5.77 -3.92 -6.80
CA GLN A 59 7.03 -3.45 -7.36
C GLN A 59 6.79 -2.37 -8.42
N ASP A 60 5.69 -2.51 -9.15
CA ASP A 60 5.36 -1.57 -10.22
C ASP A 60 4.80 -0.26 -9.65
N SER A 61 4.21 -0.32 -8.48
CA SER A 61 3.63 0.87 -7.86
C SER A 61 4.71 1.85 -7.42
N MET A 62 5.69 1.36 -6.66
CA MET A 62 6.78 2.23 -6.20
C MET A 62 7.66 2.67 -7.35
N LYS A 63 7.82 1.80 -8.34
CA LYS A 63 8.65 2.13 -9.50
C LYS A 63 8.07 3.35 -10.20
N TYR A 64 6.75 3.44 -10.20
CA TYR A 64 6.05 4.56 -10.82
C TYR A 64 6.29 5.83 -10.00
N LEU A 65 6.38 5.65 -8.68
CA LEU A 65 6.60 6.78 -7.80
C LEU A 65 8.05 7.26 -7.90
N ASP A 66 8.91 6.39 -8.40
CA ASP A 66 10.32 6.72 -8.55
C ASP A 66 10.51 7.81 -9.60
N GLN A 67 9.69 7.78 -10.64
CA GLN A 67 9.77 8.78 -11.70
C GLN A 67 9.51 10.17 -11.15
N LYS A 68 8.36 10.33 -10.47
CA LYS A 68 8.01 11.62 -9.90
C LYS A 68 8.70 11.83 -8.56
N SER A 69 8.59 13.03 -8.01
CA SER A 69 9.22 13.37 -6.73
C SER A 69 8.15 13.67 -5.67
N PRO A 70 7.68 12.66 -4.97
CA PRO A 70 6.65 12.84 -3.92
C PRO A 70 6.96 14.01 -2.98
N THR A 71 6.21 15.11 -3.13
CA THR A 71 6.42 16.29 -2.30
C THR A 71 5.89 16.09 -0.88
N PRO A 72 4.81 15.36 -0.70
CA PRO A 72 4.22 15.13 0.66
C PRO A 72 5.25 14.60 1.65
N LYS A 73 5.73 13.39 1.40
CA LYS A 73 6.73 12.78 2.29
C LYS A 73 6.23 12.78 3.73
N PRO A 74 5.24 11.98 4.03
CA PRO A 74 4.67 11.88 5.39
C PRO A 74 5.50 10.98 6.31
N VAL B 1 -8.75 -21.14 -3.39
CA VAL B 1 -7.45 -20.47 -3.11
C VAL B 1 -6.61 -20.46 -4.38
N GLU B 2 -5.66 -19.53 -4.44
CA GLU B 2 -4.79 -19.42 -5.60
C GLU B 2 -3.69 -18.39 -5.35
N THR B 3 -3.99 -17.13 -5.65
CA THR B 3 -3.03 -16.05 -5.45
C THR B 3 -3.75 -14.72 -5.21
N PHE B 4 -3.05 -13.77 -4.61
CA PHE B 4 -3.64 -12.47 -4.33
C PHE B 4 -3.91 -11.73 -5.64
N GLY B 5 -5.18 -11.39 -5.86
CA GLY B 5 -5.59 -10.70 -7.08
C GLY B 5 -4.62 -9.57 -7.46
N THR B 6 -4.87 -8.97 -8.62
CA THR B 6 -4.02 -7.88 -9.11
C THR B 6 -4.80 -6.96 -10.05
N THR B 7 -6.05 -7.35 -10.34
CA THR B 7 -6.90 -6.55 -11.22
C THR B 7 -7.40 -5.29 -10.52
N SER B 8 -8.59 -4.82 -10.91
CA SER B 8 -9.17 -3.64 -10.31
C SER B 8 -9.18 -3.75 -8.79
N TYS B 9 -9.77 -2.77 -8.12
CA TYS B 9 -9.82 -2.79 -6.66
CB TYS B 9 -8.42 -2.53 -6.10
CG TYS B 9 -8.47 -2.50 -4.59
CD1 TYS B 9 -8.84 -3.65 -3.87
CD2 TYS B 9 -8.12 -1.33 -3.90
CE1 TYS B 9 -8.87 -3.63 -2.48
CE2 TYS B 9 -8.15 -1.32 -2.50
CZ TYS B 9 -8.52 -2.46 -1.79
OH TYS B 9 -8.55 -2.43 -0.42
S TYS B 9 -9.76 -3.02 0.34
O1 TYS B 9 -10.02 -2.20 1.56
O2 TYS B 9 -10.95 -3.01 -0.54
O3 TYS B 9 -9.45 -4.43 0.74
C TYS B 9 -10.80 -1.75 -6.13
O TYS B 9 -10.91 -1.56 -4.92
H TYS B 9 -10.18 -2.02 -8.60
HA TYS B 9 -10.15 -3.77 -6.34
HB2 TYS B 9 -7.75 -3.32 -6.43
HB3 TYS B 9 -8.06 -1.58 -6.48
HD1 TYS B 9 -9.10 -4.55 -4.40
HD2 TYS B 9 -7.83 -0.45 -4.45
HE1 TYS B 9 -9.16 -4.51 -1.93
HE2 TYS B 9 -7.88 -0.41 -1.97
N TYS B 10 -11.50 -1.08 -7.03
CA TYS B 10 -12.47 -0.07 -6.64
CB TYS B 10 -11.76 1.27 -6.35
CG TYS B 10 -11.22 1.29 -4.93
CD1 TYS B 10 -9.84 1.40 -4.71
CD2 TYS B 10 -12.09 1.20 -3.84
CE1 TYS B 10 -9.33 1.41 -3.40
CE2 TYS B 10 -11.59 1.21 -2.54
CZ TYS B 10 -10.22 1.32 -2.32
OH TYS B 10 -9.72 1.33 -1.03
S TYS B 10 -10.18 0.26 -0.04
O1 TYS B 10 -8.99 -0.36 0.61
O2 TYS B 10 -11.04 0.89 1.01
O3 TYS B 10 -10.96 -0.79 -0.75
C TYS B 10 -13.51 0.12 -7.75
O TYS B 10 -13.64 1.21 -8.31
H TYS B 10 -11.38 -1.28 -7.98
HA TYS B 10 -12.98 -0.40 -5.75
HB2 TYS B 10 -10.95 1.41 -7.05
HB3 TYS B 10 -12.47 2.09 -6.46
HD1 TYS B 10 -9.15 1.46 -5.55
HD2 TYS B 10 -13.16 1.13 -4.01
HE1 TYS B 10 -8.27 1.50 -3.23
HE2 TYS B 10 -12.27 1.15 -1.70
N ASP B 11 -14.26 -0.94 -8.05
CA ASP B 11 -15.29 -0.87 -9.07
C ASP B 11 -16.19 0.34 -8.84
N ASP B 12 -16.81 0.38 -7.67
CA ASP B 12 -17.69 1.50 -7.32
C ASP B 12 -16.88 2.64 -6.73
N VAL B 13 -16.63 3.65 -7.53
CA VAL B 13 -15.86 4.81 -7.09
C VAL B 13 -16.67 5.63 -6.09
N GLY B 14 -17.95 5.27 -5.93
CA GLY B 14 -18.81 5.99 -5.01
C GLY B 14 -18.57 5.52 -3.58
N LEU B 15 -17.92 4.36 -3.44
CA LEU B 15 -17.64 3.82 -2.12
C LEU B 15 -16.96 4.87 -1.25
N LEU B 16 -15.88 5.46 -1.75
CA LEU B 16 -15.15 6.48 -1.01
C LEU B 16 -16.12 7.49 -0.41
N GLY A 1 6.55 6.94 13.87
CA GLY A 1 5.57 6.33 14.82
C GLY A 1 4.23 7.06 14.69
N PRO A 2 4.21 8.34 14.93
CA PRO A 2 2.96 9.16 14.84
C PRO A 2 2.16 8.85 13.57
N ALA A 3 2.86 8.80 12.44
CA ALA A 3 2.20 8.51 11.17
C ALA A 3 1.79 7.04 11.10
N SER A 4 0.57 6.80 10.61
CA SER A 4 0.06 5.44 10.49
C SER A 4 0.07 4.75 11.85
N VAL A 5 -1.12 4.54 12.41
CA VAL A 5 -1.24 3.89 13.72
C VAL A 5 -2.58 3.15 13.82
N PRO A 6 -2.81 2.22 12.94
CA PRO A 6 -4.08 1.42 12.93
C PRO A 6 -4.11 0.39 14.05
N THR A 7 -5.02 -0.57 13.95
CA THR A 7 -5.15 -1.61 14.95
C THR A 7 -3.86 -2.44 15.06
N THR A 8 -2.82 -1.83 15.64
CA THR A 8 -1.54 -2.51 15.79
C THR A 8 -1.04 -3.02 14.44
N CYS A 9 -0.61 -2.08 13.60
CA CYS A 9 -0.09 -2.45 12.27
C CYS A 9 -1.20 -3.13 11.46
N CYS A 10 -1.33 -2.73 10.19
CA CYS A 10 -2.34 -3.31 9.32
C CYS A 10 -2.40 -4.83 9.47
N PHE A 11 -3.55 -5.40 9.15
CA PHE A 11 -3.73 -6.85 9.26
C PHE A 11 -2.54 -7.59 8.66
N ASN A 12 -2.40 -7.51 7.34
CA ASN A 12 -1.29 -8.17 6.64
C ASN A 12 -0.95 -7.44 5.36
N LEU A 13 -1.44 -7.97 4.23
CA LEU A 13 -1.19 -7.36 2.91
C LEU A 13 -2.51 -6.96 2.25
N ALA A 14 -2.53 -6.95 0.92
CA ALA A 14 -3.73 -6.58 0.18
C ALA A 14 -3.76 -7.27 -1.18
N ASN A 15 -4.98 -7.50 -1.69
CA ASN A 15 -5.15 -8.16 -2.98
C ASN A 15 -5.23 -7.13 -4.10
N ARG A 16 -5.49 -7.61 -5.32
CA ARG A 16 -5.60 -6.74 -6.48
C ARG A 16 -4.50 -5.69 -6.48
N LYS A 17 -4.86 -4.43 -6.69
CA LYS A 17 -3.87 -3.36 -6.72
C LYS A 17 -4.51 -2.00 -6.44
N ILE A 18 -3.82 -1.18 -5.65
CA ILE A 18 -4.31 0.14 -5.31
C ILE A 18 -4.20 1.06 -6.54
N PRO A 19 -5.22 1.82 -6.89
CA PRO A 19 -5.15 2.73 -8.08
C PRO A 19 -3.96 3.68 -7.98
N LEU A 20 -3.26 3.88 -9.09
CA LEU A 20 -2.09 4.76 -9.12
C LEU A 20 -2.48 6.23 -8.99
N GLN A 21 -3.71 6.56 -9.37
CA GLN A 21 -4.17 7.94 -9.30
C GLN A 21 -4.33 8.44 -7.86
N ARG A 22 -4.86 7.60 -6.98
CA ARG A 22 -5.07 7.98 -5.58
C ARG A 22 -3.82 7.72 -4.75
N LEU A 23 -2.95 6.87 -5.25
CA LEU A 23 -1.71 6.52 -4.55
C LEU A 23 -0.83 7.76 -4.37
N GLU A 24 -0.36 7.97 -3.14
CA GLU A 24 0.50 9.12 -2.83
C GLU A 24 1.95 8.68 -2.70
N SER A 25 2.24 7.81 -1.73
CA SER A 25 3.60 7.32 -1.51
C SER A 25 3.58 5.96 -0.81
N TYR A 26 4.76 5.37 -0.61
CA TYR A 26 4.87 4.07 0.05
C TYR A 26 5.67 4.18 1.36
N ARG A 27 5.54 3.17 2.22
CA ARG A 27 6.24 3.17 3.50
C ARG A 27 6.41 1.73 4.01
N ARG A 28 7.63 1.40 4.45
CA ARG A 28 7.91 0.05 4.94
C ARG A 28 7.57 -0.09 6.43
N ILE A 29 7.23 -1.31 6.84
CA ILE A 29 6.88 -1.61 8.24
C ILE A 29 7.95 -2.51 8.85
N THR A 30 8.73 -1.95 9.79
CA THR A 30 9.78 -2.71 10.45
C THR A 30 9.82 -2.37 11.93
N SER A 31 10.00 -1.10 12.24
CA SER A 31 10.04 -0.66 13.63
C SER A 31 8.80 -1.14 14.37
N GLY A 32 7.66 -1.11 13.68
CA GLY A 32 6.40 -1.56 14.28
C GLY A 32 6.25 -3.07 14.16
N LYS A 33 5.31 -3.63 14.92
CA LYS A 33 5.08 -5.07 14.90
C LYS A 33 4.17 -5.44 13.73
N CYS A 34 4.69 -6.24 12.81
CA CYS A 34 3.91 -6.67 11.65
C CYS A 34 4.44 -8.01 11.13
N PRO A 35 3.65 -8.79 10.43
CA PRO A 35 4.08 -10.11 9.89
C PRO A 35 5.51 -10.09 9.36
N GLN A 36 5.73 -9.36 8.26
CA GLN A 36 7.05 -9.28 7.65
C GLN A 36 7.21 -7.96 6.91
N LYS A 37 8.46 -7.61 6.59
CA LYS A 37 8.74 -6.37 5.87
C LYS A 37 7.80 -6.24 4.67
N ALA A 38 7.22 -5.06 4.51
CA ALA A 38 6.29 -4.82 3.40
C ALA A 38 6.06 -3.33 3.20
N VAL A 39 5.94 -2.91 1.94
CA VAL A 39 5.71 -1.49 1.66
C VAL A 39 4.23 -1.16 1.85
N ILE A 40 3.96 0.06 2.33
CA ILE A 40 2.59 0.50 2.60
C ILE A 40 2.17 1.64 1.68
N PHE A 41 1.37 1.33 0.66
CA PHE A 41 0.91 2.37 -0.26
C PHE A 41 -0.25 3.12 0.37
N LYS A 42 -0.08 4.43 0.56
CA LYS A 42 -1.11 5.27 1.16
C LYS A 42 -1.85 6.05 0.08
N THR A 43 -3.12 6.32 0.31
CA THR A 43 -3.94 7.06 -0.64
C THR A 43 -5.03 7.84 0.10
N LYS A 44 -5.77 8.65 -0.64
CA LYS A 44 -6.83 9.46 -0.04
C LYS A 44 -8.11 8.64 0.16
N LEU A 45 -7.94 7.35 0.43
CA LEU A 45 -9.11 6.49 0.66
C LEU A 45 -9.67 6.72 2.06
N ALA A 46 -9.11 6.03 3.05
CA ALA A 46 -9.58 6.17 4.42
C ALA A 46 -8.61 5.51 5.40
N LYS A 47 -7.67 4.73 4.87
CA LYS A 47 -6.69 4.05 5.72
C LYS A 47 -5.46 3.64 4.91
N ASP A 48 -4.49 3.05 5.59
CA ASP A 48 -3.26 2.61 4.94
C ASP A 48 -3.42 1.21 4.36
N ILE A 49 -2.68 0.93 3.28
CA ILE A 49 -2.74 -0.38 2.62
C ILE A 49 -1.36 -1.01 2.61
N CYS A 50 -1.28 -2.28 3.02
CA CYS A 50 0.00 -2.99 3.07
C CYS A 50 0.19 -3.89 1.86
N ALA A 51 1.46 -4.21 1.57
CA ALA A 51 1.78 -5.06 0.43
C ALA A 51 3.27 -5.44 0.45
N ASP A 52 3.58 -6.69 0.12
CA ASP A 52 4.96 -7.17 0.11
C ASP A 52 5.61 -6.98 -1.27
N PRO A 53 6.89 -6.64 -1.33
CA PRO A 53 7.62 -6.45 -2.63
C PRO A 53 7.84 -7.76 -3.36
N LYS A 54 6.76 -8.32 -3.89
CA LYS A 54 6.83 -9.57 -4.63
C LYS A 54 5.75 -9.60 -5.71
N LYS A 55 4.59 -9.02 -5.37
CA LYS A 55 3.48 -8.95 -6.31
C LYS A 55 3.76 -7.84 -7.33
N LYS A 56 3.44 -8.11 -8.58
CA LYS A 56 3.70 -7.16 -9.67
C LYS A 56 3.27 -5.72 -9.32
N TRP A 57 2.00 -5.52 -8.99
CA TRP A 57 1.51 -4.18 -8.70
C TRP A 57 2.31 -3.50 -7.59
N VAL A 58 2.88 -4.27 -6.68
CA VAL A 58 3.65 -3.69 -5.60
C VAL A 58 4.95 -3.09 -6.14
N GLN A 59 5.71 -3.90 -6.86
CA GLN A 59 6.98 -3.44 -7.43
C GLN A 59 6.75 -2.34 -8.46
N ASP A 60 5.63 -2.44 -9.18
CA ASP A 60 5.31 -1.46 -10.22
C ASP A 60 4.82 -0.15 -9.61
N SER A 61 4.22 -0.21 -8.43
CA SER A 61 3.70 0.99 -7.77
C SER A 61 4.83 1.90 -7.32
N MET A 62 5.80 1.36 -6.59
CA MET A 62 6.92 2.16 -6.10
C MET A 62 7.77 2.64 -7.28
N LYS A 63 7.98 1.77 -8.25
CA LYS A 63 8.77 2.13 -9.43
C LYS A 63 8.18 3.37 -10.08
N TYR A 64 6.87 3.38 -10.23
CA TYR A 64 6.18 4.50 -10.84
C TYR A 64 6.41 5.76 -9.99
N LEU A 65 6.51 5.57 -8.68
CA LEU A 65 6.75 6.70 -7.78
C LEU A 65 8.19 7.17 -7.88
N ASP A 66 9.05 6.29 -8.39
CA ASP A 66 10.46 6.62 -8.54
C ASP A 66 10.67 7.65 -9.64
N GLN A 67 9.82 7.58 -10.67
CA GLN A 67 9.92 8.51 -11.79
C GLN A 67 9.65 9.95 -11.33
N LYS A 68 8.52 10.16 -10.67
CA LYS A 68 8.16 11.49 -10.20
C LYS A 68 8.98 11.85 -8.95
N SER A 69 9.28 10.85 -8.13
CA SER A 69 10.07 11.10 -6.93
C SER A 69 9.37 12.10 -6.01
N PRO A 70 8.46 11.67 -5.17
CA PRO A 70 7.72 12.56 -4.24
C PRO A 70 8.49 12.85 -2.96
N THR A 71 9.54 12.06 -2.72
CA THR A 71 10.35 12.23 -1.51
C THR A 71 11.67 11.48 -1.64
N PRO A 72 12.50 11.88 -2.57
CA PRO A 72 13.83 11.23 -2.80
C PRO A 72 14.86 11.66 -1.76
N LYS A 73 15.78 10.76 -1.44
CA LYS A 73 16.82 11.05 -0.46
C LYS A 73 16.20 11.51 0.87
N PRO A 74 15.40 10.67 1.47
CA PRO A 74 14.72 10.99 2.76
C PRO A 74 15.69 10.91 3.94
N VAL B 1 -1.81 -13.97 0.99
CA VAL B 1 -1.94 -15.35 0.44
C VAL B 1 -2.28 -15.28 -1.04
N GLU B 2 -2.64 -16.41 -1.62
CA GLU B 2 -2.98 -16.47 -3.04
C GLU B 2 -4.26 -15.68 -3.31
N THR B 3 -4.77 -15.79 -4.53
CA THR B 3 -5.98 -15.09 -4.92
C THR B 3 -5.79 -13.57 -4.81
N PHE B 4 -4.61 -13.15 -4.37
CA PHE B 4 -4.31 -11.73 -4.23
C PHE B 4 -3.85 -11.16 -5.58
N GLY B 5 -4.81 -10.93 -6.47
CA GLY B 5 -4.50 -10.39 -7.79
C GLY B 5 -5.65 -10.63 -8.75
N THR B 6 -6.10 -9.56 -9.41
CA THR B 6 -7.19 -9.67 -10.37
C THR B 6 -7.21 -8.48 -11.33
N THR B 7 -7.67 -7.33 -10.84
CA THR B 7 -7.73 -6.14 -11.66
C THR B 7 -7.83 -4.88 -10.79
N SER B 8 -8.80 -4.02 -11.08
CA SER B 8 -8.98 -2.79 -10.31
C SER B 8 -9.08 -3.11 -8.82
N TYS B 9 -9.46 -2.11 -8.02
CA TYS B 9 -9.60 -2.28 -6.59
CB TYS B 9 -8.25 -2.06 -5.90
CG TYS B 9 -8.40 -2.19 -4.41
CD1 TYS B 9 -8.17 -1.08 -3.58
CD2 TYS B 9 -8.79 -3.41 -3.84
CE1 TYS B 9 -8.32 -1.20 -2.19
CE2 TYS B 9 -8.94 -3.53 -2.46
CZ TYS B 9 -8.70 -2.43 -1.63
OH TYS B 9 -8.85 -2.54 -0.27
S TYS B 9 -7.69 -3.09 0.58
O1 TYS B 9 -7.92 -2.73 2.01
O2 TYS B 9 -7.62 -4.57 0.45
O3 TYS B 9 -6.42 -2.48 0.12
C TYS B 9 -10.64 -1.32 -6.03
O TYS B 9 -10.91 -1.30 -4.82
H TYS B 9 -9.65 -1.23 -8.42
HA TYS B 9 -9.92 -3.30 -6.39
HB2 TYS B 9 -7.55 -2.80 -6.26
HB3 TYS B 9 -7.89 -1.07 -6.16
HD1 TYS B 9 -7.87 -0.13 -4.01
HD2 TYS B 9 -8.98 -4.26 -4.48
HE1 TYS B 9 -8.14 -0.35 -1.55
HE2 TYS B 9 -9.24 -4.47 -2.03
N TYS B 10 -11.25 -0.55 -6.92
CA TYS B 10 -12.29 0.40 -6.54
CB TYS B 10 -11.67 1.70 -5.99
CG TYS B 10 -11.22 1.52 -4.56
CD1 TYS B 10 -12.14 1.19 -3.55
CD2 TYS B 10 -9.87 1.70 -4.22
CE1 TYS B 10 -11.72 1.04 -2.23
CE2 TYS B 10 -9.45 1.54 -2.88
CZ TYS B 10 -10.38 1.21 -1.89
OH TYS B 10 -9.96 1.06 -0.58
S TYS B 10 -10.84 1.54 0.57
O1 TYS B 10 -11.95 2.38 0.04
O2 TYS B 10 -11.42 0.36 1.29
O3 TYS B 10 -10.02 2.35 1.52
C TYS B 10 -13.17 0.72 -7.74
O TYS B 10 -13.57 1.87 -7.96
H TYS B 10 -11.01 -0.63 -7.87
HA TYS B 10 -12.90 -0.04 -5.77
HB2 TYS B 10 -10.83 1.98 -6.61
HB3 TYS B 10 -12.40 2.50 -6.03
HD1 TYS B 10 -13.19 1.06 -3.80
HD2 TYS B 10 -9.15 1.96 -4.97
HE1 TYS B 10 -12.44 0.77 -1.46
HE2 TYS B 10 -8.41 1.68 -2.63
N ASP B 11 -13.47 -0.31 -8.54
CA ASP B 11 -14.29 -0.13 -9.72
C ASP B 11 -15.74 0.12 -9.34
N ASP B 12 -15.95 0.98 -8.35
CA ASP B 12 -17.29 1.30 -7.89
C ASP B 12 -17.29 2.61 -7.11
N VAL B 13 -16.15 2.92 -6.51
CA VAL B 13 -16.03 4.16 -5.74
C VAL B 13 -17.08 4.20 -4.64
N GLY B 14 -16.81 4.98 -3.60
CA GLY B 14 -17.74 5.10 -2.48
C GLY B 14 -17.67 3.85 -1.60
N LEU B 15 -17.40 2.71 -2.23
CA LEU B 15 -17.30 1.45 -1.51
C LEU B 15 -16.47 1.63 -0.24
N LEU B 16 -15.52 2.56 -0.29
CA LEU B 16 -14.67 2.82 0.85
C LEU B 16 -15.49 2.96 2.13
N GLY A 1 -2.99 11.93 10.98
CA GLY A 1 -4.13 11.05 10.62
C GLY A 1 -3.60 9.69 10.15
N PRO A 2 -2.96 9.66 9.01
CA PRO A 2 -2.39 8.40 8.45
C PRO A 2 -1.13 7.96 9.19
N ALA A 3 -0.64 8.81 10.07
CA ALA A 3 0.56 8.51 10.84
C ALA A 3 0.37 7.22 11.64
N SER A 4 1.42 6.41 11.70
CA SER A 4 1.35 5.15 12.44
C SER A 4 1.54 5.38 13.93
N VAL A 5 0.69 6.22 14.51
CA VAL A 5 0.77 6.52 15.94
C VAL A 5 -0.04 5.51 16.78
N PRO A 6 -1.16 5.04 16.28
CA PRO A 6 -2.01 4.07 17.03
C PRO A 6 -1.62 2.62 16.74
N THR A 7 -1.81 1.76 17.73
CA THR A 7 -1.47 0.34 17.57
C THR A 7 -2.00 -0.19 16.25
N THR A 8 -3.14 0.35 15.81
CA THR A 8 -3.75 -0.08 14.55
C THR A 8 -2.73 0.04 13.41
N CYS A 9 -1.94 -1.02 13.22
CA CYS A 9 -0.94 -1.01 12.16
C CYS A 9 -1.61 -1.20 10.80
N CYS A 10 -1.78 -2.45 10.40
CA CYS A 10 -2.39 -2.76 9.11
C CYS A 10 -2.32 -4.26 8.85
N PHE A 11 -3.43 -4.83 8.41
CA PHE A 11 -3.47 -6.27 8.12
C PHE A 11 -2.23 -6.68 7.35
N ASN A 12 -2.04 -7.99 7.20
CA ASN A 12 -0.87 -8.50 6.48
C ASN A 12 -0.69 -7.73 5.17
N LEU A 13 -1.20 -8.29 4.07
CA LEU A 13 -1.09 -7.63 2.75
C LEU A 13 -2.46 -7.28 2.22
N ALA A 14 -2.48 -6.59 1.07
CA ALA A 14 -3.74 -6.20 0.45
C ALA A 14 -4.32 -7.35 -0.37
N ASN A 15 -4.52 -7.11 -1.66
CA ASN A 15 -5.07 -8.15 -2.54
C ASN A 15 -4.78 -7.83 -4.00
N ARG A 16 -5.66 -7.03 -4.62
CA ARG A 16 -5.50 -6.66 -6.01
C ARG A 16 -4.55 -5.47 -6.17
N LYS A 17 -4.70 -4.73 -7.27
CA LYS A 17 -3.86 -3.57 -7.54
C LYS A 17 -4.54 -2.28 -7.07
N ILE A 18 -3.76 -1.44 -6.38
CA ILE A 18 -4.27 -0.17 -5.87
C ILE A 18 -4.20 0.88 -6.99
N PRO A 19 -5.23 1.69 -7.21
CA PRO A 19 -5.19 2.73 -8.29
C PRO A 19 -4.04 3.72 -8.08
N LEU A 20 -3.31 4.00 -9.17
CA LEU A 20 -2.17 4.91 -9.10
C LEU A 20 -2.63 6.37 -8.93
N GLN A 21 -3.85 6.67 -9.35
CA GLN A 21 -4.37 8.04 -9.24
C GLN A 21 -4.51 8.46 -7.77
N ARG A 22 -4.92 7.54 -6.92
CA ARG A 22 -5.11 7.84 -5.49
C ARG A 22 -3.82 7.68 -4.71
N LEU A 23 -3.10 6.59 -4.98
CA LEU A 23 -1.85 6.31 -4.29
C LEU A 23 -0.99 7.58 -4.22
N GLU A 24 -0.38 7.82 -3.05
CA GLU A 24 0.47 9.01 -2.84
C GLU A 24 1.93 8.61 -2.78
N SER A 25 2.27 7.86 -1.75
CA SER A 25 3.64 7.42 -1.53
C SER A 25 3.66 6.08 -0.79
N TYR A 26 4.85 5.48 -0.64
CA TYR A 26 4.98 4.19 0.05
C TYR A 26 5.83 4.32 1.31
N ARG A 27 5.76 3.31 2.17
CA ARG A 27 6.52 3.30 3.42
C ARG A 27 6.66 1.87 3.93
N ARG A 28 7.74 1.60 4.67
CA ARG A 28 7.99 0.25 5.20
C ARG A 28 7.45 0.12 6.64
N ILE A 29 7.12 -1.11 7.03
CA ILE A 29 6.60 -1.38 8.37
C ILE A 29 7.66 -2.13 9.20
N THR A 30 8.26 -3.15 8.60
CA THR A 30 9.28 -3.96 9.28
C THR A 30 8.75 -4.48 10.61
N SER A 31 9.46 -5.46 11.17
CA SER A 31 9.06 -6.06 12.43
C SER A 31 8.87 -4.98 13.50
N GLY A 32 8.13 -5.34 14.56
CA GLY A 32 7.87 -4.40 15.64
C GLY A 32 6.80 -3.38 15.25
N LYS A 33 5.90 -3.79 14.36
CA LYS A 33 4.83 -2.91 13.92
C LYS A 33 3.82 -3.67 13.06
N CYS A 34 4.26 -4.76 12.45
CA CYS A 34 3.39 -5.56 11.61
C CYS A 34 4.13 -6.82 11.13
N PRO A 35 3.42 -7.77 10.55
CA PRO A 35 4.04 -9.04 10.05
C PRO A 35 5.29 -8.81 9.19
N GLN A 36 5.70 -9.86 8.48
CA GLN A 36 6.89 -9.81 7.63
C GLN A 36 7.08 -8.43 6.99
N LYS A 37 8.33 -8.04 6.82
CA LYS A 37 8.66 -6.75 6.23
C LYS A 37 7.85 -6.53 4.95
N ALA A 38 7.41 -5.30 4.74
CA ALA A 38 6.62 -4.98 3.56
C ALA A 38 6.48 -3.47 3.38
N VAL A 39 5.94 -3.05 2.23
CA VAL A 39 5.74 -1.63 1.95
C VAL A 39 4.27 -1.27 2.12
N ILE A 40 3.98 0.01 2.38
CA ILE A 40 2.60 0.46 2.60
C ILE A 40 2.26 1.65 1.69
N PHE A 41 1.41 1.40 0.68
CA PHE A 41 1.00 2.47 -0.22
C PHE A 41 -0.15 3.25 0.40
N LYS A 42 0.06 4.55 0.61
CA LYS A 42 -0.97 5.40 1.21
C LYS A 42 -1.69 6.21 0.14
N THR A 43 -3.02 6.15 0.14
CA THR A 43 -3.84 6.88 -0.83
C THR A 43 -4.80 7.82 -0.11
N LYS A 44 -5.62 8.53 -0.87
CA LYS A 44 -6.57 9.47 -0.29
C LYS A 44 -7.82 8.73 0.19
N LEU A 45 -7.80 7.40 0.10
CA LEU A 45 -8.95 6.60 0.53
C LEU A 45 -9.38 7.04 1.93
N ALA A 46 -8.83 6.39 2.95
CA ALA A 46 -9.17 6.72 4.34
C ALA A 46 -8.43 5.78 5.30
N LYS A 47 -7.54 4.96 4.75
CA LYS A 47 -6.79 4.02 5.56
C LYS A 47 -5.49 3.61 4.84
N ASP A 48 -4.65 2.85 5.53
CA ASP A 48 -3.38 2.40 4.97
C ASP A 48 -3.52 1.02 4.33
N ILE A 49 -2.76 0.79 3.26
CA ILE A 49 -2.78 -0.48 2.54
C ILE A 49 -1.40 -1.13 2.58
N CYS A 50 -1.35 -2.42 2.94
CA CYS A 50 -0.07 -3.14 3.01
C CYS A 50 0.13 -4.01 1.78
N ALA A 51 1.38 -4.33 1.49
CA ALA A 51 1.70 -5.16 0.33
C ALA A 51 3.16 -5.60 0.37
N ASP A 52 3.41 -6.87 0.06
CA ASP A 52 4.76 -7.42 0.07
C ASP A 52 5.47 -7.18 -1.28
N PRO A 53 6.75 -6.83 -1.28
CA PRO A 53 7.50 -6.60 -2.55
C PRO A 53 7.66 -7.88 -3.37
N LYS A 54 6.53 -8.38 -3.88
CA LYS A 54 6.54 -9.59 -4.69
C LYS A 54 5.50 -9.46 -5.81
N LYS A 55 4.29 -9.07 -5.45
CA LYS A 55 3.23 -8.89 -6.43
C LYS A 55 3.64 -7.78 -7.40
N LYS A 56 3.28 -7.94 -8.67
CA LYS A 56 3.65 -6.98 -9.70
C LYS A 56 3.29 -5.53 -9.34
N TRP A 57 2.01 -5.27 -9.06
CA TRP A 57 1.58 -3.90 -8.76
C TRP A 57 2.36 -3.30 -7.59
N VAL A 58 2.86 -4.14 -6.70
CA VAL A 58 3.63 -3.63 -5.57
C VAL A 58 4.95 -3.06 -6.05
N GLN A 59 5.70 -3.85 -6.81
CA GLN A 59 7.00 -3.40 -7.31
C GLN A 59 6.81 -2.29 -8.36
N ASP A 60 5.72 -2.39 -9.12
CA ASP A 60 5.44 -1.39 -10.15
C ASP A 60 4.88 -0.10 -9.56
N SER A 61 4.23 -0.20 -8.40
CA SER A 61 3.65 0.98 -7.76
C SER A 61 4.75 1.94 -7.28
N MET A 62 5.71 1.42 -6.53
CA MET A 62 6.80 2.26 -6.03
C MET A 62 7.71 2.72 -7.16
N LYS A 63 7.88 1.85 -8.15
CA LYS A 63 8.73 2.19 -9.30
C LYS A 63 8.16 3.41 -10.01
N TYR A 64 6.82 3.42 -10.14
CA TYR A 64 6.14 4.54 -10.77
C TYR A 64 6.36 5.82 -9.96
N LEU A 65 6.46 5.66 -8.65
CA LEU A 65 6.68 6.80 -7.76
C LEU A 65 8.11 7.29 -7.87
N ASP A 66 8.99 6.42 -8.36
CA ASP A 66 10.39 6.76 -8.50
C ASP A 66 10.59 7.75 -9.64
N GLN A 67 9.76 7.64 -10.68
CA GLN A 67 9.85 8.53 -11.83
C GLN A 67 9.51 9.97 -11.42
N LYS A 68 8.35 10.14 -10.81
CA LYS A 68 7.92 11.48 -10.38
C LYS A 68 8.67 11.91 -9.13
N SER A 69 8.93 10.95 -8.24
CA SER A 69 9.65 11.25 -7.01
C SER A 69 8.89 12.28 -6.17
N PRO A 70 7.96 11.84 -5.35
CA PRO A 70 7.15 12.76 -4.50
C PRO A 70 8.03 13.76 -3.74
N THR A 71 7.42 14.87 -3.31
CA THR A 71 8.16 15.88 -2.57
C THR A 71 8.97 15.24 -1.44
N PRO A 72 10.07 15.85 -1.04
CA PRO A 72 10.92 15.31 0.05
C PRO A 72 10.10 14.66 1.16
N LYS A 73 10.15 13.32 1.22
CA LYS A 73 9.40 12.59 2.24
C LYS A 73 9.86 13.01 3.64
N PRO A 74 9.00 12.94 4.63
CA PRO A 74 9.36 13.32 6.03
C PRO A 74 10.30 12.31 6.68
N VAL B 1 -3.90 -20.77 -6.73
CA VAL B 1 -5.38 -20.77 -6.95
C VAL B 1 -5.93 -19.37 -6.74
N GLU B 2 -5.22 -18.59 -5.91
CA GLU B 2 -5.64 -17.22 -5.63
C GLU B 2 -4.43 -16.36 -5.27
N THR B 3 -3.68 -15.95 -6.29
CA THR B 3 -2.50 -15.13 -6.06
C THR B 3 -2.89 -13.70 -5.69
N PHE B 4 -3.84 -13.58 -4.78
CA PHE B 4 -4.31 -12.28 -4.34
C PHE B 4 -4.68 -11.42 -5.55
N GLY B 5 -4.79 -12.07 -6.71
CA GLY B 5 -5.15 -11.36 -7.93
C GLY B 5 -4.34 -10.09 -8.11
N THR B 6 -4.62 -9.36 -9.19
CA THR B 6 -3.92 -8.11 -9.47
C THR B 6 -4.62 -7.35 -10.59
N THR B 7 -5.70 -6.65 -10.25
CA THR B 7 -6.44 -5.88 -11.23
C THR B 7 -7.28 -4.81 -10.54
N SER B 8 -8.53 -4.64 -10.99
CA SER B 8 -9.41 -3.64 -10.40
C SER B 8 -9.37 -3.72 -8.88
N TYS B 9 -9.82 -2.66 -8.22
CA TYS B 9 -9.82 -2.63 -6.76
CB TYS B 9 -8.40 -2.37 -6.25
CG TYS B 9 -8.36 -2.55 -4.75
CD1 TYS B 9 -8.61 -3.80 -4.17
CD2 TYS B 9 -8.07 -1.45 -3.92
CE1 TYS B 9 -8.57 -3.96 -2.78
CE2 TYS B 9 -8.04 -1.60 -2.53
CZ TYS B 9 -8.29 -2.86 -1.96
OH TYS B 9 -8.25 -3.02 -0.60
S TYS B 9 -9.48 -3.55 0.15
O1 TYS B 9 -9.19 -4.90 0.70
O2 TYS B 9 -9.83 -2.62 1.27
O3 TYS B 9 -10.64 -3.63 -0.79
C TYS B 9 -10.75 -1.54 -6.25
O TYS B 9 -11.01 -1.44 -5.04
H TYS B 9 -10.16 -1.89 -8.71
HA TYS B 9 -10.17 -3.59 -6.39
HB2 TYS B 9 -7.74 -3.09 -6.70
HB3 TYS B 9 -8.09 -1.37 -6.51
HD1 TYS B 9 -8.82 -4.65 -4.80
HD2 TYS B 9 -7.88 -0.47 -4.36
HE1 TYS B 9 -8.76 -4.92 -2.34
HE2 TYS B 9 -7.83 -0.76 -1.90
N TYS B 10 -11.27 -0.74 -7.16
CA TYS B 10 -12.20 0.35 -6.81
CB TYS B 10 -11.41 1.59 -6.36
CG TYS B 10 -11.02 1.48 -4.89
CD1 TYS B 10 -9.67 1.43 -4.51
CD2 TYS B 10 -12.03 1.41 -3.91
CE1 TYS B 10 -9.32 1.33 -3.17
CE2 TYS B 10 -11.67 1.31 -2.56
CZ TYS B 10 -10.33 1.27 -2.18
OH TYS B 10 -9.98 1.16 -0.85
S TYS B 10 -10.14 -0.19 -0.13
O1 TYS B 10 -10.85 0.03 1.16
O2 TYS B 10 -10.91 -1.12 -0.98
O3 TYS B 10 -8.79 -0.75 0.14
C TYS B 10 -13.08 0.68 -8.01
O TYS B 10 -13.50 1.83 -8.19
H TYS B 10 -11.04 -0.87 -8.10
HA TYS B 10 -12.83 0.01 -6.00
HB2 TYS B 10 -10.52 1.68 -6.95
HB3 TYS B 10 -12.02 2.47 -6.49
HD1 TYS B 10 -8.90 1.47 -5.27
HD2 TYS B 10 -13.06 1.45 -4.20
HE1 TYS B 10 -8.28 1.29 -2.87
HE2 TYS B 10 -12.45 1.26 -1.81
N ASP B 11 -13.36 -0.33 -8.83
CA ASP B 11 -14.19 -0.13 -10.01
C ASP B 11 -15.46 0.65 -9.64
N ASP B 12 -15.83 0.59 -8.37
CA ASP B 12 -17.01 1.29 -7.91
C ASP B 12 -16.76 2.79 -7.85
N VAL B 13 -15.51 3.17 -7.56
CA VAL B 13 -15.13 4.57 -7.48
C VAL B 13 -15.89 5.26 -6.35
N GLY B 14 -17.20 5.43 -6.51
CA GLY B 14 -18.02 6.06 -5.50
C GLY B 14 -17.62 5.60 -4.10
N LEU B 15 -16.97 4.44 -4.04
CA LEU B 15 -16.53 3.88 -2.77
C LEU B 15 -15.45 4.77 -2.15
N LEU B 16 -15.87 5.75 -1.34
CA LEU B 16 -14.94 6.66 -0.70
C LEU B 16 -15.67 7.59 0.25
N GLY A 1 5.38 8.13 19.46
CA GLY A 1 6.84 7.82 19.48
C GLY A 1 7.46 8.17 18.13
N PRO A 2 8.76 8.14 18.04
CA PRO A 2 9.50 8.47 16.79
C PRO A 2 9.39 7.35 15.75
N ALA A 3 9.72 7.66 14.51
CA ALA A 3 9.66 6.68 13.44
C ALA A 3 8.24 6.15 13.27
N SER A 4 7.55 6.66 12.26
CA SER A 4 6.16 6.24 12.00
C SER A 4 5.35 6.25 13.29
N VAL A 5 4.36 5.36 13.36
CA VAL A 5 3.51 5.27 14.54
C VAL A 5 2.98 3.85 14.72
N PRO A 6 3.86 2.92 15.00
CA PRO A 6 3.48 1.49 15.19
C PRO A 6 2.24 1.33 16.08
N THR A 7 1.27 0.54 15.61
CA THR A 7 0.05 0.32 16.37
C THR A 7 -0.71 -0.87 15.81
N THR A 8 -1.21 -0.74 14.58
CA THR A 8 -1.96 -1.81 13.94
C THR A 8 -2.13 -1.53 12.45
N CYS A 9 -1.06 -1.73 11.68
CA CYS A 9 -1.11 -1.49 10.24
C CYS A 9 -2.13 -2.41 9.59
N CYS A 10 -2.43 -2.15 8.32
CA CYS A 10 -3.40 -2.95 7.59
C CYS A 10 -3.12 -4.44 7.80
N PHE A 11 -4.14 -5.26 7.58
CA PHE A 11 -4.00 -6.70 7.75
C PHE A 11 -2.84 -7.24 6.92
N ASN A 12 -2.78 -8.55 6.76
CA ASN A 12 -1.71 -9.17 5.98
C ASN A 12 -1.82 -8.78 4.51
N LEU A 13 -0.94 -7.89 4.08
CA LEU A 13 -0.92 -7.44 2.70
C LEU A 13 -2.33 -7.07 2.23
N ALA A 14 -2.43 -6.65 0.96
CA ALA A 14 -3.72 -6.28 0.38
C ALA A 14 -4.27 -7.41 -0.46
N ASN A 15 -4.50 -7.16 -1.75
CA ASN A 15 -5.02 -8.19 -2.63
C ASN A 15 -4.71 -7.88 -4.09
N ARG A 16 -5.43 -6.91 -4.66
CA ARG A 16 -5.25 -6.53 -6.05
C ARG A 16 -4.36 -5.29 -6.20
N LYS A 17 -4.44 -4.67 -7.37
CA LYS A 17 -3.65 -3.46 -7.65
C LYS A 17 -4.36 -2.22 -7.14
N ILE A 18 -3.63 -1.39 -6.41
CA ILE A 18 -4.19 -0.16 -5.87
C ILE A 18 -4.18 0.91 -6.99
N PRO A 19 -5.25 1.66 -7.18
CA PRO A 19 -5.29 2.70 -8.26
C PRO A 19 -4.17 3.73 -8.08
N LEU A 20 -3.37 3.92 -9.13
CA LEU A 20 -2.27 4.87 -9.09
C LEU A 20 -2.77 6.30 -8.95
N GLN A 21 -4.00 6.55 -9.41
CA GLN A 21 -4.56 7.89 -9.35
C GLN A 21 -4.80 8.35 -7.90
N ARG A 22 -4.90 7.39 -6.98
CA ARG A 22 -5.14 7.72 -5.56
C ARG A 22 -3.88 7.55 -4.73
N LEU A 23 -3.14 6.48 -4.98
CA LEU A 23 -1.90 6.20 -4.25
C LEU A 23 -1.07 7.50 -4.13
N GLU A 24 -0.42 7.69 -2.99
CA GLU A 24 0.41 8.88 -2.75
C GLU A 24 1.89 8.53 -2.67
N SER A 25 2.25 7.73 -1.66
CA SER A 25 3.64 7.31 -1.46
C SER A 25 3.68 5.96 -0.76
N TYR A 26 4.89 5.41 -0.59
CA TYR A 26 5.07 4.11 0.07
C TYR A 26 5.96 4.23 1.30
N ARG A 27 5.85 3.27 2.21
CA ARG A 27 6.66 3.27 3.42
C ARG A 27 6.67 1.87 4.06
N ARG A 28 7.85 1.40 4.44
CA ARG A 28 7.98 0.07 5.03
C ARG A 28 7.52 0.08 6.50
N ILE A 29 7.13 -1.11 7.00
CA ILE A 29 6.66 -1.26 8.38
C ILE A 29 7.76 -1.87 9.24
N THR A 30 8.04 -3.15 9.01
CA THR A 30 9.07 -3.85 9.76
C THR A 30 8.80 -3.75 11.26
N SER A 31 7.57 -3.42 11.61
CA SER A 31 7.19 -3.29 13.01
C SER A 31 7.03 -4.67 13.65
N GLY A 32 6.65 -4.68 14.93
CA GLY A 32 6.46 -5.94 15.65
C GLY A 32 5.13 -6.58 15.29
N LYS A 33 4.03 -5.91 15.63
CA LYS A 33 2.71 -6.43 15.34
C LYS A 33 2.57 -6.77 13.86
N CYS A 34 2.85 -5.79 13.00
CA CYS A 34 2.77 -6.00 11.56
C CYS A 34 3.54 -7.25 11.15
N PRO A 35 3.12 -7.96 10.13
CA PRO A 35 3.81 -9.19 9.67
C PRO A 35 5.15 -8.88 8.99
N GLN A 36 5.66 -9.83 8.23
CA GLN A 36 6.93 -9.64 7.52
C GLN A 36 7.00 -8.26 6.89
N LYS A 37 8.21 -7.74 6.72
CA LYS A 37 8.40 -6.43 6.12
C LYS A 37 7.52 -6.27 4.89
N ALA A 38 6.98 -5.07 4.70
CA ALA A 38 6.11 -4.81 3.56
C ALA A 38 5.95 -3.31 3.31
N VAL A 39 5.93 -2.92 2.04
CA VAL A 39 5.78 -1.51 1.69
C VAL A 39 4.31 -1.11 1.78
N ILE A 40 4.02 -0.07 2.56
CA ILE A 40 2.64 0.40 2.75
C ILE A 40 2.31 1.55 1.81
N PHE A 41 1.47 1.29 0.80
CA PHE A 41 1.06 2.33 -0.13
C PHE A 41 -0.08 3.14 0.48
N LYS A 42 0.15 4.44 0.67
CA LYS A 42 -0.87 5.31 1.26
C LYS A 42 -1.58 6.09 0.16
N THR A 43 -2.92 6.03 0.17
CA THR A 43 -3.72 6.73 -0.83
C THR A 43 -4.57 7.81 -0.16
N LYS A 44 -5.37 8.50 -0.97
CA LYS A 44 -6.23 9.56 -0.45
C LYS A 44 -7.55 8.98 0.05
N LEU A 45 -7.62 7.66 0.14
CA LEU A 45 -8.84 6.99 0.61
C LEU A 45 -9.14 7.41 2.04
N ALA A 46 -8.66 6.64 3.01
CA ALA A 46 -8.91 6.96 4.41
C ALA A 46 -8.19 5.98 5.34
N LYS A 47 -7.37 5.10 4.77
CA LYS A 47 -6.64 4.13 5.57
C LYS A 47 -5.35 3.69 4.86
N ASP A 48 -4.50 2.96 5.59
CA ASP A 48 -3.24 2.47 5.03
C ASP A 48 -3.42 1.09 4.41
N ILE A 49 -2.66 0.82 3.35
CA ILE A 49 -2.72 -0.47 2.65
C ILE A 49 -1.39 -1.21 2.80
N CYS A 50 -1.46 -2.52 3.03
CA CYS A 50 -0.25 -3.34 3.19
C CYS A 50 0.04 -4.09 1.89
N ALA A 51 1.33 -4.40 1.66
CA ALA A 51 1.70 -5.13 0.45
C ALA A 51 3.18 -5.54 0.52
N ASP A 52 3.45 -6.81 0.22
CA ASP A 52 4.82 -7.34 0.26
C ASP A 52 5.54 -7.13 -1.09
N PRO A 53 6.82 -6.81 -1.09
CA PRO A 53 7.60 -6.60 -2.36
C PRO A 53 7.77 -7.89 -3.15
N LYS A 54 6.67 -8.37 -3.74
CA LYS A 54 6.69 -9.59 -4.55
C LYS A 54 5.65 -9.49 -5.66
N LYS A 55 4.42 -9.16 -5.28
CA LYS A 55 3.34 -9.01 -6.25
C LYS A 55 3.75 -7.92 -7.26
N LYS A 56 3.29 -8.07 -8.50
CA LYS A 56 3.65 -7.11 -9.56
C LYS A 56 3.27 -5.66 -9.22
N TRP A 57 2.00 -5.42 -8.95
CA TRP A 57 1.54 -4.05 -8.67
C TRP A 57 2.32 -3.42 -7.53
N VAL A 58 2.92 -4.23 -6.68
CA VAL A 58 3.68 -3.69 -5.56
C VAL A 58 4.99 -3.09 -6.05
N GLN A 59 5.78 -3.89 -6.76
CA GLN A 59 7.07 -3.42 -7.26
C GLN A 59 6.86 -2.33 -8.32
N ASP A 60 5.79 -2.46 -9.10
CA ASP A 60 5.49 -1.49 -10.16
C ASP A 60 5.03 -0.16 -9.59
N SER A 61 4.17 -0.20 -8.57
CA SER A 61 3.64 1.03 -7.98
C SER A 61 4.75 1.94 -7.46
N MET A 62 5.67 1.40 -6.65
CA MET A 62 6.76 2.23 -6.13
C MET A 62 7.66 2.72 -7.25
N LYS A 63 7.83 1.89 -8.28
CA LYS A 63 8.66 2.27 -9.40
C LYS A 63 8.05 3.48 -10.11
N TYR A 64 6.72 3.46 -10.22
CA TYR A 64 6.01 4.56 -10.86
C TYR A 64 6.22 5.84 -10.05
N LEU A 65 6.36 5.68 -8.74
CA LEU A 65 6.58 6.82 -7.86
C LEU A 65 8.02 7.32 -7.99
N ASP A 66 8.88 6.46 -8.52
CA ASP A 66 10.28 6.82 -8.71
C ASP A 66 10.43 7.91 -9.78
N GLN A 67 9.54 7.87 -10.77
CA GLN A 67 9.58 8.85 -11.84
C GLN A 67 9.32 10.27 -11.33
N LYS A 68 8.20 10.42 -10.62
CA LYS A 68 7.84 11.74 -10.08
C LYS A 68 8.64 12.04 -8.82
N SER A 69 9.14 10.99 -8.17
CA SER A 69 9.93 11.18 -6.95
C SER A 69 9.24 12.17 -6.01
N PRO A 70 8.34 11.72 -5.18
CA PRO A 70 7.62 12.61 -4.23
C PRO A 70 8.42 12.86 -2.95
N THR A 71 9.55 12.19 -2.82
CA THR A 71 10.40 12.34 -1.65
C THR A 71 9.62 12.05 -0.37
N PRO A 72 9.37 10.79 -0.11
CA PRO A 72 8.61 10.36 1.11
C PRO A 72 9.11 11.05 2.37
N LYS A 73 8.22 11.77 3.05
CA LYS A 73 8.58 12.47 4.28
C LYS A 73 7.34 12.81 5.08
N PRO A 74 6.59 11.81 5.48
CA PRO A 74 5.34 12.01 6.27
C PRO A 74 5.64 12.36 7.73
N VAL B 1 -6.93 -19.15 -9.95
CA VAL B 1 -5.73 -18.70 -9.20
C VAL B 1 -5.92 -18.99 -7.72
N GLU B 2 -5.10 -18.34 -6.89
CA GLU B 2 -5.19 -18.54 -5.45
C GLU B 2 -4.30 -17.54 -4.72
N THR B 3 -4.46 -17.46 -3.40
CA THR B 3 -3.66 -16.55 -2.59
C THR B 3 -3.82 -15.12 -3.11
N PHE B 4 -4.70 -14.36 -2.48
CA PHE B 4 -4.94 -12.97 -2.88
C PHE B 4 -5.29 -12.90 -4.36
N GLY B 5 -6.55 -12.58 -4.65
CA GLY B 5 -7.00 -12.48 -6.04
C GLY B 5 -8.52 -12.29 -6.11
N THR B 6 -8.95 -11.38 -6.98
CA THR B 6 -10.38 -11.12 -7.15
C THR B 6 -10.61 -10.16 -8.31
N THR B 7 -11.68 -9.37 -8.23
CA THR B 7 -12.00 -8.42 -9.29
C THR B 7 -11.22 -7.12 -9.12
N SER B 8 -11.53 -6.13 -9.95
CA SER B 8 -10.85 -4.84 -9.89
C SER B 8 -11.01 -4.22 -8.51
N TYS B 9 -9.95 -3.59 -8.02
CA TYS B 9 -9.99 -2.95 -6.71
CB TYS B 9 -8.57 -2.53 -6.28
CG TYS B 9 -8.39 -2.68 -4.78
CD1 TYS B 9 -8.56 -3.93 -4.17
CD2 TYS B 9 -8.06 -1.57 -4.00
CE1 TYS B 9 -8.39 -4.06 -2.79
CE2 TYS B 9 -7.89 -1.70 -2.62
CZ TYS B 9 -8.06 -2.95 -2.00
OH TYS B 9 -7.90 -3.09 -0.65
S TYS B 9 -9.09 -3.49 0.23
O1 TYS B 9 -9.07 -2.71 1.50
O2 TYS B 9 -10.36 -3.24 -0.50
O3 TYS B 9 -8.99 -4.95 0.54
C TYS B 9 -10.93 -1.75 -6.76
O TYS B 9 -10.95 -1.00 -7.74
H TYS B 9 -9.12 -3.54 -8.55
HA TYS B 9 -10.39 -3.66 -6.00
HB2 TYS B 9 -7.84 -3.17 -6.78
HB3 TYS B 9 -8.39 -1.50 -6.57
HD1 TYS B 9 -8.80 -4.80 -4.77
HD2 TYS B 9 -7.92 -0.60 -4.47
HE1 TYS B 9 -8.52 -5.03 -2.32
HE2 TYS B 9 -7.64 -0.84 -2.02
N TYS B 10 -11.73 -1.59 -5.72
CA TYS B 10 -12.69 -0.49 -5.66
CB TYS B 10 -11.99 0.87 -5.63
CG TYS B 10 -11.24 1.02 -4.32
CD1 TYS B 10 -9.83 1.14 -4.32
CD2 TYS B 10 -11.94 1.04 -3.11
CE1 TYS B 10 -9.15 1.26 -3.10
CE2 TYS B 10 -11.25 1.16 -1.90
CZ TYS B 10 -9.86 1.27 -1.90
OH TYS B 10 -9.18 1.38 -0.70
S TYS B 10 -9.50 0.40 0.43
O1 TYS B 10 -9.92 1.15 1.64
O2 TYS B 10 -10.60 -0.51 0.01
O3 TYS B 10 -8.28 -0.41 0.75
C TYS B 10 -13.63 -0.56 -6.87
O TYS B 10 -14.65 -1.25 -6.82
H TYS B 10 -11.69 -2.23 -4.97
HA TYS B 10 -13.28 -0.59 -4.76
HB2 TYS B 10 -11.29 0.93 -6.46
HB3 TYS B 10 -12.71 1.66 -5.72
HD1 TYS B 10 -9.29 1.13 -5.25
HD2 TYS B 10 -13.02 0.96 -3.10
HE1 TYS B 10 -8.07 1.35 -3.10
HE2 TYS B 10 -11.79 1.17 -0.97
N ASP B 11 -13.27 0.14 -7.93
CA ASP B 11 -14.08 0.15 -9.14
C ASP B 11 -15.41 0.88 -8.91
N ASP B 12 -16.00 0.66 -7.74
CA ASP B 12 -17.27 1.32 -7.41
C ASP B 12 -17.03 2.80 -7.15
N VAL B 13 -15.90 3.10 -6.50
CA VAL B 13 -15.54 4.48 -6.20
C VAL B 13 -16.50 5.09 -5.17
N GLY B 14 -17.78 4.75 -5.28
CA GLY B 14 -18.77 5.27 -4.35
C GLY B 14 -18.69 4.54 -3.00
N LEU B 15 -17.64 3.74 -2.84
CA LEU B 15 -17.45 2.98 -1.62
C LEU B 15 -16.96 3.90 -0.50
N LEU B 16 -15.91 4.66 -0.78
CA LEU B 16 -15.35 5.58 0.20
C LEU B 16 -16.47 6.36 0.90
N GLY A 1 9.51 10.99 15.78
CA GLY A 1 8.16 11.43 16.28
C GLY A 1 7.36 10.20 16.73
N PRO A 2 6.14 10.40 17.14
CA PRO A 2 5.26 9.30 17.60
C PRO A 2 5.30 8.09 16.66
N ALA A 3 5.37 6.90 17.24
CA ALA A 3 5.42 5.68 16.44
C ALA A 3 4.02 5.33 15.92
N SER A 4 3.90 4.15 15.32
CA SER A 4 2.62 3.70 14.78
C SER A 4 1.66 3.35 15.91
N VAL A 5 1.66 4.17 16.96
CA VAL A 5 0.77 3.94 18.10
C VAL A 5 -0.66 4.37 17.78
N PRO A 6 -0.86 5.42 17.02
CA PRO A 6 -2.23 5.92 16.69
C PRO A 6 -3.09 4.82 16.07
N THR A 7 -2.46 3.71 15.72
CA THR A 7 -3.19 2.59 15.11
C THR A 7 -2.32 1.33 15.11
N THR A 8 -2.94 0.19 15.41
CA THR A 8 -2.20 -1.07 15.42
C THR A 8 -1.46 -1.28 14.10
N CYS A 9 -1.99 -2.17 13.27
CA CYS A 9 -1.37 -2.45 11.97
C CYS A 9 -2.26 -3.35 11.14
N CYS A 10 -2.24 -3.14 9.82
CA CYS A 10 -3.05 -3.94 8.91
C CYS A 10 -2.93 -5.42 9.25
N PHE A 11 -4.00 -6.17 8.98
CA PHE A 11 -4.00 -7.60 9.26
C PHE A 11 -2.84 -8.28 8.56
N ASN A 12 -2.67 -8.00 7.28
CA ASN A 12 -1.58 -8.58 6.50
C ASN A 12 -1.30 -7.75 5.26
N LEU A 13 -1.59 -8.32 4.08
CA LEU A 13 -1.37 -7.62 2.81
C LEU A 13 -2.71 -7.37 2.11
N ALA A 14 -2.69 -6.51 1.09
CA ALA A 14 -3.90 -6.21 0.35
C ALA A 14 -4.39 -7.44 -0.42
N ASN A 15 -4.71 -7.26 -1.70
CA ASN A 15 -5.18 -8.37 -2.52
C ASN A 15 -4.97 -8.08 -4.00
N ARG A 16 -5.31 -6.86 -4.41
CA ARG A 16 -5.19 -6.45 -5.82
C ARG A 16 -4.35 -5.19 -5.97
N LYS A 17 -4.45 -4.56 -7.13
CA LYS A 17 -3.69 -3.35 -7.42
C LYS A 17 -4.41 -2.12 -6.87
N ILE A 18 -3.64 -1.13 -6.42
CA ILE A 18 -4.19 0.11 -5.88
C ILE A 18 -4.18 1.19 -6.99
N PRO A 19 -5.23 1.95 -7.17
CA PRO A 19 -5.25 3.01 -8.23
C PRO A 19 -4.18 4.06 -7.99
N LEU A 20 -3.19 4.10 -8.88
CA LEU A 20 -2.09 5.05 -8.76
C LEU A 20 -2.62 6.49 -8.55
N GLN A 21 -3.66 6.84 -9.30
CA GLN A 21 -4.23 8.18 -9.22
C GLN A 21 -4.50 8.61 -7.78
N ARG A 22 -4.78 7.65 -6.90
CA ARG A 22 -5.06 7.96 -5.49
C ARG A 22 -3.83 7.74 -4.62
N LEU A 23 -2.86 7.03 -5.16
CA LEU A 23 -1.62 6.73 -4.44
C LEU A 23 -0.79 8.00 -4.26
N GLU A 24 -0.42 8.30 -3.01
CA GLU A 24 0.40 9.47 -2.70
C GLU A 24 1.88 9.06 -2.64
N SER A 25 2.19 8.12 -1.75
CA SER A 25 3.57 7.65 -1.59
C SER A 25 3.60 6.28 -0.93
N TYR A 26 4.80 5.78 -0.60
CA TYR A 26 4.94 4.46 0.05
C TYR A 26 5.90 4.54 1.23
N ARG A 27 5.79 3.56 2.13
CA ARG A 27 6.65 3.50 3.31
C ARG A 27 6.85 2.05 3.74
N ARG A 28 8.02 1.73 4.28
CA ARG A 28 8.31 0.35 4.70
C ARG A 28 8.04 0.16 6.21
N ILE A 29 7.66 -1.07 6.57
CA ILE A 29 7.38 -1.42 7.96
C ILE A 29 8.39 -2.46 8.44
N THR A 30 8.94 -2.26 9.64
CA THR A 30 9.92 -3.19 10.20
C THR A 30 9.77 -3.27 11.71
N SER A 31 9.64 -4.49 12.24
CA SER A 31 9.51 -4.69 13.67
C SER A 31 8.28 -3.96 14.20
N GLY A 32 7.68 -4.50 15.25
CA GLY A 32 6.49 -3.89 15.85
C GLY A 32 5.25 -4.18 15.01
N LYS A 33 4.59 -5.30 15.32
CA LYS A 33 3.38 -5.68 14.58
C LYS A 33 3.67 -5.74 13.09
N CYS A 34 2.62 -5.87 12.29
CA CYS A 34 2.76 -5.93 10.84
C CYS A 34 3.56 -7.18 10.45
N PRO A 35 3.29 -7.76 9.30
CA PRO A 35 4.03 -8.97 8.83
C PRO A 35 5.45 -8.65 8.40
N GLN A 36 6.10 -9.59 7.72
CA GLN A 36 7.47 -9.37 7.24
C GLN A 36 7.57 -8.02 6.55
N LYS A 37 8.80 -7.61 6.24
CA LYS A 37 9.01 -6.32 5.57
C LYS A 37 8.01 -6.13 4.45
N ALA A 38 7.39 -4.95 4.40
CA ALA A 38 6.39 -4.66 3.38
C ALA A 38 6.27 -3.15 3.16
N VAL A 39 5.92 -2.76 1.93
CA VAL A 39 5.76 -1.35 1.59
C VAL A 39 4.28 -0.97 1.62
N ILE A 40 3.95 0.05 2.41
CA ILE A 40 2.57 0.50 2.56
C ILE A 40 2.24 1.65 1.61
N PHE A 41 1.37 1.39 0.63
CA PHE A 41 0.96 2.43 -0.30
C PHE A 41 -0.19 3.22 0.31
N LYS A 42 0.02 4.52 0.52
CA LYS A 42 -1.01 5.37 1.11
C LYS A 42 -1.80 6.11 0.04
N THR A 43 -3.10 6.25 0.27
CA THR A 43 -3.98 6.93 -0.68
C THR A 43 -5.09 7.67 0.08
N LYS A 44 -5.93 8.39 -0.65
CA LYS A 44 -7.03 9.14 -0.05
C LYS A 44 -8.28 8.27 0.09
N LEU A 45 -8.08 6.98 0.34
CA LEU A 45 -9.20 6.06 0.50
C LEU A 45 -9.87 6.28 1.86
N ALA A 46 -9.33 5.64 2.89
CA ALA A 46 -9.88 5.77 4.23
C ALA A 46 -8.95 5.14 5.26
N LYS A 47 -7.98 4.37 4.77
CA LYS A 47 -7.03 3.71 5.66
C LYS A 47 -5.76 3.32 4.88
N ASP A 48 -4.73 2.92 5.61
CA ASP A 48 -3.46 2.54 5.00
C ASP A 48 -3.55 1.16 4.36
N ILE A 49 -2.79 0.95 3.28
CA ILE A 49 -2.78 -0.32 2.56
C ILE A 49 -1.38 -0.95 2.63
N CYS A 50 -1.32 -2.21 3.05
CA CYS A 50 -0.03 -2.92 3.16
C CYS A 50 0.16 -3.84 1.96
N ALA A 51 1.43 -4.14 1.65
CA ALA A 51 1.72 -5.01 0.52
C ALA A 51 3.19 -5.43 0.55
N ASP A 52 3.46 -6.69 0.19
CA ASP A 52 4.82 -7.23 0.20
C ASP A 52 5.47 -7.08 -1.20
N PRO A 53 6.75 -6.74 -1.27
CA PRO A 53 7.47 -6.59 -2.58
C PRO A 53 7.63 -7.93 -3.29
N LYS A 54 6.54 -8.43 -3.85
CA LYS A 54 6.54 -9.71 -4.55
C LYS A 54 5.45 -9.71 -5.62
N LYS A 55 4.32 -9.07 -5.30
CA LYS A 55 3.22 -8.98 -6.25
C LYS A 55 3.53 -7.88 -7.26
N LYS A 56 3.19 -8.13 -8.53
CA LYS A 56 3.48 -7.18 -9.60
C LYS A 56 3.07 -5.74 -9.24
N TRP A 57 1.80 -5.52 -8.91
CA TRP A 57 1.32 -4.17 -8.61
C TRP A 57 2.13 -3.51 -7.49
N VAL A 58 2.76 -4.30 -6.64
CA VAL A 58 3.55 -3.73 -5.55
C VAL A 58 4.86 -3.16 -6.11
N GLN A 59 5.61 -4.00 -6.82
CA GLN A 59 6.87 -3.58 -7.40
C GLN A 59 6.67 -2.46 -8.43
N ASP A 60 5.54 -2.53 -9.14
CA ASP A 60 5.25 -1.53 -10.17
C ASP A 60 4.88 -0.18 -9.56
N SER A 61 4.26 -0.19 -8.38
CA SER A 61 3.86 1.06 -7.74
C SER A 61 5.07 1.87 -7.27
N MET A 62 5.97 1.23 -6.52
CA MET A 62 7.16 1.94 -6.03
C MET A 62 8.02 2.39 -7.20
N LYS A 63 8.17 1.52 -8.20
CA LYS A 63 8.96 1.84 -9.37
C LYS A 63 8.37 3.07 -10.06
N TYR A 64 7.05 3.13 -10.08
CA TYR A 64 6.34 4.24 -10.70
C TYR A 64 6.66 5.54 -9.94
N LEU A 65 6.60 5.47 -8.62
CA LEU A 65 6.87 6.64 -7.79
C LEU A 65 8.32 7.09 -7.94
N ASP A 66 9.15 6.18 -8.43
CA ASP A 66 10.56 6.48 -8.62
C ASP A 66 10.75 7.57 -9.67
N GLN A 67 9.85 7.59 -10.66
CA GLN A 67 9.93 8.58 -11.72
C GLN A 67 9.72 9.99 -11.17
N LYS A 68 8.60 10.18 -10.46
CA LYS A 68 8.29 11.48 -9.88
C LYS A 68 9.05 11.70 -8.57
N SER A 69 9.43 10.60 -7.93
CA SER A 69 10.18 10.70 -6.68
C SER A 69 9.51 11.69 -5.72
N PRO A 70 8.53 11.25 -4.96
CA PRO A 70 7.80 12.13 -4.00
C PRO A 70 8.52 12.22 -2.65
N THR A 71 8.79 11.07 -2.04
CA THR A 71 9.45 11.04 -0.74
C THR A 71 10.85 11.65 -0.83
N PRO A 72 11.68 11.18 -1.73
CA PRO A 72 13.07 11.72 -1.89
C PRO A 72 13.11 13.24 -1.82
N LYS A 73 14.29 13.79 -1.55
CA LYS A 73 14.45 15.23 -1.47
C LYS A 73 13.47 15.82 -0.45
N PRO A 74 13.55 15.39 0.78
CA PRO A 74 12.65 15.87 1.87
C PRO A 74 13.02 17.29 2.33
N VAL B 1 -7.39 -17.73 1.95
CA VAL B 1 -6.39 -16.69 2.36
C VAL B 1 -5.47 -16.38 1.19
N GLU B 2 -5.12 -17.40 0.42
CA GLU B 2 -4.24 -17.23 -0.73
C GLU B 2 -5.03 -16.68 -1.92
N THR B 3 -6.35 -16.69 -1.81
CA THR B 3 -7.20 -16.20 -2.88
C THR B 3 -7.12 -14.67 -2.98
N PHE B 4 -5.90 -14.14 -2.88
CA PHE B 4 -5.70 -12.70 -2.96
C PHE B 4 -5.78 -12.24 -4.42
N GLY B 5 -7.00 -12.21 -4.95
CA GLY B 5 -7.21 -11.79 -6.34
C GLY B 5 -8.65 -11.36 -6.56
N THR B 6 -9.38 -12.12 -7.36
CA THR B 6 -10.77 -11.82 -7.67
C THR B 6 -10.87 -10.57 -8.55
N THR B 7 -11.81 -9.68 -8.22
CA THR B 7 -12.00 -8.47 -8.99
C THR B 7 -10.81 -7.52 -8.82
N SER B 8 -10.84 -6.41 -9.55
CA SER B 8 -9.76 -5.43 -9.47
C SER B 8 -9.77 -4.73 -8.11
N TYS B 9 -10.02 -3.42 -8.11
CA TYS B 9 -10.04 -2.65 -6.88
CB TYS B 9 -8.60 -2.34 -6.43
CG TYS B 9 -8.45 -2.50 -4.92
CD1 TYS B 9 -8.04 -1.42 -4.13
CD2 TYS B 9 -8.74 -3.74 -4.32
CE1 TYS B 9 -7.90 -1.58 -2.74
CE2 TYS B 9 -8.61 -3.89 -2.93
CZ TYS B 9 -8.19 -2.81 -2.15
OH TYS B 9 -8.06 -2.96 -0.78
S TYS B 9 -9.06 -3.82 0.00
O1 TYS B 9 -8.52 -5.19 0.18
O2 TYS B 9 -9.31 -3.20 1.33
O3 TYS B 9 -10.35 -3.89 -0.76
C TYS B 9 -10.84 -1.36 -7.09
O TYS B 9 -10.61 -0.63 -8.06
H TYS B 9 -10.18 -2.97 -8.97
HA TYS B 9 -10.55 -3.24 -6.12
HB2 TYS B 9 -7.93 -3.03 -6.91
HB3 TYS B 9 -8.33 -1.33 -6.70
HD1 TYS B 9 -7.81 -0.47 -4.59
HD2 TYS B 9 -9.06 -4.57 -4.92
HE1 TYS B 9 -7.58 -0.75 -2.13
HE2 TYS B 9 -8.83 -4.84 -2.47
N TYS B 10 -11.80 -1.09 -6.19
CA TYS B 10 -12.63 0.10 -6.30
CB TYS B 10 -11.86 1.36 -5.85
CG TYS B 10 -11.19 1.13 -4.52
CD1 TYS B 10 -9.82 1.36 -4.38
CD2 TYS B 10 -11.93 0.69 -3.40
CE1 TYS B 10 -9.18 1.16 -3.14
CE2 TYS B 10 -11.30 0.49 -2.17
CZ TYS B 10 -9.93 0.72 -2.04
OH TYS B 10 -9.32 0.53 -0.83
S TYS B 10 -9.73 -0.65 0.06
O1 TYS B 10 -10.71 -0.19 1.09
O2 TYS B 10 -10.36 -1.71 -0.78
O3 TYS B 10 -8.53 -1.22 0.74
C TYS B 10 -13.11 0.28 -7.73
O TYS B 10 -13.24 1.41 -8.21
H TYS B 10 -11.93 -1.72 -5.45
HA TYS B 10 -13.49 -0.03 -5.67
HB2 TYS B 10 -11.12 1.59 -6.60
HB3 TYS B 10 -12.56 2.18 -5.77
HD1 TYS B 10 -9.23 1.70 -5.22
HD2 TYS B 10 -12.99 0.51 -3.51
HE1 TYS B 10 -8.12 1.35 -3.03
HE2 TYS B 10 -11.88 0.15 -1.33
N ASP B 11 -13.35 -0.82 -8.42
CA ASP B 11 -13.81 -0.78 -9.80
C ASP B 11 -14.94 0.25 -9.95
N ASP B 12 -15.79 0.33 -8.94
CA ASP B 12 -16.91 1.27 -8.97
C ASP B 12 -16.43 2.69 -8.63
N VAL B 13 -15.39 2.77 -7.81
CA VAL B 13 -14.83 4.06 -7.40
C VAL B 13 -15.81 4.82 -6.51
N GLY B 14 -17.10 4.74 -6.84
CA GLY B 14 -18.12 5.41 -6.05
C GLY B 14 -18.25 4.75 -4.67
N LEU B 15 -17.76 3.53 -4.58
CA LEU B 15 -17.80 2.79 -3.32
C LEU B 15 -17.33 3.67 -2.17
N LEU B 16 -16.01 3.81 -2.05
CA LEU B 16 -15.42 4.62 -0.99
C LEU B 16 -16.13 4.36 0.35
N GLY A 1 4.72 12.12 9.14
CA GLY A 1 3.48 11.36 8.79
C GLY A 1 2.76 10.96 10.07
N PRO A 2 1.62 10.34 9.95
CA PRO A 2 0.80 9.89 11.11
C PRO A 2 1.41 8.67 11.80
N ALA A 3 1.14 8.52 13.09
CA ALA A 3 1.67 7.39 13.85
C ALA A 3 1.11 6.07 13.30
N SER A 4 1.99 5.10 13.11
CA SER A 4 1.58 3.80 12.58
C SER A 4 0.68 3.09 13.58
N VAL A 5 0.26 1.88 13.23
CA VAL A 5 -0.61 1.09 14.10
C VAL A 5 -0.38 -0.41 13.88
N PRO A 6 0.79 -0.88 14.25
CA PRO A 6 1.15 -2.33 14.09
C PRO A 6 0.03 -3.26 14.54
N THR A 7 -0.86 -2.74 15.37
CA THR A 7 -1.98 -3.54 15.87
C THR A 7 -2.93 -3.89 14.73
N THR A 8 -3.19 -2.93 13.86
CA THR A 8 -4.08 -3.14 12.73
C THR A 8 -3.37 -3.91 11.63
N CYS A 9 -2.44 -3.24 10.95
CA CYS A 9 -1.69 -3.87 9.87
C CYS A 9 -2.63 -4.54 8.87
N CYS A 10 -3.87 -4.06 8.84
CA CYS A 10 -4.87 -4.63 7.92
C CYS A 10 -4.82 -6.15 7.93
N PHE A 11 -5.50 -6.77 6.99
CA PHE A 11 -5.51 -8.23 6.91
C PHE A 11 -4.08 -8.75 6.93
N ASN A 12 -3.36 -8.56 5.82
CA ASN A 12 -1.98 -9.00 5.72
C ASN A 12 -1.25 -8.23 4.63
N LEU A 13 -1.42 -8.67 3.38
CA LEU A 13 -0.78 -8.02 2.23
C LEU A 13 -1.81 -7.64 1.17
N ALA A 14 -2.87 -6.95 1.59
CA ALA A 14 -3.92 -6.55 0.67
C ALA A 14 -4.31 -7.72 -0.23
N ASN A 15 -4.48 -7.44 -1.52
CA ASN A 15 -4.87 -8.47 -2.46
C ASN A 15 -4.59 -8.04 -3.90
N ARG A 16 -5.63 -7.59 -4.59
CA ARG A 16 -5.48 -7.15 -5.97
C ARG A 16 -4.42 -6.06 -6.09
N LYS A 17 -4.80 -4.81 -5.85
CA LYS A 17 -3.85 -3.70 -5.93
C LYS A 17 -4.49 -2.40 -5.46
N ILE A 18 -3.90 -1.28 -5.89
CA ILE A 18 -4.40 0.04 -5.51
C ILE A 18 -4.26 1.01 -6.71
N PRO A 19 -5.26 1.81 -7.02
CA PRO A 19 -5.17 2.76 -8.18
C PRO A 19 -4.02 3.77 -7.97
N LEU A 20 -3.26 4.00 -9.03
CA LEU A 20 -2.12 4.93 -8.96
C LEU A 20 -2.60 6.38 -8.87
N GLN A 21 -3.78 6.66 -9.40
CA GLN A 21 -4.31 8.03 -9.38
C GLN A 21 -4.54 8.53 -7.95
N ARG A 22 -4.88 7.63 -7.03
CA ARG A 22 -5.15 8.01 -5.65
C ARG A 22 -3.91 7.81 -4.78
N LEU A 23 -2.96 7.05 -5.30
CA LEU A 23 -1.72 6.76 -4.59
C LEU A 23 -0.90 8.04 -4.43
N GLU A 24 -0.48 8.32 -3.19
CA GLU A 24 0.33 9.50 -2.89
C GLU A 24 1.80 9.11 -2.76
N SER A 25 2.09 8.16 -1.85
CA SER A 25 3.45 7.70 -1.63
C SER A 25 3.46 6.33 -0.96
N TYR A 26 4.66 5.79 -0.70
CA TYR A 26 4.79 4.48 -0.05
C TYR A 26 5.74 4.57 1.15
N ARG A 27 5.76 3.51 1.96
CA ARG A 27 6.61 3.49 3.14
C ARG A 27 6.72 2.07 3.69
N ARG A 28 7.85 1.75 4.32
CA ARG A 28 8.06 0.42 4.90
C ARG A 28 7.47 0.36 6.31
N ILE A 29 7.19 -0.85 6.78
CA ILE A 29 6.62 -1.05 8.12
C ILE A 29 7.72 -1.39 9.13
N THR A 30 8.22 -2.62 9.06
CA THR A 30 9.27 -3.05 9.97
C THR A 30 9.01 -2.56 11.39
N SER A 31 10.03 -2.62 12.24
CA SER A 31 9.90 -2.17 13.62
C SER A 31 8.82 -2.96 14.34
N GLY A 32 7.56 -2.67 14.03
CA GLY A 32 6.44 -3.36 14.66
C GLY A 32 6.62 -4.88 14.58
N LYS A 33 5.89 -5.50 13.68
CA LYS A 33 5.98 -6.96 13.51
C LYS A 33 5.08 -7.42 12.36
N CYS A 34 4.73 -6.50 11.47
CA CYS A 34 3.88 -6.84 10.34
C CYS A 34 4.55 -7.93 9.49
N PRO A 35 3.78 -8.75 8.80
CA PRO A 35 4.33 -9.83 7.94
C PRO A 35 5.64 -9.43 7.26
N GLN A 36 6.76 -9.89 7.84
CA GLN A 36 8.08 -9.58 7.30
C GLN A 36 8.13 -8.16 6.73
N LYS A 37 9.11 -7.90 5.87
CA LYS A 37 9.26 -6.58 5.28
C LYS A 37 8.15 -6.34 4.24
N ALA A 38 7.57 -5.15 4.26
CA ALA A 38 6.50 -4.81 3.33
C ALA A 38 6.41 -3.29 3.15
N VAL A 39 5.77 -2.87 2.06
CA VAL A 39 5.59 -1.44 1.78
C VAL A 39 4.12 -1.07 1.93
N ILE A 40 3.86 0.17 2.33
CA ILE A 40 2.49 0.64 2.55
C ILE A 40 2.13 1.80 1.62
N PHE A 41 1.32 1.52 0.61
CA PHE A 41 0.90 2.56 -0.32
C PHE A 41 -0.26 3.34 0.30
N LYS A 42 -0.05 4.64 0.50
CA LYS A 42 -1.08 5.48 1.11
C LYS A 42 -1.84 6.26 0.05
N THR A 43 -3.14 6.41 0.26
CA THR A 43 -4.00 7.14 -0.67
C THR A 43 -5.11 7.86 0.09
N LYS A 44 -5.72 8.84 -0.54
CA LYS A 44 -6.80 9.61 0.09
C LYS A 44 -8.06 8.76 0.21
N LEU A 45 -7.90 7.47 0.49
CA LEU A 45 -9.05 6.58 0.63
C LEU A 45 -9.68 6.76 2.02
N ALA A 46 -9.10 6.09 3.02
CA ALA A 46 -9.62 6.20 4.38
C ALA A 46 -8.70 5.50 5.37
N LYS A 47 -7.73 4.76 4.85
CA LYS A 47 -6.78 4.05 5.71
C LYS A 47 -5.55 3.61 4.93
N ASP A 48 -4.57 3.05 5.64
CA ASP A 48 -3.33 2.60 5.01
C ASP A 48 -3.49 1.19 4.44
N ILE A 49 -2.75 0.90 3.38
CA ILE A 49 -2.80 -0.41 2.73
C ILE A 49 -1.50 -1.17 2.94
N CYS A 50 -1.58 -2.50 3.06
CA CYS A 50 -0.39 -3.33 3.26
C CYS A 50 0.02 -3.98 1.94
N ALA A 51 1.30 -4.33 1.80
CA ALA A 51 1.77 -4.94 0.57
C ALA A 51 3.20 -5.47 0.72
N ASP A 52 3.51 -6.51 -0.05
CA ASP A 52 4.84 -7.14 -0.03
C ASP A 52 5.52 -6.97 -1.39
N PRO A 53 6.80 -6.64 -1.44
CA PRO A 53 7.52 -6.46 -2.74
C PRO A 53 7.70 -7.78 -3.48
N LYS A 54 6.59 -8.41 -3.84
CA LYS A 54 6.62 -9.69 -4.56
C LYS A 54 5.54 -9.70 -5.63
N LYS A 55 4.46 -8.97 -5.38
CA LYS A 55 3.35 -8.89 -6.33
C LYS A 55 3.64 -7.78 -7.34
N LYS A 56 3.31 -8.05 -8.61
CA LYS A 56 3.57 -7.09 -9.68
C LYS A 56 3.14 -5.66 -9.33
N TRP A 57 1.87 -5.47 -8.98
CA TRP A 57 1.38 -4.12 -8.68
C TRP A 57 2.21 -3.44 -7.59
N VAL A 58 2.79 -4.22 -6.70
CA VAL A 58 3.59 -3.63 -5.63
C VAL A 58 4.90 -3.10 -6.18
N GLN A 59 5.65 -3.96 -6.87
CA GLN A 59 6.94 -3.56 -7.44
C GLN A 59 6.76 -2.43 -8.44
N ASP A 60 5.64 -2.44 -9.15
CA ASP A 60 5.36 -1.41 -10.15
C ASP A 60 5.01 -0.07 -9.52
N SER A 61 4.27 -0.11 -8.42
CA SER A 61 3.86 1.12 -7.75
C SER A 61 5.04 1.93 -7.23
N MET A 62 5.94 1.30 -6.48
CA MET A 62 7.10 2.01 -5.95
C MET A 62 7.98 2.51 -7.10
N LYS A 63 8.16 1.65 -8.11
CA LYS A 63 8.96 2.03 -9.27
C LYS A 63 8.35 3.25 -9.94
N TYR A 64 7.04 3.20 -10.13
CA TYR A 64 6.32 4.31 -10.75
C TYR A 64 6.58 5.60 -9.96
N LEU A 65 6.62 5.48 -8.64
CA LEU A 65 6.84 6.63 -7.78
C LEU A 65 8.29 7.10 -7.88
N ASP A 66 9.16 6.22 -8.36
CA ASP A 66 10.58 6.55 -8.50
C ASP A 66 10.77 7.55 -9.63
N GLN A 67 9.95 7.44 -10.67
CA GLN A 67 10.05 8.33 -11.82
C GLN A 67 9.61 9.75 -11.47
N LYS A 68 9.20 9.95 -10.22
CA LYS A 68 8.76 11.28 -9.77
C LYS A 68 9.29 11.58 -8.38
N SER A 69 8.97 12.77 -7.87
CA SER A 69 9.42 13.18 -6.53
C SER A 69 8.22 13.36 -5.59
N PRO A 70 7.79 12.29 -4.95
CA PRO A 70 6.63 12.34 -4.02
C PRO A 70 7.03 12.81 -2.62
N THR A 71 8.20 12.36 -2.17
CA THR A 71 8.69 12.73 -0.85
C THR A 71 10.19 12.43 -0.74
N PRO A 72 10.93 13.16 0.07
CA PRO A 72 12.39 12.93 0.25
C PRO A 72 12.67 11.65 1.05
N LYS A 73 12.80 11.80 2.36
CA LYS A 73 13.07 10.66 3.22
C LYS A 73 12.92 11.05 4.70
N PRO A 74 11.71 11.36 5.10
CA PRO A 74 11.41 11.77 6.50
C PRO A 74 12.09 10.85 7.53
N VAL B 1 -8.29 -13.62 -6.46
CA VAL B 1 -8.83 -13.13 -5.16
C VAL B 1 -8.19 -13.90 -4.01
N GLU B 2 -8.51 -15.18 -3.92
CA GLU B 2 -7.96 -16.03 -2.87
C GLU B 2 -6.52 -16.40 -3.18
N THR B 3 -5.77 -15.45 -3.73
CA THR B 3 -4.38 -15.69 -4.08
C THR B 3 -3.66 -14.38 -4.42
N PHE B 4 -4.13 -13.30 -3.80
CA PHE B 4 -3.54 -11.98 -4.04
C PHE B 4 -3.27 -11.77 -5.53
N GLY B 5 -4.34 -11.87 -6.33
CA GLY B 5 -4.21 -11.70 -7.77
C GLY B 5 -3.77 -10.28 -8.11
N THR B 6 -4.14 -9.82 -9.30
CA THR B 6 -3.76 -8.47 -9.75
C THR B 6 -4.80 -7.93 -10.73
N THR B 7 -5.79 -7.23 -10.21
CA THR B 7 -6.85 -6.65 -11.05
C THR B 7 -7.43 -5.42 -10.39
N SER B 8 -8.61 -5.00 -10.83
CA SER B 8 -9.27 -3.83 -10.26
C SER B 8 -9.21 -3.87 -8.74
N TYS B 9 -9.66 -2.79 -8.10
CA TYS B 9 -9.65 -2.73 -6.64
CB TYS B 9 -8.27 -2.30 -6.14
CG TYS B 9 -8.24 -2.39 -4.63
CD1 TYS B 9 -8.11 -1.22 -3.87
CD2 TYS B 9 -8.36 -3.62 -3.99
CE1 TYS B 9 -8.08 -1.30 -2.47
CE2 TYS B 9 -8.34 -3.70 -2.59
CZ TYS B 9 -8.20 -2.53 -1.83
OH TYS B 9 -8.19 -2.60 -0.46
S TYS B 9 -9.42 -3.15 0.30
O1 TYS B 9 -9.59 -2.39 1.57
O2 TYS B 9 -10.63 -3.00 -0.55
O3 TYS B 9 -9.20 -4.59 0.61
C TYS B 9 -10.72 -1.74 -6.15
O TYS B 9 -11.01 -1.69 -4.95
H TYS B 9 -10.00 -2.03 -8.61
HA TYS B 9 -9.89 -3.70 -6.24
HB2 TYS B 9 -7.53 -2.97 -6.55
HB3 TYS B 9 -8.07 -1.29 -6.46
HD1 TYS B 9 -8.01 -0.26 -4.36
HD2 TYS B 9 -8.47 -4.53 -4.58
HE1 TYS B 9 -7.98 -0.40 -1.88
HE2 TYS B 9 -8.44 -4.66 -2.10
N TYS B 10 -11.28 -0.97 -7.07
CA TYS B 10 -12.32 0.00 -6.74
CB TYS B 10 -11.68 1.36 -6.35
CG TYS B 10 -11.26 1.35 -4.89
CD1 TYS B 10 -9.91 1.50 -4.55
CD2 TYS B 10 -12.22 1.19 -3.88
CE1 TYS B 10 -9.52 1.50 -3.21
CE2 TYS B 10 -11.82 1.19 -2.53
CZ TYS B 10 -10.47 1.35 -2.20
OH TYS B 10 -10.09 1.34 -0.88
S TYS B 10 -10.54 0.20 0.05
O1 TYS B 10 -11.26 -0.84 -0.75
O2 TYS B 10 -9.35 -0.42 0.69
O3 TYS B 10 -11.45 0.74 1.10
C TYS B 10 -13.26 0.19 -7.93
O TYS B 10 -13.44 1.30 -8.42
H TYS B 10 -11.00 -1.06 -8.01
HA TYS B 10 -12.90 -0.37 -5.90
HB2 TYS B 10 -10.83 1.54 -6.97
HB3 TYS B 10 -12.40 2.15 -6.49
HD1 TYS B 10 -9.16 1.63 -5.32
HD2 TYS B 10 -13.26 1.08 -4.13
HE1 TYS B 10 -8.48 1.62 -2.95
HE2 TYS B 10 -12.56 1.06 -1.76
N ASP B 11 -13.85 -0.91 -8.38
CA ASP B 11 -14.76 -0.86 -9.52
C ASP B 11 -16.12 -0.31 -9.10
N ASP B 12 -16.44 -0.47 -7.81
CA ASP B 12 -17.71 0.01 -7.29
C ASP B 12 -17.66 1.52 -7.10
N VAL B 13 -16.47 2.05 -6.84
CA VAL B 13 -16.29 3.49 -6.64
C VAL B 13 -17.08 3.95 -5.42
N GLY B 14 -18.40 3.97 -5.55
CA GLY B 14 -19.26 4.39 -4.44
C GLY B 14 -18.89 3.64 -3.16
N LEU B 15 -18.04 2.64 -3.29
CA LEU B 15 -17.61 1.84 -2.14
C LEU B 15 -17.30 2.76 -0.95
N LEU B 16 -16.59 3.85 -1.22
CA LEU B 16 -16.22 4.80 -0.18
C LEU B 16 -17.43 5.08 0.73
N GLY A 1 -4.51 10.50 16.06
CA GLY A 1 -4.30 9.12 15.52
C GLY A 1 -2.86 8.97 15.04
N PRO A 2 -1.94 8.83 15.96
CA PRO A 2 -0.49 8.67 15.63
C PRO A 2 -0.26 7.61 14.54
N ALA A 3 0.96 7.55 14.02
CA ALA A 3 1.29 6.60 12.98
C ALA A 3 0.94 5.18 13.43
N SER A 4 -0.27 4.75 13.12
CA SER A 4 -0.72 3.42 13.50
C SER A 4 -0.58 3.21 15.00
N VAL A 5 -1.71 3.21 15.70
CA VAL A 5 -1.70 3.01 17.15
C VAL A 5 -1.16 1.62 17.49
N PRO A 6 -0.53 1.46 18.63
CA PRO A 6 0.02 0.13 19.05
C PRO A 6 -1.08 -0.84 19.45
N THR A 7 -1.40 -1.77 18.55
CA THR A 7 -2.44 -2.76 18.82
C THR A 7 -2.38 -3.88 17.79
N THR A 8 -2.40 -3.51 16.52
CA THR A 8 -2.36 -4.50 15.44
C THR A 8 -1.96 -3.85 14.13
N CYS A 9 -1.09 -4.52 13.38
CA CYS A 9 -0.62 -3.99 12.10
C CYS A 9 -1.80 -3.83 11.13
N CYS A 10 -2.12 -4.90 10.43
CA CYS A 10 -3.22 -4.87 9.47
C CYS A 10 -3.50 -6.26 8.90
N PHE A 11 -3.74 -7.22 9.78
CA PHE A 11 -4.00 -8.59 9.35
C PHE A 11 -2.79 -9.16 8.64
N ASN A 12 -2.52 -8.67 7.43
CA ASN A 12 -1.38 -9.14 6.65
C ASN A 12 -1.17 -8.26 5.42
N LEU A 13 -1.34 -8.85 4.23
CA LEU A 13 -1.14 -8.12 2.98
C LEU A 13 -2.48 -7.88 2.27
N ALA A 14 -2.44 -7.92 0.94
CA ALA A 14 -3.65 -7.70 0.15
C ALA A 14 -3.49 -8.35 -1.23
N ASN A 15 -4.14 -7.76 -2.23
CA ASN A 15 -4.05 -8.28 -3.59
C ASN A 15 -4.67 -7.30 -4.58
N ARG A 16 -4.94 -7.78 -5.79
CA ARG A 16 -5.52 -6.94 -6.82
C ARG A 16 -4.56 -5.84 -7.23
N LYS A 17 -5.02 -4.59 -7.23
CA LYS A 17 -4.17 -3.48 -7.61
C LYS A 17 -4.76 -2.14 -7.12
N ILE A 18 -3.88 -1.29 -6.58
CA ILE A 18 -4.30 0.02 -6.08
C ILE A 18 -4.26 1.04 -7.24
N PRO A 19 -5.26 1.88 -7.40
CA PRO A 19 -5.25 2.89 -8.50
C PRO A 19 -4.12 3.91 -8.30
N LEU A 20 -3.38 4.18 -9.36
CA LEU A 20 -2.26 5.12 -9.29
C LEU A 20 -2.73 6.57 -9.12
N GLN A 21 -3.95 6.85 -9.58
CA GLN A 21 -4.49 8.21 -9.49
C GLN A 21 -4.65 8.67 -8.04
N ARG A 22 -4.95 7.73 -7.14
CA ARG A 22 -5.15 8.06 -5.73
C ARG A 22 -3.86 7.87 -4.92
N LEU A 23 -3.20 6.74 -5.13
CA LEU A 23 -1.96 6.45 -4.41
C LEU A 23 -1.08 7.70 -4.29
N GLU A 24 -0.40 7.87 -3.16
CA GLU A 24 0.46 9.04 -2.92
C GLU A 24 1.93 8.62 -2.79
N SER A 25 2.22 7.83 -1.75
CA SER A 25 3.59 7.36 -1.51
C SER A 25 3.56 6.01 -0.79
N TYR A 26 4.75 5.42 -0.58
CA TYR A 26 4.86 4.12 0.11
C TYR A 26 5.69 4.26 1.38
N ARG A 27 5.55 3.28 2.28
CA ARG A 27 6.29 3.29 3.55
C ARG A 27 6.46 1.86 4.07
N ARG A 28 7.67 1.54 4.53
CA ARG A 28 7.96 0.19 5.03
C ARG A 28 7.62 0.08 6.52
N ILE A 29 7.19 -1.12 6.93
CA ILE A 29 6.84 -1.38 8.34
C ILE A 29 7.95 -2.19 8.99
N THR A 30 8.63 -1.58 9.96
CA THR A 30 9.73 -2.24 10.66
C THR A 30 9.64 -1.99 12.17
N SER A 31 8.91 -2.85 12.86
CA SER A 31 8.73 -2.71 14.30
C SER A 31 8.28 -4.03 14.92
N GLY A 32 6.98 -4.25 14.95
CA GLY A 32 6.43 -5.48 15.52
C GLY A 32 4.98 -5.68 15.09
N LYS A 33 4.38 -6.78 15.56
CA LYS A 33 3.00 -7.10 15.23
C LYS A 33 2.85 -7.44 13.74
N CYS A 34 3.59 -6.75 12.89
CA CYS A 34 3.53 -7.00 11.46
C CYS A 34 4.13 -8.37 11.14
N PRO A 35 3.69 -9.03 10.08
CA PRO A 35 4.22 -10.36 9.69
C PRO A 35 5.65 -10.29 9.19
N GLN A 36 5.94 -9.26 8.39
CA GLN A 36 7.28 -9.09 7.84
C GLN A 36 7.39 -7.75 7.11
N LYS A 37 8.62 -7.34 6.81
CA LYS A 37 8.83 -6.08 6.11
C LYS A 37 7.90 -6.00 4.90
N ALA A 38 7.25 -4.86 4.73
CA ALA A 38 6.33 -4.68 3.62
C ALA A 38 6.09 -3.19 3.37
N VAL A 39 5.98 -2.80 2.11
CA VAL A 39 5.74 -1.39 1.78
C VAL A 39 4.25 -1.08 1.95
N ILE A 40 3.96 0.13 2.45
CA ILE A 40 2.58 0.55 2.69
C ILE A 40 2.18 1.72 1.80
N PHE A 41 1.39 1.44 0.77
CA PHE A 41 0.94 2.50 -0.13
C PHE A 41 -0.21 3.26 0.52
N LYS A 42 0.00 4.56 0.73
CA LYS A 42 -1.02 5.41 1.35
C LYS A 42 -1.68 6.30 0.30
N THR A 43 -3.01 6.25 0.22
CA THR A 43 -3.75 7.06 -0.74
C THR A 43 -4.54 8.14 0.00
N LYS A 44 -5.31 8.94 -0.76
CA LYS A 44 -6.10 10.00 -0.17
C LYS A 44 -7.36 9.43 0.49
N LEU A 45 -7.70 8.21 0.11
CA LEU A 45 -8.88 7.55 0.67
C LEU A 45 -8.88 7.66 2.19
N ALA A 46 -8.18 6.74 2.86
CA ALA A 46 -8.11 6.76 4.32
C ALA A 46 -7.16 5.69 4.83
N LYS A 47 -7.72 4.59 5.31
CA LYS A 47 -6.93 3.49 5.85
C LYS A 47 -5.66 3.25 5.03
N ASP A 48 -4.72 2.52 5.62
CA ASP A 48 -3.45 2.21 4.95
C ASP A 48 -3.50 0.84 4.29
N ILE A 49 -2.76 0.68 3.20
CA ILE A 49 -2.72 -0.59 2.47
C ILE A 49 -1.41 -1.32 2.74
N CYS A 50 -1.51 -2.60 3.09
CA CYS A 50 -0.31 -3.41 3.38
C CYS A 50 0.02 -4.31 2.18
N ALA A 51 1.31 -4.45 1.89
CA ALA A 51 1.73 -5.28 0.77
C ALA A 51 3.25 -5.47 0.78
N ASP A 52 3.70 -6.68 0.40
CA ASP A 52 5.13 -7.00 0.37
C ASP A 52 5.74 -6.78 -1.02
N PRO A 53 7.02 -6.43 -1.08
CA PRO A 53 7.74 -6.20 -2.38
C PRO A 53 7.98 -7.51 -3.13
N LYS A 54 6.91 -8.09 -3.65
CA LYS A 54 7.01 -9.34 -4.41
C LYS A 54 5.85 -9.44 -5.39
N LYS A 55 4.71 -8.92 -4.98
CA LYS A 55 3.53 -8.93 -5.83
C LYS A 55 3.71 -7.90 -6.95
N LYS A 56 3.11 -8.16 -8.10
CA LYS A 56 3.28 -7.27 -9.26
C LYS A 56 2.84 -5.82 -9.00
N TRP A 57 1.59 -5.61 -8.62
CA TRP A 57 1.11 -4.25 -8.40
C TRP A 57 1.94 -3.51 -7.36
N VAL A 58 2.63 -4.26 -6.51
CA VAL A 58 3.45 -3.63 -5.48
C VAL A 58 4.69 -2.99 -6.08
N GLN A 59 5.48 -3.78 -6.81
CA GLN A 59 6.71 -3.27 -7.39
C GLN A 59 6.42 -2.22 -8.47
N ASP A 60 5.30 -2.40 -9.17
CA ASP A 60 4.93 -1.47 -10.24
C ASP A 60 4.50 -0.11 -9.67
N SER A 61 3.89 -0.12 -8.49
CA SER A 61 3.42 1.12 -7.88
C SER A 61 4.58 2.01 -7.43
N MET A 62 5.52 1.44 -6.67
CA MET A 62 6.66 2.22 -6.19
C MET A 62 7.55 2.66 -7.35
N LYS A 63 7.68 1.79 -8.35
CA LYS A 63 8.51 2.11 -9.51
C LYS A 63 7.95 3.34 -10.20
N TYR A 64 6.63 3.43 -10.25
CA TYR A 64 5.97 4.57 -10.87
C TYR A 64 6.24 5.84 -10.05
N LEU A 65 6.35 5.66 -8.73
CA LEU A 65 6.61 6.79 -7.84
C LEU A 65 8.07 7.23 -7.96
N ASP A 66 8.90 6.34 -8.48
CA ASP A 66 10.31 6.64 -8.66
C ASP A 66 10.51 7.63 -9.79
N GLN A 67 9.65 7.54 -10.81
CA GLN A 67 9.74 8.42 -11.96
C GLN A 67 9.40 9.87 -11.58
N LYS A 68 9.08 10.07 -10.30
CA LYS A 68 8.74 11.41 -9.80
C LYS A 68 9.35 11.66 -8.43
N SER A 69 9.57 10.58 -7.68
CA SER A 69 10.16 10.70 -6.35
C SER A 69 9.43 11.77 -5.54
N PRO A 70 8.35 11.41 -4.86
CA PRO A 70 7.55 12.36 -4.05
C PRO A 70 8.44 13.21 -3.13
N THR A 71 8.59 14.48 -3.48
CA THR A 71 9.41 15.39 -2.68
C THR A 71 10.86 14.88 -2.60
N PRO A 72 11.83 15.75 -2.52
CA PRO A 72 13.27 15.34 -2.45
C PRO A 72 13.62 14.76 -1.07
N LYS A 73 13.34 15.52 -0.02
CA LYS A 73 13.63 15.08 1.33
C LYS A 73 13.14 13.65 1.53
N PRO A 74 13.76 12.89 2.43
CA PRO A 74 13.36 11.48 2.69
C PRO A 74 12.03 11.40 3.45
N VAL B 1 -14.19 -6.89 6.49
CA VAL B 1 -14.22 -6.15 5.18
C VAL B 1 -13.51 -6.97 4.12
N GLU B 2 -14.02 -6.91 2.89
CA GLU B 2 -13.42 -7.65 1.79
C GLU B 2 -12.00 -7.18 1.54
N THR B 3 -11.12 -8.13 1.26
CA THR B 3 -9.72 -7.81 1.00
C THR B 3 -8.99 -9.00 0.38
N PHE B 4 -7.92 -8.73 -0.36
CA PHE B 4 -7.15 -9.78 -1.00
C PHE B 4 -8.04 -10.58 -1.95
N GLY B 5 -8.09 -10.16 -3.21
CA GLY B 5 -8.91 -10.83 -4.22
C GLY B 5 -8.20 -10.85 -5.57
N THR B 6 -8.92 -10.45 -6.61
CA THR B 6 -8.34 -10.42 -7.95
C THR B 6 -9.28 -9.73 -8.94
N THR B 7 -9.96 -8.67 -8.47
CA THR B 7 -10.89 -7.93 -9.31
C THR B 7 -10.97 -6.48 -8.85
N SER B 8 -10.45 -5.57 -9.68
CA SER B 8 -10.48 -4.14 -9.35
C SER B 8 -10.08 -3.92 -7.90
N TYS B 9 -10.53 -2.80 -7.32
CA TYS B 9 -10.22 -2.49 -5.93
CB TYS B 9 -8.83 -1.84 -5.85
CG TYS B 9 -8.30 -1.95 -4.42
CD1 TYS B 9 -7.98 -3.20 -3.90
CD2 TYS B 9 -8.15 -0.81 -3.65
CE1 TYS B 9 -7.50 -3.31 -2.59
CE2 TYS B 9 -7.67 -0.90 -2.33
CZ TYS B 9 -7.35 -2.16 -1.80
OH TYS B 9 -6.88 -2.26 -0.51
S TYS B 9 -7.71 -2.99 0.56
O1 TYS B 9 -8.60 -3.98 -0.10
O2 TYS B 9 -6.81 -3.68 1.51
O3 TYS B 9 -8.54 -1.99 1.29
C TYS B 9 -11.29 -1.57 -5.33
O TYS B 9 -12.18 -2.04 -4.63
H TYS B 9 -11.08 -2.18 -7.85
HA TYS B 9 -10.20 -3.40 -5.37
HB2 TYS B 9 -8.16 -2.35 -6.51
HB3 TYS B 9 -8.89 -0.79 -6.12
HD1 TYS B 9 -8.09 -4.09 -4.51
HD2 TYS B 9 -8.39 0.15 -4.05
HE1 TYS B 9 -7.24 -4.28 -2.18
HE2 TYS B 9 -7.56 -0.02 -1.73
N TYS B 10 -11.20 -0.25 -5.59
CA TYS B 10 -12.19 0.68 -5.04
CB TYS B 10 -11.61 2.10 -4.91
CG TYS B 10 -10.69 2.17 -3.71
CD1 TYS B 10 -9.33 2.47 -3.88
CD2 TYS B 10 -11.19 1.95 -2.42
CE1 TYS B 10 -8.47 2.53 -2.77
CE2 TYS B 10 -10.34 2.02 -1.31
CZ TYS B 10 -8.98 2.30 -1.48
OH TYS B 10 -8.14 2.34 -0.38
S TYS B 10 -6.92 3.27 -0.36
O1 TYS B 10 -6.78 3.89 0.99
O2 TYS B 10 -5.70 2.48 -0.67
O3 TYS B 10 -7.09 4.34 -1.39
C TYS B 10 -13.42 0.73 -5.94
O TYS B 10 -14.44 1.33 -5.58
H TYS B 10 -10.47 0.08 -6.15
HA TYS B 10 -12.49 0.34 -4.07
HB2 TYS B 10 -11.05 2.34 -5.81
HB3 TYS B 10 -12.41 2.81 -4.79
HD1 TYS B 10 -8.93 2.63 -4.87
HD2 TYS B 10 -12.25 1.74 -2.28
HE1 TYS B 10 -7.43 2.74 -2.92
HE2 TYS B 10 -10.74 1.85 -0.32
N ASP B 11 -13.34 0.11 -7.12
CA ASP B 11 -14.47 0.11 -8.04
C ASP B 11 -15.77 -0.20 -7.29
N ASP B 12 -15.63 -0.83 -6.13
CA ASP B 12 -16.80 -1.17 -5.31
C ASP B 12 -17.31 0.09 -4.62
N VAL B 13 -16.38 0.93 -4.20
CA VAL B 13 -16.72 2.18 -3.52
C VAL B 13 -17.35 1.91 -2.14
N GLY B 14 -18.19 0.87 -2.07
CA GLY B 14 -18.83 0.53 -0.80
C GLY B 14 -17.80 -0.02 0.17
N LEU B 15 -16.56 -0.10 -0.29
CA LEU B 15 -15.46 -0.61 0.54
C LEU B 15 -15.15 0.38 1.67
N LEU B 16 -14.77 1.60 1.29
CA LEU B 16 -14.44 2.62 2.27
C LEU B 16 -15.50 2.67 3.36
N GLY A 1 0.58 13.44 7.08
CA GLY A 1 0.65 12.07 7.64
C GLY A 1 1.68 12.03 8.75
N PRO A 2 1.36 12.56 9.91
CA PRO A 2 2.27 12.59 11.08
C PRO A 2 2.90 11.23 11.35
N ALA A 3 2.06 10.23 11.62
CA ALA A 3 2.55 8.89 11.90
C ALA A 3 1.42 7.88 11.76
N SER A 4 1.65 6.84 10.97
CA SER A 4 0.65 5.79 10.77
C SER A 4 0.30 5.12 12.10
N VAL A 5 1.32 4.78 12.86
CA VAL A 5 1.13 4.12 14.15
C VAL A 5 0.29 2.86 13.98
N PRO A 6 0.90 1.80 13.49
CA PRO A 6 0.20 0.50 13.29
C PRO A 6 -0.56 0.04 14.53
N THR A 7 -1.52 -0.85 14.34
CA THR A 7 -2.31 -1.36 15.46
C THR A 7 -3.12 -2.58 15.02
N THR A 8 -3.14 -2.84 13.72
CA THR A 8 -3.88 -3.98 13.19
C THR A 8 -3.43 -4.28 11.75
N CYS A 9 -2.62 -3.40 11.19
CA CYS A 9 -2.12 -3.58 9.84
C CYS A 9 -3.29 -3.75 8.86
N CYS A 10 -3.00 -3.54 7.58
CA CYS A 10 -4.02 -3.68 6.55
C CYS A 10 -4.32 -5.16 6.30
N PHE A 11 -4.40 -5.93 7.38
CA PHE A 11 -4.66 -7.35 7.25
C PHE A 11 -3.56 -7.98 6.41
N ASN A 12 -2.44 -8.30 7.06
CA ASN A 12 -1.30 -8.87 6.37
C ASN A 12 -1.02 -8.10 5.08
N LEU A 13 -1.30 -8.72 3.93
CA LEU A 13 -1.08 -8.08 2.64
C LEU A 13 -2.40 -7.96 1.88
N ALA A 14 -2.44 -7.04 0.91
CA ALA A 14 -3.63 -6.85 0.09
C ALA A 14 -3.66 -7.86 -1.04
N ASN A 15 -4.84 -8.07 -1.62
CA ASN A 15 -4.97 -9.02 -2.72
C ASN A 15 -4.74 -8.34 -4.06
N ARG A 16 -5.76 -7.64 -4.55
CA ARG A 16 -5.66 -6.95 -5.82
C ARG A 16 -4.54 -5.90 -5.78
N LYS A 17 -4.87 -4.66 -6.13
CA LYS A 17 -3.87 -3.58 -6.12
C LYS A 17 -4.50 -2.26 -5.66
N ILE A 18 -3.83 -1.15 -5.97
CA ILE A 18 -4.32 0.18 -5.59
C ILE A 18 -4.20 1.14 -6.79
N PRO A 19 -5.22 1.92 -7.10
CA PRO A 19 -5.14 2.87 -8.27
C PRO A 19 -3.98 3.87 -8.11
N LEU A 20 -3.26 4.09 -9.21
CA LEU A 20 -2.12 5.01 -9.19
C LEU A 20 -2.57 6.47 -9.07
N GLN A 21 -3.79 6.76 -9.50
CA GLN A 21 -4.31 8.13 -9.45
C GLN A 21 -4.53 8.61 -8.01
N ARG A 22 -4.71 7.68 -7.07
CA ARG A 22 -4.95 8.05 -5.67
C ARG A 22 -3.70 7.81 -4.81
N LEU A 23 -2.90 6.83 -5.19
CA LEU A 23 -1.68 6.52 -4.44
C LEU A 23 -0.79 7.76 -4.36
N GLU A 24 -0.20 7.99 -3.18
CA GLU A 24 0.67 9.15 -2.95
C GLU A 24 2.13 8.72 -2.81
N SER A 25 2.40 7.93 -1.78
CA SER A 25 3.76 7.44 -1.53
C SER A 25 3.72 6.15 -0.71
N TYR A 26 4.79 5.36 -0.79
CA TYR A 26 4.85 4.09 -0.03
C TYR A 26 5.61 4.28 1.28
N ARG A 27 5.45 3.32 2.19
CA ARG A 27 6.12 3.37 3.49
C ARG A 27 6.41 1.97 4.00
N ARG A 28 7.64 1.75 4.46
CA ARG A 28 8.05 0.43 4.97
C ARG A 28 7.63 0.25 6.42
N ILE A 29 7.25 -0.98 6.77
CA ILE A 29 6.82 -1.30 8.15
C ILE A 29 7.96 -1.99 8.89
N THR A 30 8.28 -3.21 8.45
CA THR A 30 9.37 -3.98 9.06
C THR A 30 9.13 -4.16 10.56
N SER A 31 9.13 -5.42 11.00
CA SER A 31 8.91 -5.72 12.42
C SER A 31 7.75 -4.91 12.96
N GLY A 32 7.91 -4.37 14.17
CA GLY A 32 6.86 -3.58 14.80
C GLY A 32 5.69 -4.47 15.20
N LYS A 33 4.98 -4.98 14.21
CA LYS A 33 3.83 -5.84 14.47
C LYS A 33 3.31 -6.45 13.17
N CYS A 34 3.55 -5.75 12.06
CA CYS A 34 3.10 -6.23 10.76
C CYS A 34 3.88 -7.48 10.36
N PRO A 35 3.52 -8.12 9.28
CA PRO A 35 4.24 -9.35 8.81
C PRO A 35 5.71 -9.07 8.56
N GLN A 36 6.27 -9.70 7.53
CA GLN A 36 7.68 -9.50 7.19
C GLN A 36 7.86 -8.13 6.54
N LYS A 37 9.11 -7.76 6.28
CA LYS A 37 9.40 -6.48 5.65
C LYS A 37 8.46 -6.25 4.46
N ALA A 38 7.66 -5.19 4.55
CA ALA A 38 6.70 -4.87 3.48
C ALA A 38 6.56 -3.36 3.31
N VAL A 39 5.84 -2.95 2.25
CA VAL A 39 5.62 -1.53 1.97
C VAL A 39 4.16 -1.18 2.16
N ILE A 40 3.88 0.10 2.42
CA ILE A 40 2.51 0.57 2.66
C ILE A 40 2.15 1.71 1.71
N PHE A 41 1.32 1.42 0.70
CA PHE A 41 0.88 2.45 -0.23
C PHE A 41 -0.29 3.22 0.39
N LYS A 42 -0.11 4.52 0.58
CA LYS A 42 -1.17 5.35 1.17
C LYS A 42 -1.89 6.15 0.09
N THR A 43 -3.17 6.40 0.31
CA THR A 43 -3.98 7.15 -0.63
C THR A 43 -5.08 7.92 0.10
N LYS A 44 -5.68 8.89 -0.57
CA LYS A 44 -6.74 9.69 0.03
C LYS A 44 -8.03 8.88 0.15
N LEU A 45 -7.88 7.58 0.39
CA LEU A 45 -9.05 6.70 0.51
C LEU A 45 -9.69 6.89 1.89
N ALA A 46 -9.15 6.21 2.89
CA ALA A 46 -9.69 6.31 4.25
C ALA A 46 -8.78 5.60 5.24
N LYS A 47 -7.80 4.85 4.73
CA LYS A 47 -6.88 4.13 5.60
C LYS A 47 -5.62 3.72 4.82
N ASP A 48 -4.67 3.09 5.52
CA ASP A 48 -3.44 2.64 4.89
C ASP A 48 -3.59 1.23 4.31
N ILE A 49 -2.84 0.95 3.26
CA ILE A 49 -2.89 -0.36 2.60
C ILE A 49 -1.53 -1.04 2.71
N CYS A 50 -1.53 -2.36 2.92
CA CYS A 50 -0.28 -3.11 3.05
C CYS A 50 0.06 -3.81 1.73
N ALA A 51 1.32 -4.24 1.59
CA ALA A 51 1.74 -4.90 0.37
C ALA A 51 3.20 -5.38 0.49
N ASP A 52 3.45 -6.61 0.03
CA ASP A 52 4.80 -7.18 0.07
C ASP A 52 5.50 -7.02 -1.29
N PRO A 53 6.77 -6.67 -1.33
CA PRO A 53 7.50 -6.49 -2.63
C PRO A 53 7.64 -7.79 -3.40
N LYS A 54 6.51 -8.33 -3.83
CA LYS A 54 6.47 -9.57 -4.61
C LYS A 54 5.47 -9.42 -5.74
N LYS A 55 4.21 -9.15 -5.38
CA LYS A 55 3.17 -8.96 -6.38
C LYS A 55 3.60 -7.87 -7.36
N LYS A 56 3.15 -7.98 -8.60
CA LYS A 56 3.54 -7.02 -9.64
C LYS A 56 3.15 -5.57 -9.31
N TRP A 57 1.87 -5.33 -9.03
CA TRP A 57 1.42 -3.97 -8.75
C TRP A 57 2.20 -3.34 -7.61
N VAL A 58 2.82 -4.16 -6.76
CA VAL A 58 3.59 -3.61 -5.65
C VAL A 58 4.91 -3.05 -6.15
N GLN A 59 5.66 -3.85 -6.87
CA GLN A 59 6.95 -3.41 -7.40
C GLN A 59 6.75 -2.29 -8.43
N ASP A 60 5.65 -2.39 -9.17
CA ASP A 60 5.35 -1.40 -10.21
C ASP A 60 4.83 -0.09 -9.61
N SER A 61 4.19 -0.18 -8.44
CA SER A 61 3.64 1.00 -7.79
C SER A 61 4.75 1.94 -7.28
N MET A 62 5.70 1.39 -6.52
CA MET A 62 6.79 2.20 -6.00
C MET A 62 7.73 2.63 -7.11
N LYS A 63 7.90 1.77 -8.10
CA LYS A 63 8.77 2.07 -9.23
C LYS A 63 8.23 3.29 -9.97
N TYR A 64 6.90 3.34 -10.10
CA TYR A 64 6.25 4.44 -10.78
C TYR A 64 6.51 5.73 -9.99
N LEU A 65 6.59 5.61 -8.67
CA LEU A 65 6.85 6.75 -7.81
C LEU A 65 8.30 7.19 -7.93
N ASP A 66 9.14 6.27 -8.42
CA ASP A 66 10.56 6.56 -8.58
C ASP A 66 10.78 7.65 -9.63
N GLN A 67 10.02 7.57 -10.72
CA GLN A 67 10.13 8.55 -11.79
C GLN A 67 9.90 9.97 -11.27
N LYS A 68 8.77 10.17 -10.60
CA LYS A 68 8.44 11.48 -10.05
C LYS A 68 9.17 11.73 -8.73
N SER A 69 9.48 10.64 -8.03
CA SER A 69 10.17 10.75 -6.74
C SER A 69 9.50 11.83 -5.87
N PRO A 70 8.49 11.47 -5.12
CA PRO A 70 7.77 12.44 -4.24
C PRO A 70 8.74 13.27 -3.40
N THR A 71 8.18 14.14 -2.56
CA THR A 71 8.99 14.99 -1.69
C THR A 71 9.51 14.19 -0.50
N PRO A 72 10.67 14.53 0.04
CA PRO A 72 11.25 13.81 1.21
C PRO A 72 10.50 14.13 2.50
N LYS A 73 9.93 13.10 3.11
CA LYS A 73 9.18 13.29 4.35
C LYS A 73 8.15 14.39 4.20
N PRO A 74 7.12 14.16 3.41
CA PRO A 74 6.05 15.16 3.16
C PRO A 74 5.55 15.80 4.46
N VAL B 1 -12.97 -15.80 -4.10
CA VAL B 1 -12.04 -16.83 -4.63
C VAL B 1 -11.15 -16.22 -5.72
N GLU B 2 -9.93 -15.88 -5.35
CA GLU B 2 -9.00 -15.27 -6.30
C GLU B 2 -7.62 -15.12 -5.68
N THR B 3 -6.58 -15.28 -6.50
CA THR B 3 -5.21 -15.16 -6.01
C THR B 3 -4.91 -13.71 -5.62
N PHE B 4 -3.89 -13.53 -4.79
CA PHE B 4 -3.50 -12.20 -4.35
C PHE B 4 -2.93 -11.39 -5.51
N GLY B 5 -3.80 -10.96 -6.42
CA GLY B 5 -3.36 -10.19 -7.58
C GLY B 5 -4.37 -10.28 -8.72
N THR B 6 -4.53 -9.18 -9.46
CA THR B 6 -5.46 -9.16 -10.57
C THR B 6 -5.45 -7.79 -11.26
N THR B 7 -6.54 -7.04 -11.12
CA THR B 7 -6.63 -5.72 -11.74
C THR B 7 -7.62 -4.83 -10.96
N SER B 8 -7.50 -3.52 -11.16
CA SER B 8 -8.38 -2.57 -10.48
C SER B 8 -8.46 -2.90 -8.99
N TYS B 9 -9.27 -2.14 -8.26
CA TYS B 9 -9.43 -2.36 -6.83
CB TYS B 9 -8.11 -2.08 -6.12
CG TYS B 9 -8.30 -2.15 -4.62
CD1 TYS B 9 -8.71 -3.35 -4.02
CD2 TYS B 9 -8.09 -1.03 -3.82
CE1 TYS B 9 -8.92 -3.43 -2.65
CE2 TYS B 9 -8.29 -1.09 -2.43
CZ TYS B 9 -8.70 -2.30 -1.85
OH TYS B 9 -8.89 -2.37 -0.48
S TYS B 9 -7.81 -2.99 0.41
O1 TYS B 9 -7.79 -2.30 1.73
O2 TYS B 9 -8.11 -4.44 0.62
O3 TYS B 9 -6.48 -2.85 -0.24
C TYS B 9 -10.52 -1.45 -6.26
O TYS B 9 -10.79 -1.47 -5.06
H TYS B 9 -9.77 -1.41 -8.70
HA TYS B 9 -9.71 -3.38 -6.67
HB2 TYS B 9 -7.37 -2.82 -6.42
HB3 TYS B 9 -7.75 -1.10 -6.39
HD1 TYS B 9 -8.89 -4.23 -4.64
HD2 TYS B 9 -7.77 -0.09 -4.27
HE1 TYS B 9 -9.23 -4.35 -2.19
HE2 TYS B 9 -8.12 -0.22 -1.81
N TYS B 10 -11.16 -0.67 -7.13
CA TYS B 10 -12.22 0.23 -6.70
CB TYS B 10 -11.63 1.60 -6.29
CG TYS B 10 -11.16 1.55 -4.85
CD1 TYS B 10 -12.09 1.35 -3.83
CD2 TYS B 10 -9.80 1.71 -4.55
CE1 TYS B 10 -11.67 1.30 -2.50
CE2 TYS B 10 -9.37 1.66 -3.21
CZ TYS B 10 -10.32 1.46 -2.18
OH TYS B 10 -9.89 1.40 -0.88
S TYS B 10 -10.49 0.35 0.08
O1 TYS B 10 -11.36 -0.58 -0.70
O2 TYS B 10 -9.40 -0.41 0.74
O3 TYS B 10 -11.31 1.04 1.11
C TYS B 10 -13.25 0.42 -7.82
O TYS B 10 -14.45 0.39 -7.58
H TYS B 10 -10.91 -0.70 -8.08
HA TYS B 10 -12.73 -0.20 -5.85
HB2 TYS B 10 -10.79 1.83 -6.94
HB3 TYS B 10 -12.38 2.37 -6.40
HD1 TYS B 10 -13.14 1.25 -4.06
HD2 TYS B 10 -9.08 1.87 -5.34
HE1 TYS B 10 -12.39 1.16 -1.70
HE2 TYS B 10 -8.33 1.77 -2.97
N ASP B 11 -12.76 0.62 -9.04
CA ASP B 11 -13.66 0.81 -10.17
C ASP B 11 -14.67 1.91 -9.85
N ASP B 12 -15.78 1.50 -9.23
CA ASP B 12 -16.82 2.46 -8.87
C ASP B 12 -16.29 3.43 -7.82
N VAL B 13 -15.57 4.44 -8.29
CA VAL B 13 -15.01 5.43 -7.38
C VAL B 13 -16.10 6.08 -6.55
N GLY B 14 -17.32 6.08 -7.07
CA GLY B 14 -18.45 6.66 -6.36
C GLY B 14 -18.54 6.09 -4.95
N LEU B 15 -17.75 5.04 -4.70
CA LEU B 15 -17.73 4.41 -3.40
C LEU B 15 -17.03 5.30 -2.38
N LEU B 16 -16.73 4.75 -1.21
CA LEU B 16 -16.05 5.51 -0.18
C LEU B 16 -16.83 6.77 0.14
N GLY A 1 8.67 8.99 18.05
CA GLY A 1 8.66 7.57 17.55
C GLY A 1 7.26 7.01 17.66
N PRO A 2 6.39 7.40 16.75
CA PRO A 2 4.98 6.92 16.73
C PRO A 2 4.88 5.40 16.86
N ALA A 3 5.79 4.69 16.20
CA ALA A 3 5.79 3.23 16.25
C ALA A 3 4.43 2.68 15.85
N SER A 4 4.29 1.36 15.93
CA SER A 4 3.03 0.71 15.58
C SER A 4 2.02 0.84 16.71
N VAL A 5 2.10 1.94 17.45
CA VAL A 5 1.19 2.17 18.56
C VAL A 5 -0.18 2.66 18.09
N PRO A 6 -0.26 3.41 17.00
CA PRO A 6 -1.55 3.93 16.49
C PRO A 6 -2.21 2.96 15.51
N THR A 7 -3.51 2.74 15.68
CA THR A 7 -4.25 1.84 14.81
C THR A 7 -3.58 0.48 14.75
N THR A 8 -4.22 -0.48 14.07
CA THR A 8 -3.67 -1.82 13.95
C THR A 8 -2.37 -1.80 13.15
N CYS A 9 -1.49 -2.76 13.43
CA CYS A 9 -0.22 -2.83 12.73
C CYS A 9 -0.41 -3.45 11.34
N CYS A 10 -1.11 -2.75 10.47
CA CYS A 10 -1.36 -3.23 9.12
C CYS A 10 -1.95 -4.65 9.17
N PHE A 11 -3.25 -4.75 8.91
CA PHE A 11 -3.93 -6.04 8.93
C PHE A 11 -3.07 -7.10 8.24
N ASN A 12 -2.98 -7.00 6.92
CA ASN A 12 -2.19 -7.95 6.14
C ASN A 12 -2.17 -7.56 4.67
N LEU A 13 -1.18 -8.08 3.95
CA LEU A 13 -1.04 -7.79 2.52
C LEU A 13 -2.40 -7.72 1.83
N ALA A 14 -2.55 -6.75 0.94
CA ALA A 14 -3.81 -6.57 0.22
C ALA A 14 -4.13 -7.82 -0.60
N ASN A 15 -4.52 -7.62 -1.86
CA ASN A 15 -4.83 -8.74 -2.72
C ASN A 15 -5.14 -8.27 -4.14
N ARG A 16 -4.93 -6.99 -4.40
CA ARG A 16 -5.19 -6.44 -5.73
C ARG A 16 -4.30 -5.22 -6.00
N LYS A 17 -4.64 -4.47 -7.05
CA LYS A 17 -3.86 -3.29 -7.44
C LYS A 17 -4.55 -2.00 -6.99
N ILE A 18 -3.82 -1.18 -6.24
CA ILE A 18 -4.34 0.10 -5.77
C ILE A 18 -4.27 1.12 -6.93
N PRO A 19 -5.29 1.92 -7.17
CA PRO A 19 -5.24 2.92 -8.29
C PRO A 19 -4.05 3.87 -8.13
N LEU A 20 -3.28 4.03 -9.20
CA LEU A 20 -2.11 4.90 -9.16
C LEU A 20 -2.50 6.37 -9.00
N GLN A 21 -3.71 6.71 -9.42
CA GLN A 21 -4.17 8.09 -9.34
C GLN A 21 -4.35 8.57 -7.89
N ARG A 22 -4.83 7.68 -7.03
CA ARG A 22 -5.06 8.04 -5.62
C ARG A 22 -3.80 7.79 -4.78
N LEU A 23 -2.87 7.05 -5.35
CA LEU A 23 -1.62 6.73 -4.66
C LEU A 23 -0.72 7.96 -4.57
N GLU A 24 -0.15 8.20 -3.40
CA GLU A 24 0.74 9.34 -3.17
C GLU A 24 2.18 8.88 -2.95
N SER A 25 2.39 8.04 -1.94
CA SER A 25 3.73 7.52 -1.64
C SER A 25 3.67 6.19 -0.89
N TYR A 26 4.83 5.58 -0.65
CA TYR A 26 4.89 4.30 0.07
C TYR A 26 5.75 4.41 1.33
N ARG A 27 5.63 3.40 2.20
CA ARG A 27 6.40 3.37 3.45
C ARG A 27 6.60 1.93 3.89
N ARG A 28 7.70 1.66 4.58
CA ARG A 28 7.99 0.29 5.04
C ARG A 28 7.69 0.13 6.54
N ILE A 29 7.25 -1.07 6.91
CA ILE A 29 6.94 -1.38 8.31
C ILE A 29 8.02 -2.30 8.88
N THR A 30 8.75 -1.80 9.88
CA THR A 30 9.80 -2.59 10.51
C THR A 30 9.89 -2.27 12.01
N SER A 31 8.75 -2.22 12.67
CA SER A 31 8.70 -1.92 14.10
C SER A 31 7.30 -2.08 14.64
N GLY A 32 6.89 -3.33 14.85
CA GLY A 32 5.55 -3.62 15.37
C GLY A 32 5.16 -5.06 15.09
N LYS A 33 3.94 -5.41 15.47
CA LYS A 33 3.44 -6.77 15.27
C LYS A 33 3.08 -6.98 13.80
N CYS A 34 3.36 -5.97 12.98
CA CYS A 34 3.06 -6.07 11.55
C CYS A 34 3.66 -7.34 10.97
N PRO A 35 3.07 -7.90 9.92
CA PRO A 35 3.59 -9.14 9.28
C PRO A 35 4.85 -8.88 8.47
N GLN A 36 5.96 -9.50 8.88
CA GLN A 36 7.26 -9.34 8.22
C GLN A 36 7.44 -7.93 7.66
N LYS A 37 8.35 -7.78 6.71
CA LYS A 37 8.62 -6.48 6.09
C LYS A 37 7.76 -6.30 4.85
N ALA A 38 7.19 -5.11 4.68
CA ALA A 38 6.34 -4.85 3.52
C ALA A 38 6.13 -3.34 3.34
N VAL A 39 5.97 -2.91 2.09
CA VAL A 39 5.75 -1.50 1.81
C VAL A 39 4.28 -1.15 2.05
N ILE A 40 4.01 0.13 2.28
CA ILE A 40 2.64 0.58 2.56
C ILE A 40 2.24 1.74 1.66
N PHE A 41 1.44 1.48 0.64
CA PHE A 41 0.98 2.53 -0.25
C PHE A 41 -0.16 3.29 0.42
N LYS A 42 0.05 4.58 0.65
CA LYS A 42 -0.96 5.42 1.30
C LYS A 42 -1.71 6.26 0.28
N THR A 43 -3.04 6.29 0.41
CA THR A 43 -3.89 7.05 -0.49
C THR A 43 -5.03 7.71 0.28
N LYS A 44 -5.60 8.76 -0.28
CA LYS A 44 -6.68 9.48 0.38
C LYS A 44 -7.96 8.63 0.41
N LEU A 45 -7.80 7.33 0.63
CA LEU A 45 -8.96 6.43 0.68
C LEU A 45 -9.61 6.51 2.07
N ALA A 46 -9.06 5.77 3.02
CA ALA A 46 -9.61 5.77 4.37
C ALA A 46 -8.68 5.05 5.35
N LYS A 47 -7.69 4.33 4.81
CA LYS A 47 -6.76 3.60 5.66
C LYS A 47 -5.48 3.24 4.90
N ASP A 48 -4.53 2.63 5.60
CA ASP A 48 -3.26 2.23 5.00
C ASP A 48 -3.38 0.85 4.36
N ILE A 49 -2.66 0.64 3.27
CA ILE A 49 -2.67 -0.64 2.55
C ILE A 49 -1.35 -1.38 2.77
N CYS A 50 -1.44 -2.68 3.06
CA CYS A 50 -0.23 -3.49 3.29
C CYS A 50 0.08 -4.33 2.04
N ALA A 51 1.37 -4.51 1.75
CA ALA A 51 1.76 -5.29 0.58
C ALA A 51 3.27 -5.55 0.57
N ASP A 52 3.65 -6.80 0.28
CA ASP A 52 5.07 -7.17 0.25
C ASP A 52 5.68 -6.93 -1.14
N PRO A 53 6.94 -6.55 -1.21
CA PRO A 53 7.64 -6.32 -2.52
C PRO A 53 7.87 -7.61 -3.28
N LYS A 54 6.80 -8.19 -3.80
CA LYS A 54 6.89 -9.43 -4.56
C LYS A 54 5.77 -9.50 -5.58
N LYS A 55 4.61 -8.96 -5.22
CA LYS A 55 3.46 -8.96 -6.13
C LYS A 55 3.66 -7.85 -7.18
N LYS A 56 3.19 -8.10 -8.40
CA LYS A 56 3.38 -7.16 -9.49
C LYS A 56 2.94 -5.73 -9.16
N TRP A 57 1.68 -5.54 -8.76
CA TRP A 57 1.19 -4.19 -8.47
C TRP A 57 2.02 -3.49 -7.39
N VAL A 58 2.71 -4.27 -6.57
CA VAL A 58 3.52 -3.66 -5.51
C VAL A 58 4.79 -3.06 -6.09
N GLN A 59 5.57 -3.86 -6.82
CA GLN A 59 6.81 -3.38 -7.40
C GLN A 59 6.54 -2.29 -8.45
N ASP A 60 5.42 -2.42 -9.15
CA ASP A 60 5.06 -1.46 -10.18
C ASP A 60 4.66 -0.11 -9.58
N SER A 61 4.08 -0.14 -8.38
CA SER A 61 3.63 1.09 -7.73
C SER A 61 4.82 1.96 -7.30
N MET A 62 5.77 1.38 -6.58
CA MET A 62 6.93 2.13 -6.12
C MET A 62 7.78 2.58 -7.30
N LYS A 63 7.91 1.72 -8.31
CA LYS A 63 8.70 2.04 -9.48
C LYS A 63 8.14 3.29 -10.15
N TYR A 64 6.83 3.31 -10.32
CA TYR A 64 6.16 4.44 -10.94
C TYR A 64 6.40 5.71 -10.10
N LEU A 65 6.55 5.53 -8.80
CA LEU A 65 6.80 6.65 -7.90
C LEU A 65 8.24 7.15 -8.02
N ASP A 66 9.10 6.31 -8.57
CA ASP A 66 10.51 6.66 -8.73
C ASP A 66 10.68 7.71 -9.83
N GLN A 67 9.84 7.63 -10.85
CA GLN A 67 9.93 8.56 -11.97
C GLN A 67 9.75 10.00 -11.50
N LYS A 68 8.65 10.26 -10.79
CA LYS A 68 8.38 11.60 -10.29
C LYS A 68 9.15 11.87 -9.00
N SER A 69 8.78 12.96 -8.32
CA SER A 69 9.40 13.34 -7.06
C SER A 69 8.32 13.37 -5.98
N PRO A 70 8.02 12.23 -5.39
CA PRO A 70 6.96 12.13 -4.35
C PRO A 70 7.49 12.39 -2.95
N THR A 71 8.54 11.66 -2.58
CA THR A 71 9.13 11.82 -1.25
C THR A 71 9.51 13.29 -1.01
N PRO A 72 9.51 13.73 0.23
CA PRO A 72 9.87 15.14 0.57
C PRO A 72 11.37 15.40 0.43
N LYS A 73 12.17 14.54 1.06
CA LYS A 73 13.63 14.66 1.01
C LYS A 73 14.06 16.06 1.51
N PRO A 74 15.28 16.18 1.97
CA PRO A 74 15.80 17.50 2.48
C PRO A 74 16.03 18.50 1.34
N VAL B 1 -11.58 -19.13 -6.77
CA VAL B 1 -10.52 -19.34 -5.75
C VAL B 1 -9.96 -18.00 -5.32
N GLU B 2 -9.77 -17.11 -6.28
CA GLU B 2 -9.22 -15.78 -5.99
C GLU B 2 -7.84 -15.89 -5.35
N THR B 3 -6.98 -14.93 -5.66
CA THR B 3 -5.62 -14.92 -5.12
C THR B 3 -5.08 -13.50 -5.03
N PHE B 4 -3.86 -13.36 -4.54
CA PHE B 4 -3.25 -12.04 -4.41
C PHE B 4 -2.73 -11.56 -5.76
N GLY B 5 -3.59 -11.61 -6.77
CA GLY B 5 -3.21 -11.18 -8.11
C GLY B 5 -3.29 -9.66 -8.25
N THR B 6 -3.84 -9.21 -9.37
CA THR B 6 -3.97 -7.77 -9.62
C THR B 6 -5.05 -7.51 -10.67
N THR B 7 -6.12 -6.83 -10.26
CA THR B 7 -7.21 -6.51 -11.17
C THR B 7 -8.16 -5.52 -10.52
N SER B 8 -8.02 -4.25 -10.88
CA SER B 8 -8.88 -3.20 -10.31
C SER B 8 -8.91 -3.31 -8.79
N TYS B 9 -9.61 -2.38 -8.15
CA TYS B 9 -9.71 -2.39 -6.70
CB TYS B 9 -8.33 -2.08 -6.09
CG TYS B 9 -8.38 -2.18 -4.58
CD1 TYS B 9 -8.10 -1.06 -3.79
CD2 TYS B 9 -8.70 -3.39 -3.97
CE1 TYS B 9 -8.14 -1.15 -2.39
CE2 TYS B 9 -8.75 -3.49 -2.57
CZ TYS B 9 -8.46 -2.38 -1.79
OH TYS B 9 -8.50 -2.47 -0.42
S TYS B 9 -9.85 -2.47 0.33
O1 TYS B 9 -10.04 -3.78 1.01
O2 TYS B 9 -9.87 -1.37 1.33
O3 TYS B 9 -10.95 -2.26 -0.67
C TYS B 9 -10.74 -1.37 -6.21
O TYS B 9 -11.05 -1.31 -5.02
H TYS B 9 -10.07 -1.69 -8.66
HA TYS B 9 -10.01 -3.37 -6.38
HB2 TYS B 9 -7.61 -2.79 -6.47
HB3 TYS B 9 -8.04 -1.08 -6.38
HD1 TYS B 9 -7.85 -0.12 -4.26
HD2 TYS B 9 -8.92 -4.26 -4.57
HE1 TYS B 9 -7.92 -0.29 -1.78
HE2 TYS B 9 -8.99 -4.43 -2.10
N TYS B 10 -11.28 -0.60 -7.15
CA TYS B 10 -12.30 0.39 -6.83
CB TYS B 10 -11.65 1.69 -6.31
CG TYS B 10 -11.23 1.54 -4.86
CD1 TYS B 10 -9.88 1.68 -4.49
CD2 TYS B 10 -12.20 1.27 -3.87
CE1 TYS B 10 -9.51 1.55 -3.15
CE2 TYS B 10 -11.81 1.13 -2.53
CZ TYS B 10 -10.46 1.28 -2.16
OH TYS B 10 -10.08 1.14 -0.85
S TYS B 10 -11.00 1.66 0.28
O1 TYS B 10 -10.19 2.45 1.25
O2 TYS B 10 -12.07 2.52 -0.29
O3 TYS B 10 -11.61 0.50 0.99
C TYS B 10 -13.13 0.69 -8.06
O TYS B 10 -13.93 1.64 -8.07
H TYS B 10 -11.00 -0.71 -8.08
HA TYS B 10 -12.95 -0.01 -6.07
HB2 TYS B 10 -10.79 1.91 -6.91
HB3 TYS B 10 -12.36 2.50 -6.38
HD1 TYS B 10 -9.15 1.89 -5.25
HD2 TYS B 10 -13.24 1.16 -4.14
HE1 TYS B 10 -8.46 1.67 -2.87
HE2 TYS B 10 -12.55 0.91 -1.77
N ASP B 11 -12.95 -0.11 -9.10
CA ASP B 11 -13.71 0.08 -10.34
C ASP B 11 -15.19 0.27 -10.04
N ASP B 12 -15.60 -0.15 -8.86
CA ASP B 12 -17.00 -0.03 -8.46
C ASP B 12 -17.33 1.42 -8.14
N VAL B 13 -16.35 2.15 -7.62
CA VAL B 13 -16.55 3.55 -7.27
C VAL B 13 -17.71 3.70 -6.30
N GLY B 14 -17.74 4.81 -5.57
CA GLY B 14 -18.80 5.04 -4.60
C GLY B 14 -18.56 4.20 -3.35
N LEU B 15 -17.88 3.08 -3.52
CA LEU B 15 -17.58 2.19 -2.42
C LEU B 15 -17.02 3.00 -1.24
N LEU B 16 -16.53 4.20 -1.54
CA LEU B 16 -15.97 5.07 -0.52
C LEU B 16 -16.95 5.23 0.65
N GLY A 1 -7.03 -9.96 14.19
CA GLY A 1 -6.06 -10.92 14.80
C GLY A 1 -4.67 -10.31 14.84
N PRO A 2 -3.68 -11.10 15.16
CA PRO A 2 -2.27 -10.62 15.24
C PRO A 2 -1.88 -9.76 14.03
N ALA A 3 -1.21 -8.65 14.29
CA ALA A 3 -0.79 -7.75 13.22
C ALA A 3 0.27 -6.77 13.72
N SER A 4 0.94 -7.14 14.81
CA SER A 4 1.97 -6.29 15.38
C SER A 4 1.42 -4.89 15.64
N VAL A 5 1.11 -4.60 16.91
CA VAL A 5 0.58 -3.29 17.27
C VAL A 5 -0.52 -2.87 16.32
N PRO A 6 -1.71 -3.39 16.49
CA PRO A 6 -2.87 -3.06 15.62
C PRO A 6 -3.02 -1.56 15.41
N THR A 7 -2.27 -1.02 14.45
CA THR A 7 -2.32 0.41 14.16
C THR A 7 -1.59 0.71 12.86
N THR A 8 -0.31 0.35 12.81
CA THR A 8 0.50 0.60 11.62
C THR A 8 0.23 -0.48 10.56
N CYS A 9 0.45 -1.73 10.93
CA CYS A 9 0.23 -2.84 10.01
C CYS A 9 -1.24 -2.89 9.60
N CYS A 10 -1.70 -4.06 9.16
CA CYS A 10 -3.09 -4.22 8.75
C CYS A 10 -3.42 -5.68 8.50
N PHE A 11 -4.34 -5.94 7.58
CA PHE A 11 -4.74 -7.31 7.27
C PHE A 11 -3.66 -7.99 6.43
N ASN A 12 -2.41 -7.79 6.81
CA ASN A 12 -1.27 -8.37 6.11
C ASN A 12 -1.43 -8.27 4.59
N LEU A 13 -0.68 -7.35 4.00
CA LEU A 13 -0.72 -7.14 2.56
C LEU A 13 -2.11 -6.71 2.09
N ALA A 14 -2.30 -6.66 0.78
CA ALA A 14 -3.58 -6.26 0.21
C ALA A 14 -3.82 -6.96 -1.12
N ASN A 15 -5.06 -7.37 -1.36
CA ASN A 15 -5.41 -8.07 -2.60
C ASN A 15 -5.69 -7.07 -3.72
N ARG A 16 -5.83 -7.58 -4.94
CA ARG A 16 -6.10 -6.74 -6.09
C ARG A 16 -5.09 -5.60 -6.20
N LYS A 17 -5.08 -4.93 -7.35
CA LYS A 17 -4.14 -3.83 -7.60
C LYS A 17 -4.73 -2.48 -7.18
N ILE A 18 -3.96 -1.73 -6.39
CA ILE A 18 -4.39 -0.42 -5.92
C ILE A 18 -4.36 0.56 -7.12
N PRO A 19 -5.38 1.37 -7.32
CA PRO A 19 -5.39 2.35 -8.46
C PRO A 19 -4.32 3.43 -8.28
N LEU A 20 -3.33 3.43 -9.17
CA LEU A 20 -2.24 4.39 -9.10
C LEU A 20 -2.74 5.83 -8.92
N GLN A 21 -3.79 6.19 -9.64
CA GLN A 21 -4.34 7.55 -9.56
C GLN A 21 -4.49 8.04 -8.11
N ARG A 22 -5.03 7.19 -7.24
CA ARG A 22 -5.24 7.58 -5.86
C ARG A 22 -3.96 7.47 -5.03
N LEU A 23 -3.27 6.33 -5.15
CA LEU A 23 -2.02 6.10 -4.42
C LEU A 23 -1.17 7.38 -4.39
N GLU A 24 -0.57 7.67 -3.23
CA GLU A 24 0.26 8.87 -3.07
C GLU A 24 1.73 8.49 -2.92
N SER A 25 2.04 7.72 -1.87
CA SER A 25 3.42 7.28 -1.62
C SER A 25 3.43 5.92 -0.92
N TYR A 26 4.62 5.47 -0.50
CA TYR A 26 4.75 4.19 0.18
C TYR A 26 5.56 4.34 1.48
N ARG A 27 5.48 3.34 2.35
CA ARG A 27 6.20 3.38 3.63
C ARG A 27 6.43 1.96 4.17
N ARG A 28 7.68 1.63 4.46
CA ARG A 28 8.02 0.30 4.97
C ARG A 28 7.52 0.15 6.42
N ILE A 29 7.40 -1.10 6.88
CA ILE A 29 6.93 -1.38 8.24
C ILE A 29 7.97 -2.21 9.01
N THR A 30 9.20 -2.24 8.50
CA THR A 30 10.26 -2.99 9.15
C THR A 30 10.38 -2.57 10.62
N SER A 31 10.02 -1.34 10.91
CA SER A 31 10.09 -0.81 12.27
C SER A 31 8.82 -1.17 13.05
N GLY A 32 7.75 -1.47 12.32
CA GLY A 32 6.48 -1.82 12.94
C GLY A 32 6.49 -3.27 13.41
N LYS A 33 7.56 -3.99 13.10
CA LYS A 33 7.68 -5.39 13.49
C LYS A 33 6.55 -6.21 12.87
N CYS A 34 5.99 -5.71 11.78
CA CYS A 34 4.90 -6.42 11.09
C CYS A 34 5.26 -7.91 10.95
N PRO A 35 4.27 -8.77 10.85
CA PRO A 35 4.51 -10.23 10.69
C PRO A 35 5.45 -10.53 9.52
N GLN A 36 5.81 -9.49 8.78
CA GLN A 36 6.70 -9.64 7.63
C GLN A 36 7.00 -8.29 6.99
N LYS A 37 8.21 -8.14 6.49
CA LYS A 37 8.61 -6.88 5.85
C LYS A 37 7.66 -6.58 4.70
N ALA A 38 7.26 -5.31 4.57
CA ALA A 38 6.35 -4.93 3.49
C ALA A 38 6.35 -3.42 3.29
N VAL A 39 5.69 -2.97 2.22
CA VAL A 39 5.59 -1.54 1.89
C VAL A 39 4.12 -1.10 1.93
N ILE A 40 3.85 -0.09 2.75
CA ILE A 40 2.49 0.42 2.92
C ILE A 40 2.17 1.52 1.91
N PHE A 41 1.35 1.20 0.90
CA PHE A 41 0.97 2.22 -0.07
C PHE A 41 -0.12 3.08 0.54
N LYS A 42 0.16 4.38 0.70
CA LYS A 42 -0.82 5.29 1.29
C LYS A 42 -1.52 6.09 0.19
N THR A 43 -2.84 6.00 0.18
CA THR A 43 -3.65 6.71 -0.82
C THR A 43 -4.46 7.82 -0.14
N LYS A 44 -5.11 8.63 -0.95
CA LYS A 44 -5.93 9.73 -0.41
C LYS A 44 -7.23 9.18 0.17
N LEU A 45 -7.13 8.03 0.83
CA LEU A 45 -8.30 7.38 1.43
C LEU A 45 -8.30 7.59 2.95
N ALA A 46 -9.19 6.88 3.64
CA ALA A 46 -9.31 7.00 5.10
C ALA A 46 -8.55 5.89 5.82
N LYS A 47 -7.63 5.24 5.12
CA LYS A 47 -6.87 4.15 5.74
C LYS A 47 -5.60 3.84 4.94
N ASP A 48 -4.77 2.96 5.49
CA ASP A 48 -3.51 2.56 4.85
C ASP A 48 -3.63 1.16 4.25
N ILE A 49 -2.86 0.92 3.18
CA ILE A 49 -2.87 -0.37 2.50
C ILE A 49 -1.50 -1.03 2.62
N CYS A 50 -1.47 -2.35 2.86
CA CYS A 50 -0.20 -3.07 2.99
C CYS A 50 0.13 -3.82 1.69
N ALA A 51 1.38 -4.27 1.56
CA ALA A 51 1.79 -4.97 0.34
C ALA A 51 3.23 -5.48 0.47
N ASP A 52 3.47 -6.70 -0.01
CA ASP A 52 4.81 -7.30 0.04
C ASP A 52 5.54 -7.09 -1.30
N PRO A 53 6.83 -6.76 -1.29
CA PRO A 53 7.60 -6.53 -2.56
C PRO A 53 7.84 -7.83 -3.33
N LYS A 54 6.76 -8.38 -3.88
CA LYS A 54 6.84 -9.61 -4.67
C LYS A 54 5.83 -9.57 -5.80
N LYS A 55 4.65 -9.01 -5.52
CA LYS A 55 3.61 -8.90 -6.54
C LYS A 55 3.96 -7.73 -7.46
N LYS A 56 3.64 -7.90 -8.74
CA LYS A 56 3.96 -6.88 -9.74
C LYS A 56 3.51 -5.47 -9.35
N TRP A 57 2.22 -5.28 -9.07
CA TRP A 57 1.73 -3.94 -8.74
C TRP A 57 2.48 -3.33 -7.56
N VAL A 58 3.08 -4.17 -6.72
CA VAL A 58 3.82 -3.64 -5.58
C VAL A 58 5.14 -3.04 -6.05
N GLN A 59 5.93 -3.83 -6.77
CA GLN A 59 7.21 -3.35 -7.27
C GLN A 59 6.99 -2.26 -8.31
N ASP A 60 5.91 -2.39 -9.06
CA ASP A 60 5.60 -1.41 -10.11
C ASP A 60 5.03 -0.13 -9.51
N SER A 61 4.38 -0.24 -8.36
CA SER A 61 3.78 0.94 -7.73
C SER A 61 4.83 1.91 -7.21
N MET A 62 5.79 1.41 -6.43
CA MET A 62 6.85 2.27 -5.90
C MET A 62 7.76 2.76 -7.02
N LYS A 63 7.96 1.91 -8.03
CA LYS A 63 8.81 2.28 -9.15
C LYS A 63 8.18 3.45 -9.90
N TYR A 64 6.88 3.39 -10.06
CA TYR A 64 6.15 4.45 -10.74
C TYR A 64 6.31 5.75 -9.95
N LEU A 65 6.38 5.61 -8.63
CA LEU A 65 6.55 6.77 -7.76
C LEU A 65 7.98 7.29 -7.85
N ASP A 66 8.88 6.44 -8.32
CA ASP A 66 10.28 6.82 -8.45
C ASP A 66 10.44 7.92 -9.51
N GLN A 67 9.77 7.75 -10.64
CA GLN A 67 9.86 8.73 -11.73
C GLN A 67 9.52 10.12 -11.22
N LYS A 68 8.36 10.26 -10.58
CA LYS A 68 7.93 11.56 -10.06
C LYS A 68 8.59 11.85 -8.73
N SER A 69 8.29 13.02 -8.16
CA SER A 69 8.85 13.44 -6.87
C SER A 69 7.75 13.55 -5.82
N PRO A 70 7.41 12.46 -5.16
CA PRO A 70 6.34 12.46 -4.13
C PRO A 70 6.87 12.91 -2.77
N THR A 71 7.20 11.94 -1.91
CA THR A 71 7.72 12.25 -0.59
C THR A 71 8.98 13.10 -0.69
N PRO A 72 9.26 13.94 0.29
CA PRO A 72 10.47 14.81 0.27
C PRO A 72 11.75 14.01 0.53
N LYS A 73 11.74 13.24 1.62
CA LYS A 73 12.90 12.44 1.98
C LYS A 73 13.23 11.46 0.85
N PRO A 74 14.49 11.11 0.66
CA PRO A 74 14.91 10.17 -0.42
C PRO A 74 14.49 8.73 -0.10
N VAL B 1 -10.50 -16.19 0.24
CA VAL B 1 -10.08 -17.30 -0.66
C VAL B 1 -9.40 -16.72 -1.90
N GLU B 2 -8.94 -17.61 -2.77
CA GLU B 2 -8.26 -17.17 -3.99
C GLU B 2 -7.03 -16.34 -3.66
N THR B 3 -6.00 -16.45 -4.50
CA THR B 3 -4.76 -15.71 -4.29
C THR B 3 -5.04 -14.20 -4.33
N PHE B 4 -4.10 -13.42 -3.81
CA PHE B 4 -4.25 -11.97 -3.79
C PHE B 4 -4.16 -11.43 -5.22
N GLY B 5 -5.31 -11.31 -5.88
CA GLY B 5 -5.35 -10.80 -7.24
C GLY B 5 -6.65 -11.23 -7.93
N THR B 6 -7.19 -10.34 -8.76
CA THR B 6 -8.42 -10.64 -9.48
C THR B 6 -8.56 -9.77 -10.73
N THR B 7 -9.14 -8.59 -10.55
CA THR B 7 -9.31 -7.67 -11.66
C THR B 7 -9.63 -6.26 -11.16
N SER B 8 -8.59 -5.44 -11.04
CA SER B 8 -8.76 -4.07 -10.57
C SER B 8 -9.37 -4.05 -9.16
N TYS B 9 -8.73 -3.30 -8.27
CA TYS B 9 -9.22 -3.19 -6.90
CB TYS B 9 -8.07 -2.65 -6.02
CG TYS B 9 -8.43 -2.57 -4.53
CD1 TYS B 9 -7.98 -1.46 -3.80
CD2 TYS B 9 -9.18 -3.57 -3.88
CE1 TYS B 9 -8.28 -1.33 -2.44
CE2 TYS B 9 -9.47 -3.43 -2.52
CZ TYS B 9 -9.02 -2.32 -1.80
OH TYS B 9 -9.31 -2.20 -0.46
S TYS B 9 -8.47 -2.95 0.58
O1 TYS B 9 -7.09 -3.14 0.06
O2 TYS B 9 -8.43 -2.17 1.85
O3 TYS B 9 -9.09 -4.29 0.84
C TYS B 9 -10.44 -2.27 -6.88
O TYS B 9 -11.03 -2.00 -7.93
H TYS B 9 -7.93 -2.81 -8.54
HA TYS B 9 -9.51 -4.17 -6.56
HB2 TYS B 9 -7.22 -3.32 -6.12
HB3 TYS B 9 -7.79 -1.68 -6.38
HD1 TYS B 9 -7.40 -0.69 -4.30
HD2 TYS B 9 -9.53 -4.43 -4.42
HE1 TYS B 9 -7.92 -0.47 -1.89
HE2 TYS B 9 -10.05 -4.20 -2.02
N TYS B 10 -10.86 -1.81 -5.70
CA TYS B 10 -12.04 -0.94 -5.60
CB TYS B 10 -11.78 0.40 -6.33
CG TYS B 10 -11.02 1.33 -5.41
CD1 TYS B 10 -9.74 0.96 -5.00
CD2 TYS B 10 -11.58 2.52 -4.97
CE1 TYS B 10 -9.01 1.78 -4.15
CE2 TYS B 10 -10.85 3.36 -4.12
CZ TYS B 10 -9.57 2.99 -3.70
OH TYS B 10 -8.86 3.82 -2.86
S TYS B 10 -7.32 3.85 -2.87
O1 TYS B 10 -6.86 5.25 -2.70
O2 TYS B 10 -6.79 3.01 -1.77
O3 TYS B 10 -6.83 3.32 -4.18
C TYS B 10 -13.25 -1.65 -6.21
O TYS B 10 -14.01 -2.30 -5.51
H TYS B 10 -10.38 -2.06 -4.89
HA TYS B 10 -12.24 -0.75 -4.56
HB2 TYS B 10 -11.22 0.23 -7.23
HB3 TYS B 10 -12.73 0.85 -6.58
HD1 TYS B 10 -9.31 0.04 -5.35
HD2 TYS B 10 -12.56 2.81 -5.29
HE1 TYS B 10 -8.02 1.49 -3.81
HE2 TYS B 10 -11.29 4.28 -3.78
N ASP B 11 -13.42 -1.49 -7.52
CA ASP B 11 -14.54 -2.11 -8.21
C ASP B 11 -15.87 -1.62 -7.61
N ASP B 12 -15.87 -0.39 -7.12
CA ASP B 12 -17.07 0.19 -6.54
C ASP B 12 -16.99 1.71 -6.55
N VAL B 13 -15.80 2.24 -6.31
CA VAL B 13 -15.57 3.69 -6.29
C VAL B 13 -16.31 4.35 -5.12
N GLY B 14 -17.49 3.84 -4.79
CA GLY B 14 -18.26 4.40 -3.69
C GLY B 14 -17.73 3.91 -2.36
N LEU B 15 -16.77 2.98 -2.41
CA LEU B 15 -16.18 2.43 -1.21
C LEU B 15 -15.82 3.55 -0.23
N LEU B 16 -15.30 4.65 -0.77
CA LEU B 16 -14.93 5.79 0.06
C LEU B 16 -16.03 6.11 1.08
N GLY A 1 13.41 0.88 8.15
CA GLY A 1 14.57 1.49 8.87
C GLY A 1 14.18 1.73 10.33
N PRO A 2 15.06 2.33 11.09
CA PRO A 2 14.82 2.62 12.53
C PRO A 2 13.44 3.22 12.78
N ALA A 3 12.61 2.51 13.54
CA ALA A 3 11.26 2.99 13.84
C ALA A 3 10.55 3.44 12.56
N SER A 4 9.32 3.91 12.70
CA SER A 4 8.55 4.37 11.56
C SER A 4 7.31 5.13 12.02
N VAL A 5 6.29 4.39 12.45
CA VAL A 5 5.05 5.00 12.91
C VAL A 5 4.13 3.94 13.53
N PRO A 6 4.45 3.49 14.72
CA PRO A 6 3.64 2.47 15.43
C PRO A 6 2.15 2.79 15.41
N THR A 7 1.45 2.28 14.41
CA THR A 7 0.01 2.52 14.28
C THR A 7 -0.60 1.60 13.23
N THR A 8 -0.14 1.74 11.99
CA THR A 8 -0.65 0.92 10.90
C THR A 8 -0.07 -0.49 10.99
N CYS A 9 -0.85 -1.47 10.52
CA CYS A 9 -0.41 -2.86 10.56
C CYS A 9 -1.41 -3.75 9.80
N CYS A 10 -2.64 -3.28 9.69
CA CYS A 10 -3.68 -4.03 8.98
C CYS A 10 -3.59 -5.51 9.30
N PHE A 11 -4.26 -6.33 8.48
CA PHE A 11 -4.24 -7.78 8.69
C PHE A 11 -2.94 -8.38 8.19
N ASN A 12 -2.70 -8.27 6.89
CA ASN A 12 -1.47 -8.82 6.30
C ASN A 12 -1.11 -8.06 5.03
N LEU A 13 -1.36 -8.69 3.87
CA LEU A 13 -1.04 -8.07 2.57
C LEU A 13 -2.31 -7.90 1.75
N ALA A 14 -2.28 -6.98 0.79
CA ALA A 14 -3.44 -6.74 -0.06
C ALA A 14 -3.76 -8.00 -0.85
N ASN A 15 -4.23 -7.83 -2.09
CA ASN A 15 -4.56 -8.97 -2.93
C ASN A 15 -5.18 -8.52 -4.25
N ARG A 16 -4.99 -7.25 -4.60
CA ARG A 16 -5.55 -6.71 -5.84
C ARG A 16 -4.64 -5.64 -6.43
N LYS A 17 -5.19 -4.45 -6.68
CA LYS A 17 -4.41 -3.36 -7.26
C LYS A 17 -5.01 -2.00 -6.94
N ILE A 18 -4.38 -1.29 -6.01
CA ILE A 18 -4.84 0.04 -5.62
C ILE A 18 -4.64 1.00 -6.80
N PRO A 19 -5.60 1.85 -7.13
CA PRO A 19 -5.45 2.81 -8.28
C PRO A 19 -4.26 3.75 -8.06
N LEU A 20 -3.53 4.03 -9.14
CA LEU A 20 -2.36 4.91 -9.05
C LEU A 20 -2.78 6.36 -8.81
N GLN A 21 -3.82 6.79 -9.50
CA GLN A 21 -4.31 8.16 -9.38
C GLN A 21 -4.45 8.59 -7.91
N ARG A 22 -4.95 7.68 -7.07
CA ARG A 22 -5.14 7.99 -5.65
C ARG A 22 -3.88 7.76 -4.82
N LEU A 23 -3.25 6.61 -5.02
CA LEU A 23 -2.03 6.27 -4.28
C LEU A 23 -1.12 7.50 -4.15
N GLU A 24 -0.52 7.68 -2.97
CA GLU A 24 0.35 8.84 -2.71
C GLU A 24 1.82 8.42 -2.67
N SER A 25 2.19 7.62 -1.67
CA SER A 25 3.57 7.16 -1.52
C SER A 25 3.61 5.76 -0.89
N TYR A 26 4.79 5.35 -0.42
CA TYR A 26 4.94 4.03 0.20
C TYR A 26 5.87 4.10 1.42
N ARG A 27 5.84 3.05 2.24
CA ARG A 27 6.69 3.00 3.44
C ARG A 27 6.68 1.60 4.06
N ARG A 28 7.83 1.18 4.58
CA ARG A 28 7.93 -0.15 5.21
C ARG A 28 7.36 -0.13 6.62
N ILE A 29 7.01 -1.32 7.13
CA ILE A 29 6.44 -1.46 8.47
C ILE A 29 7.53 -1.83 9.47
N THR A 30 7.97 -3.09 9.42
CA THR A 30 9.02 -3.58 10.32
C THR A 30 8.88 -2.97 11.71
N SER A 31 7.93 -3.50 12.48
CA SER A 31 7.71 -3.00 13.84
C SER A 31 6.89 -4.00 14.65
N GLY A 32 7.57 -4.76 15.50
CA GLY A 32 6.89 -5.75 16.34
C GLY A 32 5.89 -6.55 15.52
N LYS A 33 4.61 -6.20 15.64
CA LYS A 33 3.56 -6.90 14.90
C LYS A 33 3.80 -6.79 13.41
N CYS A 34 2.73 -6.88 12.63
CA CYS A 34 2.84 -6.79 11.18
C CYS A 34 3.75 -7.91 10.64
N PRO A 35 3.50 -8.41 9.45
CA PRO A 35 4.33 -9.50 8.87
C PRO A 35 5.69 -9.00 8.42
N GLN A 36 6.42 -9.84 7.69
CA GLN A 36 7.75 -9.49 7.21
C GLN A 36 7.74 -8.08 6.62
N LYS A 37 8.92 -7.56 6.30
CA LYS A 37 9.02 -6.22 5.72
C LYS A 37 8.05 -6.11 4.54
N ALA A 38 7.23 -5.06 4.56
CA ALA A 38 6.26 -4.84 3.50
C ALA A 38 6.00 -3.34 3.31
N VAL A 39 5.94 -2.91 2.06
CA VAL A 39 5.70 -1.49 1.77
C VAL A 39 4.21 -1.17 1.92
N ILE A 40 3.92 -0.03 2.54
CA ILE A 40 2.53 0.40 2.77
C ILE A 40 2.15 1.54 1.82
N PHE A 41 1.36 1.23 0.80
CA PHE A 41 0.93 2.26 -0.13
C PHE A 41 -0.21 3.06 0.49
N LYS A 42 0.01 4.36 0.66
CA LYS A 42 -1.00 5.23 1.26
C LYS A 42 -1.67 6.06 0.17
N THR A 43 -2.99 6.15 0.23
CA THR A 43 -3.76 6.90 -0.77
C THR A 43 -4.53 8.03 -0.08
N LYS A 44 -5.28 8.80 -0.87
CA LYS A 44 -6.06 9.91 -0.33
C LYS A 44 -7.38 9.42 0.27
N LEU A 45 -7.65 8.13 0.10
CA LEU A 45 -8.88 7.54 0.63
C LEU A 45 -9.06 7.94 2.10
N ALA A 46 -8.67 7.06 3.01
CA ALA A 46 -8.80 7.34 4.44
C ALA A 46 -8.10 6.28 5.27
N LYS A 47 -7.38 5.38 4.61
CA LYS A 47 -6.67 4.31 5.33
C LYS A 47 -5.43 3.86 4.54
N ASP A 48 -4.53 3.16 5.23
CA ASP A 48 -3.30 2.66 4.61
C ASP A 48 -3.48 1.23 4.12
N ILE A 49 -2.76 0.87 3.06
CA ILE A 49 -2.83 -0.49 2.49
C ILE A 49 -1.51 -1.22 2.67
N CYS A 50 -1.58 -2.53 2.93
CA CYS A 50 -0.37 -3.35 3.13
C CYS A 50 -0.03 -4.13 1.87
N ALA A 51 1.26 -4.42 1.67
CA ALA A 51 1.71 -5.18 0.50
C ALA A 51 3.20 -5.48 0.59
N ASP A 52 3.60 -6.68 0.16
CA ASP A 52 5.01 -7.10 0.21
C ASP A 52 5.68 -6.93 -1.17
N PRO A 53 6.96 -6.60 -1.19
CA PRO A 53 7.72 -6.41 -2.46
C PRO A 53 7.91 -7.75 -3.20
N LYS A 54 6.82 -8.27 -3.73
CA LYS A 54 6.85 -9.53 -4.46
C LYS A 54 5.79 -9.53 -5.54
N LYS A 55 4.58 -9.11 -5.19
CA LYS A 55 3.51 -9.05 -6.16
C LYS A 55 3.84 -7.99 -7.21
N LYS A 56 3.53 -8.28 -8.46
CA LYS A 56 3.86 -7.38 -9.57
C LYS A 56 3.51 -5.91 -9.29
N TRP A 57 2.25 -5.62 -8.95
CA TRP A 57 1.86 -4.24 -8.71
C TRP A 57 2.71 -3.57 -7.65
N VAL A 58 3.00 -4.28 -6.58
CA VAL A 58 3.79 -3.68 -5.51
C VAL A 58 5.08 -3.09 -6.06
N GLN A 59 5.85 -3.90 -6.77
CA GLN A 59 7.12 -3.44 -7.33
C GLN A 59 6.89 -2.33 -8.36
N ASP A 60 5.79 -2.41 -9.08
CA ASP A 60 5.47 -1.41 -10.11
C ASP A 60 5.04 -0.08 -9.50
N SER A 61 4.20 -0.15 -8.47
CA SER A 61 3.69 1.06 -7.83
C SER A 61 4.81 1.99 -7.34
N MET A 62 5.74 1.45 -6.57
CA MET A 62 6.84 2.28 -6.05
C MET A 62 7.71 2.77 -7.20
N LYS A 63 7.90 1.92 -8.21
CA LYS A 63 8.70 2.30 -9.37
C LYS A 63 8.06 3.50 -10.05
N TYR A 64 6.73 3.46 -10.15
CA TYR A 64 5.99 4.55 -10.77
C TYR A 64 6.19 5.82 -9.95
N LEU A 65 6.30 5.67 -8.64
CA LEU A 65 6.49 6.81 -7.75
C LEU A 65 7.93 7.31 -7.85
N ASP A 66 8.81 6.45 -8.36
CA ASP A 66 10.22 6.81 -8.51
C ASP A 66 10.40 7.83 -9.64
N GLN A 67 9.56 7.71 -10.66
CA GLN A 67 9.64 8.63 -11.80
C GLN A 67 9.32 10.05 -11.37
N LYS A 68 8.18 10.23 -10.73
CA LYS A 68 7.77 11.56 -10.27
C LYS A 68 8.52 11.95 -9.00
N SER A 69 8.77 10.96 -8.13
CA SER A 69 9.48 11.22 -6.89
C SER A 69 8.72 12.24 -6.04
N PRO A 70 7.76 11.81 -5.26
CA PRO A 70 6.96 12.72 -4.38
C PRO A 70 7.84 13.66 -3.56
N THR A 71 8.84 13.09 -2.89
CA THR A 71 9.75 13.89 -2.08
C THR A 71 8.97 14.87 -1.21
N PRO A 72 8.30 14.37 -0.20
CA PRO A 72 7.49 15.21 0.73
C PRO A 72 8.26 16.44 1.20
N LYS A 73 7.62 17.25 2.05
CA LYS A 73 8.25 18.45 2.58
C LYS A 73 8.82 19.29 1.43
N PRO A 74 7.97 19.87 0.63
CA PRO A 74 8.39 20.72 -0.52
C PRO A 74 9.50 21.71 -0.14
N VAL B 1 -3.86 -19.22 -12.77
CA VAL B 1 -3.93 -17.79 -12.37
C VAL B 1 -3.66 -17.67 -10.87
N GLU B 2 -2.93 -16.63 -10.49
CA GLU B 2 -2.60 -16.42 -9.08
C GLU B 2 -3.88 -16.12 -8.29
N THR B 3 -3.86 -15.05 -7.51
CA THR B 3 -5.01 -14.68 -6.70
C THR B 3 -4.85 -13.26 -6.16
N PHE B 4 -3.72 -13.01 -5.51
CA PHE B 4 -3.45 -11.68 -4.95
C PHE B 4 -3.07 -10.71 -6.06
N GLY B 5 -3.99 -10.50 -7.01
CA GLY B 5 -3.74 -9.59 -8.12
C GLY B 5 -4.63 -9.92 -9.31
N THR B 6 -5.47 -8.96 -9.70
CA THR B 6 -6.37 -9.16 -10.83
C THR B 6 -7.18 -7.89 -11.10
N THR B 7 -8.49 -7.98 -10.95
CA THR B 7 -9.35 -6.83 -11.18
C THR B 7 -8.78 -5.59 -10.49
N SER B 8 -9.38 -4.43 -10.76
CA SER B 8 -8.93 -3.18 -10.18
C SER B 8 -8.87 -3.30 -8.65
N TYS B 9 -9.79 -2.62 -7.98
CA TYS B 9 -9.84 -2.67 -6.51
CB TYS B 9 -8.57 -2.01 -5.94
CG TYS B 9 -8.64 -2.01 -4.42
CD1 TYS B 9 -8.58 -0.79 -3.73
CD2 TYS B 9 -8.74 -3.21 -3.71
CE1 TYS B 9 -8.65 -0.78 -2.33
CE2 TYS B 9 -8.79 -3.20 -2.32
CZ TYS B 9 -8.75 -1.98 -1.63
OH TYS B 9 -8.82 -1.97 -0.25
S TYS B 9 -10.06 -2.50 0.47
O1 TYS B 9 -9.79 -3.85 1.02
O2 TYS B 9 -10.42 -1.57 1.58
O3 TYS B 9 -11.19 -2.58 -0.49
C TYS B 9 -11.08 -1.95 -5.99
O TYS B 9 -11.88 -2.55 -5.26
H TYS B 9 -10.45 -2.08 -8.46
HA TYS B 9 -9.87 -3.69 -6.21
HB2 TYS B 9 -7.70 -2.59 -6.26
HB3 TYS B 9 -8.49 -1.01 -6.30
HD1 TYS B 9 -8.50 0.14 -4.28
HD2 TYS B 9 -8.77 -4.15 -4.24
HE1 TYS B 9 -8.61 0.16 -1.80
HE2 TYS B 9 -8.88 -4.12 -1.77
N TYS B 10 -11.25 -0.68 -6.36
CA TYS B 10 -12.41 0.09 -5.92
CB TYS B 10 -12.02 1.57 -5.73
CG TYS B 10 -11.43 1.77 -4.35
CD1 TYS B 10 -10.09 2.15 -4.19
CD2 TYS B 10 -12.23 1.56 -3.22
CE1 TYS B 10 -9.55 2.31 -2.91
CE2 TYS B 10 -11.69 1.74 -1.93
CZ TYS B 10 -10.35 2.11 -1.78
OH TYS B 10 -9.83 2.28 -0.52
S TYS B 10 -9.97 1.14 0.51
O1 TYS B 10 -10.62 1.68 1.74
O2 TYS B 10 -10.81 0.05 -0.06
O3 TYS B 10 -8.63 0.60 0.85
C TYS B 10 -13.54 -0.03 -6.95
O TYS B 10 -14.60 -0.57 -6.65
H TYS B 10 -10.58 -0.26 -6.94
HA TYS B 10 -12.77 -0.30 -4.98
HB2 TYS B 10 -11.29 1.85 -6.48
HB3 TYS B 10 -12.89 2.20 -5.84
HD1 TYS B 10 -9.47 2.31 -5.07
HD2 TYS B 10 -13.26 1.28 -3.33
HE1 TYS B 10 -8.52 2.61 -2.80
HE2 TYS B 10 -12.31 1.58 -1.07
N ASP B 11 -13.30 0.51 -8.14
CA ASP B 11 -14.29 0.46 -9.22
C ASP B 11 -15.46 1.38 -8.89
N ASP B 12 -15.87 1.41 -7.62
CA ASP B 12 -16.97 2.27 -7.19
C ASP B 12 -16.53 3.73 -7.16
N VAL B 13 -15.28 3.95 -6.76
CA VAL B 13 -14.74 5.29 -6.69
C VAL B 13 -15.52 6.15 -5.70
N GLY B 14 -16.75 6.50 -6.06
CA GLY B 14 -17.59 7.31 -5.21
C GLY B 14 -17.58 6.81 -3.76
N LEU B 15 -17.03 5.62 -3.56
CA LEU B 15 -16.98 5.03 -2.22
C LEU B 15 -16.52 6.08 -1.20
N LEU B 16 -15.35 6.67 -1.45
CA LEU B 16 -14.81 7.68 -0.55
C LEU B 16 -15.90 8.68 -0.15
#